data_1MUZ
#
_entry.id   1MUZ
#
_entity_poly.entity_id   1
_entity_poly.type   'polypeptide(L)'
_entity_poly.pdbx_seq_one_letter_code
;GRLDLPPGFMFKVQAQHDYTATDTDELQLKAGDVVLVIPFQNPEEQDEGWLMGVKESDWNQHKKLEKCRGVFPENFTERV
P
;
_entity_poly.pdbx_strand_id   A
#
# COMPACT_ATOMS: atom_id res chain seq x y z
N GLY A 1 3.46 2.28 11.73
CA GLY A 1 3.66 1.80 10.37
C GLY A 1 3.63 0.28 10.32
N ARG A 2 4.60 -0.28 9.61
CA ARG A 2 4.70 -1.73 9.47
C ARG A 2 4.82 -2.38 10.84
N LEU A 3 4.54 -3.67 10.88
CA LEU A 3 4.61 -4.43 12.12
C LEU A 3 5.91 -5.25 12.13
N ASP A 4 6.36 -5.60 10.94
CA ASP A 4 7.57 -6.38 10.80
C ASP A 4 8.63 -5.55 10.07
N LEU A 5 9.89 -5.89 10.31
CA LEU A 5 11.00 -5.18 9.70
C LEU A 5 11.48 -5.96 8.48
N PRO A 6 12.18 -5.24 7.57
CA PRO A 6 12.70 -5.85 6.36
C PRO A 6 13.92 -6.72 6.66
N PRO A 7 13.92 -7.94 6.06
CA PRO A 7 15.03 -8.87 6.26
C PRO A 7 16.26 -8.44 5.47
N GLY A 8 17.41 -8.62 6.09
CA GLY A 8 18.67 -8.25 5.46
C GLY A 8 19.02 -6.78 5.73
N PHE A 9 18.00 -6.03 6.12
CA PHE A 9 18.19 -4.62 6.41
C PHE A 9 19.53 -4.37 7.10
N MET A 10 20.05 -3.18 6.89
CA MET A 10 21.33 -2.80 7.47
C MET A 10 21.14 -1.74 8.56
N PHE A 11 20.84 -0.53 8.12
CA PHE A 11 20.63 0.58 9.04
C PHE A 11 19.91 1.73 8.35
N LYS A 12 19.65 2.77 9.13
CA LYS A 12 18.97 3.94 8.62
C LYS A 12 20.00 4.99 8.18
N VAL A 13 19.68 5.68 7.11
CA VAL A 13 20.56 6.70 6.58
C VAL A 13 19.81 8.03 6.47
N GLN A 14 20.57 9.09 6.28
CA GLN A 14 19.98 10.42 6.17
C GLN A 14 20.58 11.16 4.97
N ALA A 15 19.72 11.50 4.03
CA ALA A 15 20.15 12.22 2.83
C ALA A 15 20.64 13.61 3.22
N GLN A 16 21.49 14.15 2.37
CA GLN A 16 22.04 15.48 2.61
C GLN A 16 21.81 16.38 1.40
N HIS A 17 21.14 15.82 0.40
CA HIS A 17 20.84 16.56 -0.80
C HIS A 17 19.51 16.08 -1.40
N ASP A 18 19.03 16.83 -2.37
CA ASP A 18 17.77 16.48 -3.02
C ASP A 18 18.07 15.93 -4.42
N TYR A 19 17.97 14.62 -4.53
CA TYR A 19 18.22 13.95 -5.80
C TYR A 19 16.93 13.38 -6.38
N THR A 20 16.40 14.07 -7.38
CA THR A 20 15.17 13.64 -8.03
C THR A 20 15.45 12.45 -8.96
N ALA A 21 14.91 11.31 -8.58
CA ALA A 21 15.08 10.10 -9.37
C ALA A 21 13.73 9.67 -9.96
N THR A 22 13.68 9.67 -11.28
CA THR A 22 12.46 9.28 -11.98
C THR A 22 12.70 8.02 -12.81
N ASP A 23 12.36 6.89 -12.23
CA ASP A 23 12.54 5.61 -12.90
C ASP A 23 11.34 4.70 -12.59
N THR A 24 11.43 3.48 -13.08
CA THR A 24 10.36 2.51 -12.87
C THR A 24 10.51 1.86 -11.48
N ASP A 25 11.58 2.24 -10.80
CA ASP A 25 11.85 1.70 -9.48
C ASP A 25 13.02 2.45 -8.86
N GLU A 26 12.98 3.77 -8.98
CA GLU A 26 14.02 4.61 -8.44
C GLU A 26 13.66 5.07 -7.02
N LEU A 27 14.63 5.67 -6.37
CA LEU A 27 14.43 6.16 -5.01
C LEU A 27 14.70 7.67 -4.97
N GLN A 28 13.64 8.42 -4.71
CA GLN A 28 13.74 9.86 -4.64
C GLN A 28 14.17 10.29 -3.24
N LEU A 29 15.25 11.06 -3.19
CA LEU A 29 15.77 11.54 -1.93
C LEU A 29 15.67 13.07 -1.89
N LYS A 30 15.42 13.59 -0.70
CA LYS A 30 15.29 15.02 -0.52
C LYS A 30 16.24 15.48 0.59
N ALA A 31 17.00 16.52 0.29
CA ALA A 31 17.95 17.05 1.26
C ALA A 31 17.34 16.99 2.65
N GLY A 32 17.71 15.95 3.39
CA GLY A 32 17.21 15.76 4.73
C GLY A 32 16.10 14.70 4.76
N ASP A 33 16.38 13.58 4.12
CA ASP A 33 15.42 12.50 4.06
C ASP A 33 15.94 11.32 4.87
N VAL A 34 15.06 10.37 5.14
CA VAL A 34 15.41 9.19 5.89
C VAL A 34 15.19 7.94 5.03
N VAL A 35 16.27 7.17 4.87
CA VAL A 35 16.20 5.96 4.08
C VAL A 35 16.92 4.84 4.83
N LEU A 36 16.42 3.63 4.64
CA LEU A 36 17.00 2.46 5.28
C LEU A 36 17.77 1.65 4.25
N VAL A 37 18.98 1.27 4.63
CA VAL A 37 19.84 0.49 3.75
C VAL A 37 19.46 -0.99 3.85
N ILE A 38 19.04 -1.53 2.73
CA ILE A 38 18.63 -2.93 2.68
C ILE A 38 19.36 -3.62 1.52
N PRO A 39 19.56 -4.95 1.68
CA PRO A 39 20.24 -5.74 0.66
C PRO A 39 19.32 -6.00 -0.53
N PHE A 40 19.74 -5.46 -1.68
CA PHE A 40 18.97 -5.62 -2.90
C PHE A 40 18.80 -7.10 -3.26
N GLN A 41 18.24 -7.33 -4.43
CA GLN A 41 18.03 -8.68 -4.91
C GLN A 41 19.32 -9.27 -5.49
N ASN A 42 20.18 -8.37 -5.94
CA ASN A 42 21.45 -8.77 -6.52
C ASN A 42 22.33 -7.54 -6.73
N PRO A 43 23.66 -7.75 -6.60
CA PRO A 43 24.61 -6.66 -6.77
C PRO A 43 24.78 -6.31 -8.25
N GLU A 44 24.34 -7.23 -9.10
CA GLU A 44 24.43 -7.02 -10.54
C GLU A 44 23.41 -5.98 -10.99
N GLU A 45 22.46 -5.70 -10.11
CA GLU A 45 21.43 -4.73 -10.41
C GLU A 45 21.76 -3.38 -9.77
N GLN A 46 22.80 -3.40 -8.94
CA GLN A 46 23.23 -2.20 -8.26
C GLN A 46 24.28 -1.46 -9.09
N ASP A 47 24.32 -0.14 -8.90
CA ASP A 47 25.26 0.69 -9.63
C ASP A 47 26.42 1.08 -8.71
N GLU A 48 27.42 1.72 -9.29
CA GLU A 48 28.58 2.15 -8.53
C GLU A 48 28.30 3.50 -7.85
N GLY A 49 28.19 3.45 -6.54
CA GLY A 49 27.93 4.65 -5.76
C GLY A 49 26.45 4.76 -5.40
N TRP A 50 25.70 3.74 -5.80
CA TRP A 50 24.27 3.70 -5.52
C TRP A 50 23.93 2.31 -5.00
N LEU A 51 23.10 2.29 -3.96
CA LEU A 51 22.68 1.03 -3.36
C LEU A 51 21.15 1.01 -3.25
N MET A 52 20.64 -0.15 -2.88
CA MET A 52 19.20 -0.33 -2.72
C MET A 52 18.75 0.04 -1.31
N GLY A 53 17.93 1.07 -1.23
CA GLY A 53 17.42 1.52 0.06
C GLY A 53 15.96 1.96 -0.05
N VAL A 54 15.31 2.06 1.10
CA VAL A 54 13.92 2.47 1.14
C VAL A 54 13.76 3.64 2.12
N LYS A 55 12.85 4.53 1.78
CA LYS A 55 12.60 5.69 2.62
C LYS A 55 11.90 5.25 3.90
N GLU A 56 11.89 6.14 4.88
CA GLU A 56 11.26 5.85 6.16
C GLU A 56 9.76 5.63 5.97
N SER A 57 9.17 6.47 5.13
CA SER A 57 7.74 6.38 4.86
C SER A 57 7.43 5.06 4.17
N ASP A 58 8.29 4.72 3.21
CA ASP A 58 8.10 3.48 2.47
C ASP A 58 8.14 2.29 3.44
N TRP A 59 8.96 2.44 4.47
CA TRP A 59 9.09 1.40 5.47
C TRP A 59 7.69 1.04 5.99
N ASN A 60 6.91 2.09 6.23
CA ASN A 60 5.56 1.91 6.72
C ASN A 60 4.80 0.96 5.79
N GLN A 61 5.22 0.95 4.54
CA GLN A 61 4.61 0.09 3.55
C GLN A 61 5.42 -1.19 3.36
N HIS A 62 6.26 -1.47 4.35
CA HIS A 62 7.09 -2.66 4.32
C HIS A 62 6.25 -3.86 3.88
N LYS A 63 4.94 -3.74 4.10
CA LYS A 63 4.03 -4.80 3.73
C LYS A 63 4.17 -5.09 2.23
N LYS A 64 4.51 -4.05 1.48
CA LYS A 64 4.68 -4.19 0.04
C LYS A 64 6.00 -3.54 -0.37
N LEU A 65 7.00 -3.73 0.46
CA LEU A 65 8.32 -3.16 0.19
C LEU A 65 8.78 -3.61 -1.19
N GLU A 66 8.33 -4.80 -1.59
CA GLU A 66 8.68 -5.34 -2.89
C GLU A 66 8.33 -4.35 -4.00
N LYS A 67 7.46 -3.42 -3.65
CA LYS A 67 7.03 -2.41 -4.61
C LYS A 67 7.50 -1.03 -4.12
N CYS A 68 8.30 -1.04 -3.08
CA CYS A 68 8.83 0.20 -2.53
C CYS A 68 10.34 0.23 -2.75
N ARG A 69 10.88 -0.93 -3.12
CA ARG A 69 12.30 -1.04 -3.38
C ARG A 69 12.74 0.02 -4.37
N GLY A 70 13.89 0.62 -4.08
CA GLY A 70 14.44 1.67 -4.94
C GLY A 70 15.96 1.73 -4.81
N VAL A 71 16.54 2.67 -5.55
CA VAL A 71 17.99 2.85 -5.53
C VAL A 71 18.30 4.31 -5.24
N PHE A 72 19.45 4.52 -4.63
CA PHE A 72 19.89 5.86 -4.29
C PHE A 72 21.40 5.91 -4.05
N PRO A 73 22.00 7.09 -4.38
CA PRO A 73 23.43 7.28 -4.22
C PRO A 73 23.79 7.46 -2.74
N GLU A 74 24.59 6.53 -2.24
CA GLU A 74 25.01 6.59 -0.85
C GLU A 74 25.94 7.79 -0.62
N ASN A 75 26.76 8.07 -1.63
CA ASN A 75 27.69 9.17 -1.56
C ASN A 75 26.90 10.48 -1.46
N PHE A 76 25.62 10.39 -1.74
CA PHE A 76 24.75 11.55 -1.69
C PHE A 76 23.92 11.57 -0.39
N THR A 77 24.18 10.57 0.44
CA THR A 77 23.47 10.47 1.71
C THR A 77 24.47 10.28 2.86
N GLU A 78 23.91 10.16 4.06
CA GLU A 78 24.74 9.97 5.24
C GLU A 78 24.19 8.83 6.09
N ARG A 79 25.10 8.19 6.83
CA ARG A 79 24.72 7.08 7.68
C ARG A 79 24.22 7.60 9.04
N VAL A 80 23.12 7.02 9.49
CA VAL A 80 22.54 7.42 10.76
C VAL A 80 22.82 6.33 11.80
N PRO A 81 23.59 6.72 12.85
CA PRO A 81 23.93 5.79 13.92
C PRO A 81 22.74 5.54 14.84
N GLY A 1 3.46 2.28 11.73
CA GLY A 1 3.66 1.80 10.37
C GLY A 1 3.50 0.28 10.30
N ARG A 2 3.53 -0.22 9.07
CA ARG A 2 3.40 -1.65 8.85
C ARG A 2 4.77 -2.32 8.80
N LEU A 3 4.76 -3.61 8.54
CA LEU A 3 6.00 -4.37 8.46
C LEU A 3 6.09 -5.05 7.09
N ASP A 4 4.95 -5.57 6.64
CA ASP A 4 4.89 -6.24 5.36
C ASP A 4 4.10 -5.39 4.38
N LEU A 5 4.41 -5.59 3.10
CA LEU A 5 3.73 -4.84 2.04
C LEU A 5 2.48 -5.59 1.62
N PRO A 6 1.55 -4.84 0.96
CA PRO A 6 0.30 -5.43 0.50
C PRO A 6 0.53 -6.29 -0.74
N PRO A 7 -0.10 -7.49 -0.73
CA PRO A 7 0.03 -8.41 -1.84
C PRO A 7 -0.81 -7.96 -3.03
N GLY A 8 -0.26 -8.16 -4.22
CA GLY A 8 -0.94 -7.78 -5.44
C GLY A 8 -0.61 -6.33 -5.82
N PHE A 9 -0.20 -5.57 -4.81
CA PHE A 9 0.16 -4.17 -5.04
C PHE A 9 0.84 -3.97 -6.39
N MET A 10 0.64 -2.80 -6.96
CA MET A 10 1.24 -2.48 -8.24
C MET A 10 2.34 -1.43 -8.09
N PHE A 11 1.93 -0.22 -7.77
CA PHE A 11 2.87 0.87 -7.59
C PHE A 11 2.25 2.01 -6.78
N LYS A 12 3.05 3.06 -6.58
CA LYS A 12 2.58 4.21 -5.83
C LYS A 12 2.17 5.31 -6.82
N VAL A 13 1.17 6.08 -6.40
CA VAL A 13 0.67 7.16 -7.23
C VAL A 13 0.67 8.46 -6.41
N GLN A 14 0.49 9.57 -7.12
CA GLN A 14 0.45 10.87 -6.47
C GLN A 14 -0.74 11.68 -6.98
N ALA A 15 -1.63 12.02 -6.05
CA ALA A 15 -2.80 12.80 -6.39
C ALA A 15 -2.38 14.20 -6.81
N GLN A 16 -3.19 14.77 -7.70
CA GLN A 16 -2.92 16.12 -8.20
C GLN A 16 -4.08 17.05 -7.88
N HIS A 17 -5.10 16.49 -7.24
CA HIS A 17 -6.27 17.25 -6.87
C HIS A 17 -6.84 16.72 -5.55
N ASP A 18 -7.78 17.48 -5.00
CA ASP A 18 -8.41 17.10 -3.74
C ASP A 18 -9.84 16.63 -4.02
N TYR A 19 -9.99 15.32 -4.09
CA TYR A 19 -11.30 14.72 -4.34
C TYR A 19 -11.87 14.10 -3.07
N THR A 20 -12.82 14.80 -2.48
CA THR A 20 -13.46 14.32 -1.27
C THR A 20 -14.45 13.20 -1.59
N ALA A 21 -14.11 12.00 -1.12
CA ALA A 21 -14.95 10.84 -1.35
C ALA A 21 -15.54 10.37 -0.01
N THR A 22 -16.86 10.42 0.07
CA THR A 22 -17.55 10.00 1.27
C THR A 22 -18.47 8.81 0.98
N ASP A 23 -17.93 7.62 1.23
CA ASP A 23 -18.69 6.40 0.99
C ASP A 23 -18.40 5.39 2.11
N THR A 24 -18.95 4.21 1.95
CA THR A 24 -18.76 3.15 2.95
C THR A 24 -17.46 2.41 2.67
N ASP A 25 -16.77 2.84 1.62
CA ASP A 25 -15.51 2.21 1.24
C ASP A 25 -14.86 3.03 0.13
N GLU A 26 -14.84 4.34 0.33
CA GLU A 26 -14.25 5.24 -0.64
C GLU A 26 -12.81 5.60 -0.23
N LEU A 27 -12.12 6.25 -1.14
CA LEU A 27 -10.75 6.66 -0.90
C LEU A 27 -10.61 8.17 -1.14
N GLN A 28 -10.35 8.88 -0.05
CA GLN A 28 -10.19 10.32 -0.13
C GLN A 28 -8.78 10.69 -0.59
N LEU A 29 -8.72 11.67 -1.48
CA LEU A 29 -7.43 12.11 -2.01
C LEU A 29 -7.34 13.63 -1.88
N LYS A 30 -6.15 14.09 -1.54
CA LYS A 30 -5.91 15.52 -1.39
C LYS A 30 -4.82 15.97 -2.38
N ALA A 31 -5.11 17.07 -3.05
CA ALA A 31 -4.17 17.60 -4.03
C ALA A 31 -2.74 17.46 -3.48
N GLY A 32 -2.05 16.44 -3.96
CA GLY A 32 -0.68 16.19 -3.54
C GLY A 32 -0.64 15.12 -2.44
N ASP A 33 -1.34 14.02 -2.70
CA ASP A 33 -1.39 12.92 -1.76
C ASP A 33 -0.67 11.71 -2.35
N VAL A 34 -0.47 10.71 -1.50
CA VAL A 34 0.21 9.49 -1.92
C VAL A 34 -0.75 8.31 -1.78
N VAL A 35 -0.88 7.56 -2.86
CA VAL A 35 -1.75 6.39 -2.86
C VAL A 35 -1.05 5.24 -3.58
N LEU A 36 -1.33 4.03 -3.10
CA LEU A 36 -0.73 2.84 -3.69
C LEU A 36 -1.79 2.08 -4.49
N VAL A 37 -1.42 1.68 -5.69
CA VAL A 37 -2.33 0.94 -6.55
C VAL A 37 -2.29 -0.55 -6.18
N ILE A 38 -3.45 -1.06 -5.81
CA ILE A 38 -3.55 -2.47 -5.43
C ILE A 38 -4.71 -3.11 -6.21
N PRO A 39 -4.57 -4.44 -6.42
CA PRO A 39 -5.59 -5.19 -7.14
C PRO A 39 -6.83 -5.41 -6.26
N PHE A 40 -7.94 -4.85 -6.72
CA PHE A 40 -9.20 -4.97 -5.99
C PHE A 40 -9.62 -6.44 -5.88
N GLN A 41 -10.81 -6.65 -5.33
CA GLN A 41 -11.34 -7.99 -5.17
C GLN A 41 -11.94 -8.49 -6.47
N ASN A 42 -12.44 -7.54 -7.26
CA ASN A 42 -13.04 -7.87 -8.55
C ASN A 42 -13.13 -6.61 -9.40
N PRO A 43 -13.01 -6.81 -10.74
CA PRO A 43 -13.08 -5.70 -11.68
C PRO A 43 -14.52 -5.22 -11.84
N GLU A 44 -15.45 -6.05 -11.41
CA GLU A 44 -16.86 -5.72 -11.51
C GLU A 44 -17.22 -4.62 -10.50
N GLU A 45 -16.38 -4.50 -9.48
CA GLU A 45 -16.60 -3.51 -8.45
C GLU A 45 -15.90 -2.20 -8.81
N GLN A 46 -14.98 -2.31 -9.77
CA GLN A 46 -14.24 -1.15 -10.23
C GLN A 46 -15.12 -0.26 -11.10
N ASP A 47 -14.82 1.02 -11.08
CA ASP A 47 -15.57 1.99 -11.86
C ASP A 47 -14.75 2.40 -13.09
N GLU A 48 -15.41 3.10 -14.00
CA GLU A 48 -14.76 3.56 -15.21
C GLU A 48 -13.97 4.83 -14.93
N GLY A 49 -12.65 4.67 -14.84
CA GLY A 49 -11.78 5.80 -14.58
C GLY A 49 -11.34 5.82 -13.11
N TRP A 50 -11.81 4.83 -12.37
CA TRP A 50 -11.48 4.73 -10.95
C TRP A 50 -11.02 3.29 -10.68
N LEU A 51 -10.03 3.20 -9.79
CA LEU A 51 -9.49 1.89 -9.44
C LEU A 51 -9.35 1.80 -7.92
N MET A 52 -9.02 0.61 -7.45
CA MET A 52 -8.85 0.38 -6.02
C MET A 52 -7.41 0.67 -5.59
N GLY A 53 -7.27 1.64 -4.71
CA GLY A 53 -5.96 2.01 -4.20
C GLY A 53 -6.00 2.27 -2.70
N VAL A 54 -4.82 2.48 -2.13
CA VAL A 54 -4.71 2.73 -0.71
C VAL A 54 -3.78 3.92 -0.47
N LYS A 55 -4.11 4.70 0.55
CA LYS A 55 -3.32 5.87 0.88
C LYS A 55 -2.06 5.43 1.63
N GLU A 56 -1.07 6.30 1.61
CA GLU A 56 0.19 6.01 2.28
C GLU A 56 -0.04 5.74 3.76
N SER A 57 -0.95 6.52 4.34
CA SER A 57 -1.28 6.38 5.75
C SER A 57 -1.92 5.01 5.99
N ASP A 58 -2.71 4.58 5.02
CA ASP A 58 -3.39 3.30 5.13
C ASP A 58 -2.35 2.17 5.13
N TRP A 59 -1.28 2.40 4.40
CA TRP A 59 -0.21 1.43 4.31
C TRP A 59 0.20 1.05 5.73
N ASN A 60 0.40 2.07 6.55
CA ASN A 60 0.79 1.86 7.93
C ASN A 60 -0.23 0.96 8.62
N GLN A 61 -1.45 1.00 8.09
CA GLN A 61 -2.53 0.20 8.65
C GLN A 61 -2.65 -1.13 7.89
N HIS A 62 -1.60 -1.46 7.18
CA HIS A 62 -1.57 -2.69 6.40
C HIS A 62 -2.10 -3.84 7.26
N LYS A 63 -2.00 -3.65 8.57
CA LYS A 63 -2.46 -4.66 9.50
C LYS A 63 -3.95 -4.94 9.27
N LYS A 64 -4.64 -3.91 8.81
CA LYS A 64 -6.07 -4.02 8.53
C LYS A 64 -6.43 -3.08 7.39
N LEU A 65 -5.69 -3.21 6.29
CA LEU A 65 -5.93 -2.38 5.13
C LEU A 65 -7.27 -2.77 4.49
N GLU A 66 -7.61 -4.04 4.64
CA GLU A 66 -8.84 -4.56 4.10
C GLU A 66 -10.03 -3.74 4.60
N LYS A 67 -9.78 -3.00 5.68
CA LYS A 67 -10.81 -2.17 6.27
C LYS A 67 -10.50 -0.70 6.00
N CYS A 68 -9.50 -0.49 5.16
CA CYS A 68 -9.10 0.86 4.80
C CYS A 68 -9.12 0.98 3.28
N ARG A 69 -9.59 -0.08 2.64
CA ARG A 69 -9.67 -0.11 1.19
C ARG A 69 -10.63 0.98 0.70
N GLY A 70 -10.36 1.46 -0.51
CA GLY A 70 -11.18 2.50 -1.10
C GLY A 70 -10.93 2.61 -2.61
N VAL A 71 -11.67 3.50 -3.24
CA VAL A 71 -11.53 3.71 -4.67
C VAL A 71 -11.13 5.16 -4.93
N PHE A 72 -10.46 5.36 -6.06
CA PHE A 72 -10.00 6.69 -6.44
C PHE A 72 -9.83 6.80 -7.96
N PRO A 73 -10.15 8.01 -8.48
CA PRO A 73 -10.03 8.25 -9.92
C PRO A 73 -8.57 8.42 -10.32
N GLU A 74 -8.13 7.54 -11.20
CA GLU A 74 -6.76 7.58 -11.68
C GLU A 74 -6.53 8.83 -12.52
N ASN A 75 -7.55 9.20 -13.28
CA ASN A 75 -7.47 10.37 -14.13
C ASN A 75 -7.33 11.63 -13.26
N PHE A 76 -7.55 11.43 -11.97
CA PHE A 76 -7.44 12.53 -11.02
C PHE A 76 -6.14 12.44 -10.22
N THR A 77 -5.35 11.43 -10.55
CA THR A 77 -4.08 11.22 -9.87
C THR A 77 -2.96 11.00 -10.89
N GLU A 78 -1.75 10.85 -10.36
CA GLU A 78 -0.59 10.64 -11.21
C GLU A 78 0.19 9.41 -10.74
N ARG A 79 0.81 8.74 -11.69
CA ARG A 79 1.59 7.55 -11.40
C ARG A 79 3.00 7.95 -10.93
N VAL A 80 3.43 7.29 -9.86
CA VAL A 80 4.74 7.57 -9.30
C VAL A 80 5.66 6.38 -9.57
N PRO A 81 6.72 6.65 -10.38
CA PRO A 81 7.68 5.60 -10.73
C PRO A 81 8.62 5.31 -9.55
N GLY A 1 3.46 2.28 11.73
CA GLY A 1 3.66 1.80 10.37
C GLY A 1 3.05 2.77 9.35
N ARG A 2 2.38 2.20 8.36
CA ARG A 2 1.75 3.00 7.32
C ARG A 2 0.77 4.00 7.94
N LEU A 3 0.25 4.87 7.10
CA LEU A 3 -0.69 5.88 7.55
C LEU A 3 -2.08 5.58 6.96
N ASP A 4 -2.06 5.04 5.74
CA ASP A 4 -3.30 4.70 5.06
C ASP A 4 -3.38 3.19 4.88
N LEU A 5 -4.61 2.69 4.87
CA LEU A 5 -4.83 1.26 4.70
C LEU A 5 -4.86 0.93 3.22
N PRO A 6 -4.63 -0.37 2.92
CA PRO A 6 -4.64 -0.85 1.54
C PRO A 6 -6.06 -0.94 1.00
N PRO A 7 -6.24 -0.42 -0.25
CA PRO A 7 -7.55 -0.45 -0.90
C PRO A 7 -7.88 -1.86 -1.38
N GLY A 8 -9.15 -2.21 -1.25
CA GLY A 8 -9.62 -3.52 -1.67
C GLY A 8 -9.48 -4.54 -0.54
N PHE A 9 -8.58 -4.24 0.39
CA PHE A 9 -8.34 -5.12 1.52
C PHE A 9 -9.65 -5.76 1.99
N MET A 10 -9.51 -6.94 2.58
CA MET A 10 -10.67 -7.66 3.09
C MET A 10 -10.61 -7.79 4.61
N PHE A 11 -9.65 -8.58 5.08
CA PHE A 11 -9.48 -8.79 6.50
C PHE A 11 -8.11 -9.38 6.82
N LYS A 12 -7.79 -9.43 8.10
CA LYS A 12 -6.52 -9.96 8.54
C LYS A 12 -6.66 -11.46 8.79
N VAL A 13 -5.59 -12.19 8.50
CA VAL A 13 -5.58 -13.63 8.69
C VAL A 13 -4.39 -14.02 9.58
N GLN A 14 -4.44 -15.24 10.08
CA GLN A 14 -3.38 -15.74 10.93
C GLN A 14 -2.94 -17.14 10.47
N ALA A 15 -1.67 -17.22 10.10
CA ALA A 15 -1.11 -18.46 9.63
C ALA A 15 -1.05 -19.47 10.79
N GLN A 16 -1.17 -20.74 10.44
CA GLN A 16 -1.13 -21.79 11.44
C GLN A 16 0.03 -22.75 11.16
N HIS A 17 0.74 -22.48 10.08
CA HIS A 17 1.87 -23.30 9.70
C HIS A 17 2.96 -22.42 9.06
N ASP A 18 4.12 -23.03 8.88
CA ASP A 18 5.24 -22.31 8.29
C ASP A 18 5.38 -22.71 6.82
N TYR A 19 5.04 -21.78 5.95
CA TYR A 19 5.12 -22.01 4.52
C TYR A 19 6.15 -21.09 3.87
N THR A 20 7.31 -21.68 3.57
CA THR A 20 8.39 -20.93 2.95
C THR A 20 8.14 -20.79 1.46
N ALA A 21 7.92 -19.56 1.03
CA ALA A 21 7.68 -19.27 -0.37
C ALA A 21 8.83 -18.44 -0.93
N THR A 22 9.51 -19.02 -1.91
CA THR A 22 10.64 -18.34 -2.53
C THR A 22 10.36 -18.12 -4.02
N ASP A 23 9.83 -16.94 -4.32
CA ASP A 23 9.52 -16.59 -5.70
C ASP A 23 9.83 -15.11 -5.93
N THR A 24 9.48 -14.64 -7.11
CA THR A 24 9.70 -13.25 -7.47
C THR A 24 8.48 -12.41 -7.13
N ASP A 25 7.52 -13.06 -6.50
CA ASP A 25 6.29 -12.38 -6.10
C ASP A 25 5.43 -13.33 -5.27
N GLU A 26 6.02 -13.82 -4.19
CA GLU A 26 5.32 -14.74 -3.30
C GLU A 26 5.23 -14.15 -1.89
N LEU A 27 4.47 -14.83 -1.05
CA LEU A 27 4.29 -14.39 0.32
C LEU A 27 4.72 -15.51 1.28
N GLN A 28 5.68 -15.17 2.14
CA GLN A 28 6.18 -16.13 3.10
C GLN A 28 5.35 -16.09 4.38
N LEU A 29 4.95 -17.27 4.83
CA LEU A 29 4.15 -17.38 6.03
C LEU A 29 4.90 -18.24 7.06
N LYS A 30 4.70 -17.92 8.33
CA LYS A 30 5.34 -18.65 9.40
C LYS A 30 4.30 -19.06 10.44
N ALA A 31 4.34 -20.33 10.80
CA ALA A 31 3.39 -20.86 11.79
C ALA A 31 3.14 -19.79 12.86
N GLY A 32 2.04 -19.07 12.68
CA GLY A 32 1.67 -18.03 13.63
C GLY A 32 2.07 -16.65 13.10
N ASP A 33 1.70 -16.39 11.86
CA ASP A 33 2.01 -15.12 11.23
C ASP A 33 0.72 -14.35 10.97
N VAL A 34 0.88 -13.09 10.59
CA VAL A 34 -0.26 -12.24 10.31
C VAL A 34 -0.20 -11.78 8.85
N VAL A 35 -1.29 -12.05 8.14
CA VAL A 35 -1.38 -11.67 6.74
C VAL A 35 -2.76 -11.06 6.47
N LEU A 36 -2.75 -10.01 5.66
CA LEU A 36 -3.99 -9.32 5.31
C LEU A 36 -4.45 -9.81 3.94
N VAL A 37 -5.74 -10.12 3.86
CA VAL A 37 -6.33 -10.58 2.62
C VAL A 37 -6.69 -9.38 1.74
N ILE A 38 -5.95 -9.24 0.65
CA ILE A 38 -6.19 -8.13 -0.27
C ILE A 38 -6.49 -8.69 -1.66
N PRO A 39 -7.27 -7.89 -2.44
CA PRO A 39 -7.64 -8.30 -3.78
C PRO A 39 -6.46 -8.15 -4.74
N PHE A 40 -6.04 -9.28 -5.30
CA PHE A 40 -4.93 -9.29 -6.23
C PHE A 40 -5.22 -8.40 -7.44
N GLN A 41 -4.34 -8.48 -8.42
CA GLN A 41 -4.49 -7.70 -9.63
C GLN A 41 -5.43 -8.41 -10.61
N ASN A 42 -5.61 -9.70 -10.37
CA ASN A 42 -6.48 -10.51 -11.22
C ASN A 42 -6.57 -11.92 -10.65
N PRO A 43 -7.76 -12.55 -10.87
CA PRO A 43 -7.99 -13.90 -10.38
C PRO A 43 -7.25 -14.93 -11.23
N GLU A 44 -6.87 -14.49 -12.43
CA GLU A 44 -6.16 -15.36 -13.35
C GLU A 44 -4.74 -15.61 -12.85
N GLU A 45 -4.28 -14.71 -11.99
CA GLU A 45 -2.95 -14.82 -11.42
C GLU A 45 -2.98 -15.59 -10.10
N GLN A 46 -4.20 -15.86 -9.65
CA GLN A 46 -4.40 -16.58 -8.40
C GLN A 46 -4.49 -18.08 -8.67
N ASP A 47 -4.06 -18.85 -7.67
CA ASP A 47 -4.09 -20.30 -7.78
C ASP A 47 -5.29 -20.84 -7.00
N GLU A 48 -5.48 -22.15 -7.11
CA GLU A 48 -6.58 -22.81 -6.42
C GLU A 48 -6.16 -23.17 -4.99
N GLY A 49 -6.74 -22.43 -4.04
CA GLY A 49 -6.44 -22.67 -2.63
C GLY A 49 -5.41 -21.66 -2.12
N TRP A 50 -5.11 -20.69 -2.96
CA TRP A 50 -4.15 -19.67 -2.61
C TRP A 50 -4.69 -18.32 -3.10
N LEU A 51 -4.50 -17.30 -2.26
CA LEU A 51 -4.96 -15.97 -2.60
C LEU A 51 -3.83 -14.96 -2.36
N MET A 52 -4.07 -13.74 -2.80
CA MET A 52 -3.08 -12.68 -2.64
C MET A 52 -3.28 -11.95 -1.31
N GLY A 53 -2.28 -12.06 -0.46
CA GLY A 53 -2.33 -11.42 0.85
C GLY A 53 -1.00 -10.73 1.16
N VAL A 54 -1.04 -9.88 2.18
CA VAL A 54 0.15 -9.14 2.59
C VAL A 54 0.40 -9.39 4.08
N LYS A 55 1.68 -9.51 4.42
CA LYS A 55 2.07 -9.74 5.78
C LYS A 55 1.89 -8.46 6.59
N GLU A 56 1.80 -8.63 7.91
CA GLU A 56 1.63 -7.49 8.80
C GLU A 56 2.79 -6.50 8.64
N SER A 57 3.98 -7.06 8.48
CA SER A 57 5.17 -6.24 8.31
C SER A 57 5.10 -5.47 6.99
N ASP A 58 4.57 -6.15 5.97
CA ASP A 58 4.43 -5.55 4.66
C ASP A 58 3.45 -4.38 4.75
N TRP A 59 2.46 -4.53 5.60
CA TRP A 59 1.45 -3.50 5.79
C TRP A 59 2.17 -2.18 6.08
N ASN A 60 3.14 -2.25 6.97
CA ASN A 60 3.90 -1.08 7.34
C ASN A 60 4.49 -0.44 6.08
N GLN A 61 4.69 -1.29 5.08
CA GLN A 61 5.26 -0.82 3.82
C GLN A 61 4.14 -0.58 2.80
N HIS A 62 2.92 -0.45 3.32
CA HIS A 62 1.77 -0.22 2.47
C HIS A 62 2.09 0.86 1.44
N LYS A 63 3.09 1.67 1.78
CA LYS A 63 3.51 2.75 0.89
C LYS A 63 3.91 2.15 -0.46
N LYS A 64 4.40 0.93 -0.41
CA LYS A 64 4.83 0.25 -1.62
C LYS A 64 4.46 -1.24 -1.52
N LEU A 65 3.21 -1.48 -1.15
CA LEU A 65 2.73 -2.85 -1.01
C LEU A 65 2.77 -3.54 -2.37
N GLU A 66 2.58 -2.74 -3.41
CA GLU A 66 2.59 -3.26 -4.77
C GLU A 66 3.91 -4.00 -5.05
N LYS A 67 4.89 -3.71 -4.20
CA LYS A 67 6.19 -4.34 -4.34
C LYS A 67 6.41 -5.33 -3.19
N CYS A 68 5.34 -5.55 -2.44
CA CYS A 68 5.39 -6.47 -1.32
C CYS A 68 4.28 -7.51 -1.49
N ARG A 69 3.62 -7.42 -2.63
CA ARG A 69 2.54 -8.35 -2.94
C ARG A 69 3.07 -9.79 -2.99
N GLY A 70 2.19 -10.72 -2.64
CA GLY A 70 2.56 -12.12 -2.64
C GLY A 70 1.31 -13.01 -2.60
N VAL A 71 1.55 -14.31 -2.59
CA VAL A 71 0.46 -15.28 -2.55
C VAL A 71 0.67 -16.23 -1.37
N PHE A 72 -0.43 -16.73 -0.85
CA PHE A 72 -0.38 -17.65 0.27
C PHE A 72 -1.63 -18.55 0.30
N PRO A 73 -1.40 -19.81 0.74
CA PRO A 73 -2.49 -20.78 0.83
C PRO A 73 -3.41 -20.47 2.01
N GLU A 74 -4.67 -20.21 1.69
CA GLU A 74 -5.65 -19.90 2.71
C GLU A 74 -5.93 -21.13 3.57
N ASN A 75 -5.87 -22.29 2.92
CA ASN A 75 -6.12 -23.55 3.61
C ASN A 75 -4.98 -23.81 4.61
N PHE A 76 -3.95 -22.98 4.50
CA PHE A 76 -2.80 -23.11 5.38
C PHE A 76 -2.78 -21.99 6.42
N THR A 77 -3.80 -21.15 6.36
CA THR A 77 -3.91 -20.03 7.28
C THR A 77 -5.30 -20.00 7.91
N GLU A 78 -5.50 -19.03 8.80
CA GLU A 78 -6.78 -18.88 9.47
C GLU A 78 -7.25 -17.44 9.38
N ARG A 79 -8.57 -17.27 9.39
CA ARG A 79 -9.17 -15.95 9.32
C ARG A 79 -9.24 -15.31 10.71
N VAL A 80 -8.90 -14.03 10.75
CA VAL A 80 -8.91 -13.30 12.00
C VAL A 80 -10.04 -12.27 11.97
N PRO A 81 -11.02 -12.46 12.89
CA PRO A 81 -12.15 -11.57 12.98
C PRO A 81 -11.77 -10.24 13.63
N GLY A 1 3.46 2.28 11.73
CA GLY A 1 3.66 1.80 10.37
C GLY A 1 2.40 2.04 9.52
N ARG A 2 2.00 0.98 8.82
CA ARG A 2 0.82 1.05 7.97
C ARG A 2 -0.44 1.19 8.82
N LEU A 3 -1.55 1.44 8.14
CA LEU A 3 -2.82 1.60 8.82
C LEU A 3 -3.74 0.43 8.44
N ASP A 4 -3.56 -0.06 7.23
CA ASP A 4 -4.36 -1.17 6.73
C ASP A 4 -3.47 -2.41 6.58
N LEU A 5 -4.10 -3.57 6.70
CA LEU A 5 -3.38 -4.82 6.58
C LEU A 5 -3.49 -5.32 5.13
N PRO A 6 -2.53 -6.22 4.76
CA PRO A 6 -2.51 -6.78 3.42
C PRO A 6 -3.60 -7.82 3.25
N PRO A 7 -4.25 -7.79 2.05
CA PRO A 7 -5.33 -8.72 1.75
C PRO A 7 -4.76 -10.10 1.43
N GLY A 8 -5.33 -11.11 2.08
CA GLY A 8 -4.90 -12.47 1.87
C GLY A 8 -3.89 -12.91 2.94
N PHE A 9 -3.30 -11.90 3.59
CA PHE A 9 -2.32 -12.16 4.63
C PHE A 9 -2.71 -13.39 5.46
N MET A 10 -1.69 -14.03 6.01
CA MET A 10 -1.90 -15.21 6.82
C MET A 10 -1.62 -14.93 8.29
N PHE A 11 -0.34 -14.79 8.60
CA PHE A 11 0.09 -14.52 9.96
C PHE A 11 1.53 -14.00 10.00
N LYS A 12 1.99 -13.73 11.21
CA LYS A 12 3.36 -13.25 11.40
C LYS A 12 4.27 -14.42 11.73
N VAL A 13 5.50 -14.33 11.25
CA VAL A 13 6.49 -15.38 11.49
C VAL A 13 7.75 -14.75 12.09
N GLN A 14 8.60 -15.62 12.61
CA GLN A 14 9.84 -15.17 13.22
C GLN A 14 11.02 -16.01 12.69
N ALA A 15 11.95 -15.32 12.05
CA ALA A 15 13.12 -15.97 11.50
C ALA A 15 13.97 -16.54 12.65
N GLN A 16 14.63 -17.65 12.36
CA GLN A 16 15.47 -18.29 13.35
C GLN A 16 16.92 -18.35 12.86
N HIS A 17 17.11 -17.90 11.63
CA HIS A 17 18.44 -17.90 11.04
C HIS A 17 18.60 -16.66 10.15
N ASP A 18 19.83 -16.43 9.73
CA ASP A 18 20.14 -15.28 8.89
C ASP A 18 20.39 -15.77 7.46
N TYR A 19 19.41 -15.53 6.60
CA TYR A 19 19.51 -15.93 5.21
C TYR A 19 19.54 -14.71 4.29
N THR A 20 20.73 -14.40 3.80
CA THR A 20 20.91 -13.26 2.92
C THR A 20 20.41 -13.60 1.51
N ALA A 21 19.34 -12.93 1.12
CA ALA A 21 18.75 -13.15 -0.19
C ALA A 21 18.92 -11.89 -1.04
N THR A 22 19.65 -12.05 -2.13
CA THR A 22 19.91 -10.93 -3.03
C THR A 22 19.32 -11.23 -4.42
N ASP A 23 18.11 -10.74 -4.62
CA ASP A 23 17.42 -10.94 -5.89
C ASP A 23 16.68 -9.65 -6.27
N THR A 24 15.94 -9.73 -7.37
CA THR A 24 15.19 -8.59 -7.86
C THR A 24 13.88 -8.46 -7.08
N ASP A 25 13.59 -9.47 -6.28
CA ASP A 25 12.37 -9.49 -5.48
C ASP A 25 12.49 -10.57 -4.41
N GLU A 26 13.63 -10.57 -3.73
CA GLU A 26 13.87 -11.54 -2.68
C GLU A 26 13.53 -10.94 -1.31
N LEU A 27 13.53 -11.81 -0.30
CA LEU A 27 13.22 -11.37 1.05
C LEU A 27 14.37 -11.77 1.98
N GLN A 28 15.05 -10.76 2.49
CA GLN A 28 16.16 -10.99 3.40
C GLN A 28 15.66 -11.23 4.82
N LEU A 29 16.25 -12.23 5.45
CA LEU A 29 15.87 -12.58 6.81
C LEU A 29 17.12 -12.62 7.70
N LYS A 30 16.93 -12.27 8.96
CA LYS A 30 18.03 -12.27 9.91
C LYS A 30 17.63 -13.07 11.15
N ALA A 31 18.53 -13.94 11.57
CA ALA A 31 18.29 -14.77 12.74
C ALA A 31 17.60 -13.93 13.82
N GLY A 32 16.27 -14.07 13.86
CA GLY A 32 15.49 -13.33 14.83
C GLY A 32 14.83 -12.11 14.19
N ASP A 33 14.20 -12.35 13.04
CA ASP A 33 13.53 -11.28 12.32
C ASP A 33 12.03 -11.51 12.37
N VAL A 34 11.28 -10.50 11.92
CA VAL A 34 9.83 -10.57 11.91
C VAL A 34 9.34 -10.43 10.46
N VAL A 35 8.59 -11.44 10.03
CA VAL A 35 8.05 -11.44 8.68
C VAL A 35 6.60 -11.92 8.73
N LEU A 36 5.81 -11.41 7.78
CA LEU A 36 4.41 -11.78 7.70
C LEU A 36 4.17 -12.62 6.45
N VAL A 37 3.45 -13.72 6.63
CA VAL A 37 3.15 -14.61 5.53
C VAL A 37 1.95 -14.08 4.76
N ILE A 38 2.17 -13.83 3.48
CA ILE A 38 1.10 -13.31 2.62
C ILE A 38 1.02 -14.18 1.36
N PRO A 39 -0.20 -14.20 0.76
CA PRO A 39 -0.43 -14.97 -0.45
C PRO A 39 0.19 -14.28 -1.66
N PHE A 40 1.16 -14.95 -2.25
CA PHE A 40 1.83 -14.41 -3.42
C PHE A 40 0.85 -14.16 -4.57
N GLN A 41 1.39 -13.81 -5.72
CA GLN A 41 0.57 -13.53 -6.88
C GLN A 41 0.18 -14.84 -7.56
N ASN A 42 1.06 -15.82 -7.45
CA ASN A 42 0.81 -17.12 -8.05
C ASN A 42 1.74 -18.16 -7.44
N PRO A 43 1.23 -19.42 -7.34
CA PRO A 43 2.02 -20.50 -6.76
C PRO A 43 3.10 -20.97 -7.73
N GLU A 44 2.91 -20.60 -8.99
CA GLU A 44 3.86 -20.98 -10.03
C GLU A 44 5.16 -20.18 -9.87
N GLU A 45 5.08 -19.13 -9.09
CA GLU A 45 6.24 -18.28 -8.86
C GLU A 45 6.90 -18.65 -7.52
N GLN A 46 6.19 -19.45 -6.75
CA GLN A 46 6.70 -19.88 -5.46
C GLN A 46 7.52 -21.16 -5.62
N ASP A 47 8.48 -21.33 -4.72
CA ASP A 47 9.34 -22.51 -4.75
C ASP A 47 8.97 -23.42 -3.58
N GLU A 48 9.34 -24.69 -3.73
CA GLU A 48 9.06 -25.68 -2.70
C GLU A 48 9.98 -25.46 -1.50
N GLY A 49 9.40 -24.96 -0.42
CA GLY A 49 10.15 -24.71 0.79
C GLY A 49 10.31 -23.22 1.04
N TRP A 50 9.79 -22.43 0.10
CA TRP A 50 9.87 -20.99 0.20
C TRP A 50 8.51 -20.41 -0.22
N LEU A 51 8.10 -19.38 0.50
CA LEU A 51 6.84 -18.72 0.22
C LEU A 51 7.03 -17.21 0.19
N MET A 52 5.98 -16.51 -0.20
CA MET A 52 6.03 -15.05 -0.28
C MET A 52 5.67 -14.43 1.07
N GLY A 53 6.61 -13.68 1.61
CA GLY A 53 6.39 -13.01 2.89
C GLY A 53 7.06 -11.64 2.91
N VAL A 54 6.60 -10.81 3.84
CA VAL A 54 7.14 -9.46 3.98
C VAL A 54 7.61 -9.26 5.41
N LYS A 55 8.67 -8.48 5.54
CA LYS A 55 9.23 -8.19 6.85
C LYS A 55 8.29 -7.25 7.61
N GLU A 56 8.53 -7.14 8.91
CA GLU A 56 7.72 -6.28 9.75
C GLU A 56 7.84 -4.82 9.29
N SER A 57 9.06 -4.44 8.96
CA SER A 57 9.32 -3.08 8.51
C SER A 57 8.62 -2.83 7.16
N ASP A 58 8.73 -3.82 6.29
CA ASP A 58 8.12 -3.73 4.97
C ASP A 58 6.60 -3.60 5.13
N TRP A 59 6.09 -4.25 6.16
CA TRP A 59 4.66 -4.21 6.43
C TRP A 59 4.23 -2.74 6.50
N ASN A 60 5.14 -1.91 6.98
CA ASN A 60 4.86 -0.49 7.10
C ASN A 60 4.71 0.11 5.71
N GLN A 61 5.34 -0.55 4.74
CA GLN A 61 5.29 -0.09 3.36
C GLN A 61 4.02 -0.64 2.67
N HIS A 62 3.09 -1.07 3.50
CA HIS A 62 1.84 -1.62 2.98
C HIS A 62 1.30 -0.70 1.87
N LYS A 63 1.72 0.55 1.93
CA LYS A 63 1.30 1.53 0.94
C LYS A 63 1.68 1.04 -0.45
N LYS A 64 2.77 0.29 -0.51
CA LYS A 64 3.25 -0.25 -1.77
C LYS A 64 4.09 -1.50 -1.50
N LEU A 65 3.47 -2.45 -0.81
CA LEU A 65 4.14 -3.70 -0.48
C LEU A 65 4.34 -4.52 -1.75
N GLU A 66 3.42 -4.33 -2.69
CA GLU A 66 3.48 -5.05 -3.96
C GLU A 66 4.83 -4.82 -4.63
N LYS A 67 5.52 -3.77 -4.17
CA LYS A 67 6.82 -3.44 -4.72
C LYS A 67 7.90 -3.73 -3.66
N CYS A 68 7.47 -4.36 -2.58
CA CYS A 68 8.38 -4.70 -1.49
C CYS A 68 8.23 -6.19 -1.19
N ARG A 69 7.49 -6.87 -2.05
CA ARG A 69 7.26 -8.29 -1.88
C ARG A 69 8.57 -9.06 -2.06
N GLY A 70 8.62 -10.24 -1.44
CA GLY A 70 9.80 -11.08 -1.52
C GLY A 70 9.46 -12.53 -1.17
N VAL A 71 10.49 -13.37 -1.20
CA VAL A 71 10.31 -14.78 -0.90
C VAL A 71 11.30 -15.17 0.20
N PHE A 72 10.89 -16.15 1.01
CA PHE A 72 11.71 -16.63 2.09
C PHE A 72 11.37 -18.08 2.44
N PRO A 73 12.42 -18.82 2.89
CA PRO A 73 12.25 -20.22 3.25
C PRO A 73 11.55 -20.35 4.60
N GLU A 74 10.38 -20.97 4.57
CA GLU A 74 9.60 -21.16 5.78
C GLU A 74 10.31 -22.13 6.72
N ASN A 75 10.99 -23.10 6.13
CA ASN A 75 11.73 -24.09 6.90
C ASN A 75 12.90 -23.41 7.62
N PHE A 76 13.12 -22.16 7.25
CA PHE A 76 14.20 -21.40 7.85
C PHE A 76 13.66 -20.35 8.82
N THR A 77 12.34 -20.35 8.97
CA THR A 77 11.69 -19.41 9.86
C THR A 77 10.73 -20.15 10.80
N GLU A 78 10.10 -19.38 11.68
CA GLU A 78 9.16 -19.95 12.63
C GLU A 78 7.85 -19.16 12.60
N ARG A 79 6.76 -19.89 12.84
CA ARG A 79 5.45 -19.28 12.85
C ARG A 79 5.16 -18.65 14.22
N VAL A 80 4.66 -17.42 14.17
CA VAL A 80 4.34 -16.71 15.40
C VAL A 80 2.83 -16.73 15.61
N PRO A 81 2.43 -16.93 16.90
CA PRO A 81 1.02 -16.98 17.25
C PRO A 81 0.41 -15.58 17.25
N GLY A 1 3.46 2.28 11.73
CA GLY A 1 3.66 1.80 10.37
C GLY A 1 3.10 0.39 10.20
N ARG A 2 3.05 -0.05 8.95
CA ARG A 2 2.54 -1.37 8.64
C ARG A 2 3.63 -2.43 8.89
N LEU A 3 3.30 -3.66 8.52
CA LEU A 3 4.23 -4.75 8.70
C LEU A 3 4.49 -5.43 7.34
N ASP A 4 3.41 -5.61 6.60
CA ASP A 4 3.49 -6.23 5.29
C ASP A 4 3.26 -5.18 4.21
N LEU A 5 3.80 -5.46 3.02
CA LEU A 5 3.66 -4.55 1.91
C LEU A 5 2.34 -4.83 1.19
N PRO A 6 1.88 -3.82 0.40
CA PRO A 6 0.64 -3.96 -0.35
C PRO A 6 0.82 -4.88 -1.56
N PRO A 7 -0.17 -5.80 -1.73
CA PRO A 7 -0.12 -6.73 -2.84
C PRO A 7 -0.49 -6.04 -4.16
N GLY A 8 0.22 -6.43 -5.21
CA GLY A 8 -0.02 -5.86 -6.52
C GLY A 8 0.84 -4.60 -6.73
N PHE A 9 1.24 -4.01 -5.62
CA PHE A 9 2.05 -2.80 -5.67
C PHE A 9 3.03 -2.85 -6.83
N MET A 10 3.38 -1.66 -7.33
CA MET A 10 4.31 -1.56 -8.43
C MET A 10 5.63 -0.93 -7.99
N PHE A 11 5.56 0.36 -7.67
CA PHE A 11 6.74 1.08 -7.24
C PHE A 11 6.34 2.39 -6.54
N LYS A 12 7.35 3.06 -6.00
CA LYS A 12 7.12 4.31 -5.30
C LYS A 12 7.29 5.48 -6.29
N VAL A 13 6.42 6.46 -6.15
CA VAL A 13 6.45 7.62 -7.01
C VAL A 13 6.58 8.89 -6.17
N GLN A 14 6.92 9.98 -6.83
CA GLN A 14 7.07 11.26 -6.14
C GLN A 14 6.37 12.36 -6.93
N ALA A 15 5.43 13.01 -6.26
CA ALA A 15 4.68 14.10 -6.87
C ALA A 15 5.61 15.27 -7.14
N GLN A 16 5.29 16.02 -8.19
CA GLN A 16 6.09 17.17 -8.57
C GLN A 16 5.23 18.45 -8.53
N HIS A 17 3.96 18.25 -8.21
CA HIS A 17 3.04 19.37 -8.14
C HIS A 17 2.00 19.12 -7.04
N ASP A 18 1.24 20.16 -6.74
CA ASP A 18 0.22 20.06 -5.71
C ASP A 18 -1.15 20.00 -6.37
N TYR A 19 -1.72 18.79 -6.35
CA TYR A 19 -3.03 18.58 -6.95
C TYR A 19 -4.06 18.22 -5.87
N THR A 20 -4.92 19.19 -5.57
CA THR A 20 -5.95 18.98 -4.57
C THR A 20 -7.12 18.18 -5.16
N ALA A 21 -7.27 16.97 -4.64
CA ALA A 21 -8.34 16.10 -5.11
C ALA A 21 -9.35 15.89 -3.98
N THR A 22 -10.58 16.34 -4.25
CA THR A 22 -11.65 16.21 -3.28
C THR A 22 -12.77 15.33 -3.82
N ASP A 23 -12.70 14.06 -3.46
CA ASP A 23 -13.70 13.10 -3.91
C ASP A 23 -14.02 12.13 -2.77
N THR A 24 -14.85 11.15 -3.08
CA THR A 24 -15.25 10.16 -2.09
C THR A 24 -14.18 9.06 -2.00
N ASP A 25 -13.17 9.18 -2.83
CA ASP A 25 -12.08 8.21 -2.85
C ASP A 25 -10.96 8.72 -3.76
N GLU A 26 -10.62 10.00 -3.58
CA GLU A 26 -9.57 10.61 -4.37
C GLU A 26 -8.24 10.55 -3.63
N LEU A 27 -7.19 10.91 -4.34
CA LEU A 27 -5.85 10.89 -3.76
C LEU A 27 -5.22 12.29 -3.91
N GLN A 28 -5.02 12.94 -2.77
CA GLN A 28 -4.44 14.26 -2.77
C GLN A 28 -2.91 14.17 -2.88
N LEU A 29 -2.35 15.05 -3.69
CA LEU A 29 -0.91 15.07 -3.91
C LEU A 29 -0.40 16.50 -3.67
N LYS A 30 0.80 16.57 -3.10
CA LYS A 30 1.40 17.86 -2.82
C LYS A 30 2.80 17.91 -3.45
N ALA A 31 3.05 19.00 -4.16
CA ALA A 31 4.33 19.17 -4.82
C ALA A 31 5.45 18.63 -3.93
N GLY A 32 5.86 17.41 -4.21
CA GLY A 32 6.90 16.77 -3.44
C GLY A 32 6.32 15.77 -2.43
N ASP A 33 5.41 14.95 -2.92
CA ASP A 33 4.77 13.95 -2.08
C ASP A 33 5.27 12.55 -2.47
N VAL A 34 4.95 11.59 -1.63
CA VAL A 34 5.35 10.21 -1.87
C VAL A 34 4.10 9.33 -2.00
N VAL A 35 4.00 8.68 -3.15
CA VAL A 35 2.86 7.81 -3.41
C VAL A 35 3.37 6.52 -4.08
N LEU A 36 2.72 5.43 -3.72
CA LEU A 36 3.09 4.13 -4.27
C LEU A 36 2.04 3.70 -5.30
N VAL A 37 2.53 3.25 -6.45
CA VAL A 37 1.65 2.81 -7.51
C VAL A 37 1.15 1.40 -7.21
N ILE A 38 -0.17 1.27 -7.10
CA ILE A 38 -0.78 -0.01 -6.81
C ILE A 38 -1.89 -0.28 -7.84
N PRO A 39 -2.15 -1.60 -8.07
CA PRO A 39 -3.18 -2.00 -9.01
C PRO A 39 -4.57 -1.79 -8.42
N PHE A 40 -5.32 -0.91 -9.07
CA PHE A 40 -6.67 -0.61 -8.62
C PHE A 40 -7.54 -1.87 -8.61
N GLN A 41 -8.81 -1.67 -8.28
CA GLN A 41 -9.74 -2.78 -8.23
C GLN A 41 -10.25 -3.12 -9.64
N ASN A 42 -10.38 -2.07 -10.45
CA ASN A 42 -10.84 -2.24 -11.81
C ASN A 42 -10.30 -1.10 -12.68
N PRO A 43 -9.97 -1.45 -13.95
CA PRO A 43 -9.44 -0.48 -14.87
C PRO A 43 -10.55 0.44 -15.39
N GLU A 44 -11.78 -0.02 -15.23
CA GLU A 44 -12.93 0.74 -15.67
C GLU A 44 -13.12 1.98 -14.79
N GLU A 45 -12.56 1.90 -13.59
CA GLU A 45 -12.66 3.00 -12.65
C GLU A 45 -11.48 3.96 -12.84
N GLN A 46 -10.47 3.47 -13.54
CA GLN A 46 -9.28 4.28 -13.80
C GLN A 46 -9.55 5.29 -14.92
N ASP A 47 -8.86 6.42 -14.82
CA ASP A 47 -9.02 7.47 -15.81
C ASP A 47 -7.76 7.53 -16.68
N GLU A 48 -7.85 8.31 -17.75
CA GLU A 48 -6.74 8.47 -18.67
C GLU A 48 -5.75 9.51 -18.13
N GLY A 49 -4.60 9.02 -17.71
CA GLY A 49 -3.57 9.90 -17.16
C GLY A 49 -3.58 9.89 -15.64
N TRP A 50 -4.47 9.07 -15.09
CA TRP A 50 -4.60 8.95 -13.65
C TRP A 50 -4.68 7.47 -13.29
N LEU A 51 -3.94 7.09 -12.26
CA LEU A 51 -3.93 5.71 -11.82
C LEU A 51 -4.19 5.66 -10.31
N MET A 52 -4.39 4.44 -9.82
CA MET A 52 -4.65 4.25 -8.40
C MET A 52 -3.34 4.08 -7.62
N GLY A 53 -3.08 5.06 -6.77
CA GLY A 53 -1.87 5.03 -5.95
C GLY A 53 -2.20 5.29 -4.48
N VAL A 54 -1.19 5.11 -3.64
CA VAL A 54 -1.36 5.33 -2.22
C VAL A 54 -0.16 6.13 -1.69
N LYS A 55 -0.46 7.03 -0.76
CA LYS A 55 0.58 7.86 -0.17
C LYS A 55 1.40 7.04 0.81
N GLU A 56 2.59 7.54 1.11
CA GLU A 56 3.47 6.85 2.03
C GLU A 56 2.79 6.68 3.40
N SER A 57 2.12 7.73 3.83
CA SER A 57 1.43 7.70 5.11
C SER A 57 0.35 6.62 5.09
N ASP A 58 -0.32 6.51 3.96
CA ASP A 58 -1.38 5.52 3.81
C ASP A 58 -0.77 4.12 3.88
N TRP A 59 0.47 4.02 3.40
CA TRP A 59 1.18 2.75 3.42
C TRP A 59 1.08 2.17 4.83
N ASN A 60 1.37 3.01 5.81
CA ASN A 60 1.32 2.60 7.20
C ASN A 60 -0.05 2.00 7.50
N GLN A 61 -1.03 2.43 6.72
CA GLN A 61 -2.40 1.94 6.89
C GLN A 61 -2.63 0.69 6.03
N HIS A 62 -1.52 0.10 5.60
CA HIS A 62 -1.59 -1.10 4.78
C HIS A 62 -2.60 -2.07 5.37
N LYS A 63 -2.84 -1.91 6.67
CA LYS A 63 -3.79 -2.77 7.36
C LYS A 63 -5.16 -2.65 6.70
N LYS A 64 -5.50 -1.42 6.33
CA LYS A 64 -6.77 -1.16 5.69
C LYS A 64 -6.62 -0.01 4.69
N LEU A 65 -5.59 -0.13 3.86
CA LEU A 65 -5.31 0.89 2.85
C LEU A 65 -6.41 0.85 1.79
N GLU A 66 -6.94 -0.35 1.58
CA GLU A 66 -7.99 -0.54 0.59
C GLU A 66 -9.16 0.41 0.87
N LYS A 67 -9.19 0.92 2.09
CA LYS A 67 -10.24 1.83 2.49
C LYS A 67 -9.71 3.27 2.47
N CYS A 68 -8.50 3.40 1.94
CA CYS A 68 -7.87 4.71 1.85
C CYS A 68 -7.36 4.89 0.42
N ARG A 69 -7.74 3.96 -0.43
CA ARG A 69 -7.34 4.01 -1.83
C ARG A 69 -7.79 5.32 -2.47
N GLY A 70 -7.08 5.71 -3.51
CA GLY A 70 -7.39 6.95 -4.22
C GLY A 70 -6.80 6.93 -5.64
N VAL A 71 -7.04 8.02 -6.35
CA VAL A 71 -6.54 8.15 -7.71
C VAL A 71 -5.70 9.42 -7.82
N PHE A 72 -4.73 9.37 -8.73
CA PHE A 72 -3.85 10.50 -8.94
C PHE A 72 -3.28 10.50 -10.36
N PRO A 73 -3.05 11.72 -10.90
CA PRO A 73 -2.50 11.86 -12.24
C PRO A 73 -1.01 11.53 -12.27
N GLU A 74 -0.68 10.49 -13.01
CA GLU A 74 0.70 10.07 -13.13
C GLU A 74 1.52 11.12 -13.87
N ASN A 75 0.86 11.80 -14.81
CA ASN A 75 1.51 12.82 -15.60
C ASN A 75 1.83 14.02 -14.70
N PHE A 76 1.30 13.97 -13.49
CA PHE A 76 1.52 15.04 -12.53
C PHE A 76 2.49 14.60 -11.43
N THR A 77 2.96 13.37 -11.56
CA THR A 77 3.89 12.82 -10.58
C THR A 77 5.13 12.27 -11.29
N GLU A 78 6.04 11.74 -10.48
CA GLU A 78 7.27 11.18 -11.01
C GLU A 78 7.53 9.80 -10.41
N ARG A 79 8.19 8.95 -11.19
CA ARG A 79 8.51 7.61 -10.74
C ARG A 79 9.84 7.61 -9.98
N VAL A 80 9.84 6.87 -8.87
CA VAL A 80 11.04 6.78 -8.05
C VAL A 80 11.52 5.33 -8.02
N PRO A 81 12.86 5.17 -8.05
CA PRO A 81 13.45 3.83 -8.03
C PRO A 81 13.38 3.23 -6.62
N GLY A 1 3.46 2.28 11.73
CA GLY A 1 3.66 1.80 10.37
C GLY A 1 2.98 0.45 10.16
N ARG A 2 3.74 -0.48 9.61
CA ARG A 2 3.23 -1.82 9.35
C ARG A 2 2.58 -2.40 10.61
N LEU A 3 1.73 -3.39 10.41
CA LEU A 3 1.06 -4.04 11.53
C LEU A 3 1.73 -5.38 11.81
N ASP A 4 2.33 -5.94 10.77
CA ASP A 4 3.00 -7.22 10.90
C ASP A 4 4.50 -7.02 10.64
N LEU A 5 5.29 -7.83 11.33
CA LEU A 5 6.74 -7.76 11.19
C LEU A 5 7.20 -8.76 10.12
N PRO A 6 8.42 -8.50 9.57
CA PRO A 6 8.97 -9.36 8.54
C PRO A 6 9.47 -10.68 9.14
N PRO A 7 9.12 -11.80 8.47
CA PRO A 7 9.52 -13.12 8.92
C PRO A 7 11.00 -13.36 8.62
N GLY A 8 11.66 -14.03 9.56
CA GLY A 8 13.08 -14.34 9.41
C GLY A 8 13.95 -13.19 9.94
N PHE A 9 13.33 -12.02 10.03
CA PHE A 9 14.04 -10.84 10.52
C PHE A 9 15.03 -11.22 11.63
N MET A 10 16.05 -10.39 11.77
CA MET A 10 17.07 -10.61 12.78
C MET A 10 17.08 -9.49 13.82
N PHE A 11 17.52 -8.33 13.37
CA PHE A 11 17.58 -7.16 14.23
C PHE A 11 17.74 -5.88 13.42
N LYS A 12 17.75 -4.76 14.12
CA LYS A 12 17.89 -3.46 13.49
C LYS A 12 19.36 -3.03 13.52
N VAL A 13 19.77 -2.34 12.47
CA VAL A 13 21.14 -1.87 12.37
C VAL A 13 21.13 -0.36 12.12
N GLN A 14 22.30 0.25 12.30
CA GLN A 14 22.45 1.67 12.09
C GLN A 14 23.64 1.96 11.17
N ALA A 15 23.34 2.59 10.05
CA ALA A 15 24.37 2.92 9.08
C ALA A 15 25.29 3.99 9.67
N GLN A 16 26.56 3.90 9.30
CA GLN A 16 27.56 4.84 9.78
C GLN A 16 28.13 5.66 8.63
N HIS A 17 27.67 5.32 7.43
CA HIS A 17 28.13 6.01 6.23
C HIS A 17 26.99 6.08 5.22
N ASP A 18 27.21 6.87 4.18
CA ASP A 18 26.22 7.04 3.13
C ASP A 18 26.66 6.26 1.88
N TYR A 19 26.06 5.10 1.70
CA TYR A 19 26.38 4.26 0.56
C TYR A 19 25.25 4.28 -0.48
N THR A 20 25.48 5.01 -1.55
CA THR A 20 24.50 5.14 -2.61
C THR A 20 24.51 3.87 -3.48
N ALA A 21 23.41 3.13 -3.40
CA ALA A 21 23.27 1.91 -4.17
C ALA A 21 22.18 2.09 -5.22
N THR A 22 22.59 1.98 -6.48
CA THR A 22 21.65 2.12 -7.58
C THR A 22 21.56 0.83 -8.39
N ASP A 23 20.57 0.03 -8.05
CA ASP A 23 20.36 -1.25 -8.73
C ASP A 23 18.86 -1.47 -8.93
N THR A 24 18.55 -2.65 -9.46
CA THR A 24 17.16 -3.01 -9.70
C THR A 24 16.50 -3.51 -8.42
N ASP A 25 17.32 -3.61 -7.37
CA ASP A 25 16.83 -4.06 -6.08
C ASP A 25 17.92 -3.87 -5.03
N GLU A 26 18.53 -2.70 -5.07
CA GLU A 26 19.59 -2.37 -4.13
C GLU A 26 19.01 -1.67 -2.90
N LEU A 27 19.85 -1.52 -1.90
CA LEU A 27 19.44 -0.86 -0.67
C LEU A 27 20.33 0.35 -0.41
N GLN A 28 19.71 1.52 -0.45
CA GLN A 28 20.42 2.76 -0.23
C GLN A 28 20.45 3.10 1.26
N LEU A 29 21.63 3.46 1.73
CA LEU A 29 21.81 3.81 3.13
C LEU A 29 22.46 5.20 3.24
N LYS A 30 22.16 5.88 4.33
CA LYS A 30 22.71 7.20 4.55
C LYS A 30 23.36 7.26 5.93
N ALA A 31 24.55 7.82 5.98
CA ALA A 31 25.28 7.94 7.23
C ALA A 31 24.31 8.28 8.35
N GLY A 32 23.96 7.25 9.11
CA GLY A 32 23.04 7.43 10.23
C GLY A 32 21.62 7.01 9.84
N ASP A 33 21.54 5.88 9.16
CA ASP A 33 20.26 5.35 8.72
C ASP A 33 19.92 4.09 9.53
N VAL A 34 18.67 3.66 9.39
CA VAL A 34 18.21 2.48 10.10
C VAL A 34 17.85 1.40 9.08
N VAL A 35 18.45 0.23 9.29
CA VAL A 35 18.20 -0.90 8.41
C VAL A 35 18.03 -2.17 9.24
N LEU A 36 17.05 -2.98 8.84
CA LEU A 36 16.78 -4.22 9.54
C LEU A 36 17.43 -5.39 8.79
N VAL A 37 18.10 -6.23 9.55
CA VAL A 37 18.78 -7.38 8.97
C VAL A 37 17.79 -8.53 8.83
N ILE A 38 17.47 -8.85 7.59
CA ILE A 38 16.54 -9.93 7.31
C ILE A 38 17.22 -10.98 6.44
N PRO A 39 16.72 -12.24 6.55
CA PRO A 39 17.28 -13.34 5.78
C PRO A 39 16.82 -13.27 4.32
N PHE A 40 17.79 -13.10 3.44
CA PHE A 40 17.51 -13.01 2.02
C PHE A 40 16.76 -14.25 1.54
N GLN A 41 16.58 -14.32 0.23
CA GLN A 41 15.87 -15.45 -0.37
C GLN A 41 16.86 -16.56 -0.72
N ASN A 42 18.14 -16.25 -0.59
CA ASN A 42 19.18 -17.22 -0.88
C ASN A 42 20.55 -16.56 -0.64
N PRO A 43 21.52 -17.42 -0.22
CA PRO A 43 22.87 -16.94 0.04
C PRO A 43 23.62 -16.66 -1.26
N GLU A 44 23.11 -17.24 -2.34
CA GLU A 44 23.72 -17.07 -3.64
C GLU A 44 23.54 -15.63 -4.13
N GLU A 45 22.46 -15.01 -3.67
CA GLU A 45 22.15 -13.64 -4.04
C GLU A 45 22.89 -12.67 -3.13
N GLN A 46 23.50 -13.22 -2.10
CA GLN A 46 24.24 -12.41 -1.13
C GLN A 46 25.67 -12.19 -1.63
N ASP A 47 26.21 -11.02 -1.26
CA ASP A 47 27.56 -10.68 -1.64
C ASP A 47 28.48 -10.73 -0.41
N GLU A 48 29.77 -10.87 -0.68
CA GLU A 48 30.74 -10.93 0.39
C GLU A 48 30.93 -9.55 1.02
N GLY A 49 30.41 -9.41 2.23
CA GLY A 49 30.51 -8.16 2.95
C GLY A 49 29.21 -7.35 2.85
N TRP A 50 28.22 -7.99 2.25
CA TRP A 50 26.92 -7.35 2.08
C TRP A 50 25.83 -8.40 2.36
N LEU A 51 24.76 -7.95 2.98
CA LEU A 51 23.66 -8.83 3.31
C LEU A 51 22.35 -8.17 2.88
N MET A 52 21.27 -8.96 2.98
CA MET A 52 19.96 -8.47 2.60
C MET A 52 19.24 -7.81 3.80
N GLY A 53 19.04 -6.51 3.68
CA GLY A 53 18.39 -5.76 4.75
C GLY A 53 17.39 -4.76 4.16
N VAL A 54 16.62 -4.14 5.05
CA VAL A 54 15.64 -3.17 4.65
C VAL A 54 15.69 -1.97 5.61
N LYS A 55 15.44 -0.80 5.04
CA LYS A 55 15.45 0.42 5.83
C LYS A 55 14.20 0.48 6.70
N GLU A 56 14.25 1.35 7.70
CA GLU A 56 13.12 1.52 8.60
C GLU A 56 11.89 2.00 7.84
N SER A 57 12.10 2.99 7.00
CA SER A 57 11.02 3.54 6.21
C SER A 57 10.37 2.44 5.36
N ASP A 58 11.21 1.56 4.86
CA ASP A 58 10.75 0.45 4.03
C ASP A 58 9.90 -0.49 4.89
N TRP A 59 10.29 -0.59 6.15
CA TRP A 59 9.59 -1.46 7.09
C TRP A 59 8.09 -1.10 7.03
N ASN A 60 7.84 0.20 7.10
CA ASN A 60 6.47 0.69 7.06
C ASN A 60 5.77 0.13 5.82
N GLN A 61 6.57 -0.17 4.81
CA GLN A 61 6.04 -0.72 3.57
C GLN A 61 6.04 -2.25 3.61
N HIS A 62 6.15 -2.77 4.82
CA HIS A 62 6.17 -4.21 5.02
C HIS A 62 5.07 -4.85 4.18
N LYS A 63 4.07 -4.05 3.85
CA LYS A 63 2.95 -4.53 3.06
C LYS A 63 3.48 -5.08 1.72
N LYS A 64 4.59 -4.50 1.29
CA LYS A 64 5.20 -4.92 0.03
C LYS A 64 6.71 -5.02 0.22
N LEU A 65 7.10 -5.63 1.33
CA LEU A 65 8.52 -5.79 1.64
C LEU A 65 9.20 -6.53 0.49
N GLU A 66 8.43 -7.39 -0.16
CA GLU A 66 8.95 -8.16 -1.27
C GLU A 66 9.54 -7.22 -2.34
N LYS A 67 9.15 -5.96 -2.25
CA LYS A 67 9.62 -4.97 -3.19
C LYS A 67 10.50 -3.95 -2.46
N CYS A 68 10.79 -4.28 -1.21
CA CYS A 68 11.61 -3.41 -0.38
C CYS A 68 12.96 -4.09 -0.16
N ARG A 69 12.98 -5.39 -0.41
CA ARG A 69 14.19 -6.17 -0.24
C ARG A 69 15.36 -5.51 -0.99
N GLY A 70 16.48 -5.42 -0.29
CA GLY A 70 17.67 -4.82 -0.88
C GLY A 70 18.94 -5.42 -0.27
N VAL A 71 20.08 -4.91 -0.74
CA VAL A 71 21.36 -5.39 -0.26
C VAL A 71 22.19 -4.19 0.23
N PHE A 72 23.02 -4.46 1.22
CA PHE A 72 23.88 -3.42 1.79
C PHE A 72 25.07 -4.03 2.51
N PRO A 73 26.20 -3.26 2.50
CA PRO A 73 27.42 -3.72 3.15
C PRO A 73 27.30 -3.60 4.67
N GLU A 74 27.39 -4.75 5.33
CA GLU A 74 27.30 -4.78 6.79
C GLU A 74 28.52 -4.10 7.40
N ASN A 75 29.65 -4.23 6.73
CA ASN A 75 30.89 -3.64 7.20
C ASN A 75 30.78 -2.12 7.11
N PHE A 76 29.72 -1.67 6.47
CA PHE A 76 29.50 -0.24 6.30
C PHE A 76 28.37 0.24 7.21
N THR A 77 27.88 -0.68 8.03
CA THR A 77 26.81 -0.35 8.96
C THR A 77 27.18 -0.82 10.37
N GLU A 78 26.25 -0.58 11.30
CA GLU A 78 26.47 -0.97 12.68
C GLU A 78 25.23 -1.68 13.23
N ARG A 79 25.48 -2.63 14.11
CA ARG A 79 24.39 -3.40 14.72
C ARG A 79 23.80 -2.63 15.90
N VAL A 80 22.47 -2.59 15.93
CA VAL A 80 21.77 -1.90 16.99
C VAL A 80 21.00 -2.92 17.84
N PRO A 81 20.99 -2.66 19.18
CA PRO A 81 20.31 -3.55 20.10
C PRO A 81 18.79 -3.36 20.02
N GLY A 1 3.46 2.28 11.73
CA GLY A 1 3.66 1.80 10.37
C GLY A 1 5.15 1.64 10.06
N ARG A 2 5.62 2.47 9.13
CA ARG A 2 7.01 2.43 8.73
C ARG A 2 7.91 2.32 9.97
N LEU A 3 9.17 1.97 9.72
CA LEU A 3 10.13 1.84 10.78
C LEU A 3 11.14 3.00 10.72
N ASP A 4 11.25 3.57 9.54
CA ASP A 4 12.16 4.69 9.32
C ASP A 4 11.36 5.93 8.95
N LEU A 5 11.87 7.07 9.39
CA LEU A 5 11.20 8.34 9.12
C LEU A 5 11.78 8.93 7.83
N PRO A 6 10.99 9.87 7.23
CA PRO A 6 11.41 10.51 6.00
C PRO A 6 12.49 11.56 6.27
N PRO A 7 13.55 11.52 5.42
CA PRO A 7 14.65 12.45 5.55
C PRO A 7 14.26 13.84 5.05
N GLY A 8 14.79 14.85 5.74
CA GLY A 8 14.51 16.23 5.38
C GLY A 8 13.24 16.72 6.07
N PHE A 9 12.45 15.77 6.53
CA PHE A 9 11.21 16.09 7.22
C PHE A 9 11.36 17.34 8.07
N MET A 10 10.26 18.04 8.26
CA MET A 10 10.26 19.26 9.05
C MET A 10 9.48 19.07 10.35
N PHE A 11 8.16 18.99 10.21
CA PHE A 11 7.29 18.80 11.36
C PHE A 11 5.91 18.30 10.94
N LYS A 12 5.06 18.11 11.93
CA LYS A 12 3.71 17.63 11.67
C LYS A 12 2.75 18.83 11.63
N VAL A 13 1.73 18.69 10.81
CA VAL A 13 0.74 19.76 10.67
C VAL A 13 -0.66 19.16 10.80
N GLN A 14 -1.64 20.05 10.97
CA GLN A 14 -3.02 19.62 11.10
C GLN A 14 -3.92 20.45 10.18
N ALA A 15 -4.66 19.73 9.33
CA ALA A 15 -5.56 20.39 8.40
C ALA A 15 -6.74 20.98 9.16
N GLN A 16 -7.29 22.05 8.62
CA GLN A 16 -8.42 22.72 9.23
C GLN A 16 -9.61 22.73 8.28
N HIS A 17 -9.38 22.20 7.09
CA HIS A 17 -10.42 22.15 6.08
C HIS A 17 -10.29 20.87 5.26
N ASP A 18 -11.30 20.60 4.45
CA ASP A 18 -11.30 19.41 3.61
C ASP A 18 -11.08 19.82 2.16
N TYR A 19 -9.85 19.62 1.69
CA TYR A 19 -9.51 19.96 0.32
C TYR A 19 -9.27 18.70 -0.51
N THR A 20 -10.23 18.41 -1.37
CA THR A 20 -10.15 17.24 -2.23
C THR A 20 -9.24 17.53 -3.43
N ALA A 21 -8.12 16.83 -3.45
CA ALA A 21 -7.16 17.00 -4.53
C ALA A 21 -7.18 15.75 -5.42
N THR A 22 -7.54 15.98 -6.68
CA THR A 22 -7.60 14.89 -7.65
C THR A 22 -6.56 15.09 -8.75
N ASP A 23 -5.40 14.49 -8.54
CA ASP A 23 -4.33 14.59 -9.51
C ASP A 23 -3.57 13.27 -9.58
N THR A 24 -2.49 13.28 -10.34
CA THR A 24 -1.66 12.09 -10.49
C THR A 24 -0.58 12.05 -9.42
N ASP A 25 -0.68 12.97 -8.48
CA ASP A 25 0.28 13.05 -7.40
C ASP A 25 -0.06 14.24 -6.51
N GLU A 26 -1.24 14.17 -5.91
CA GLU A 26 -1.70 15.23 -5.02
C GLU A 26 -1.85 14.70 -3.60
N LEU A 27 -2.10 15.63 -2.68
CA LEU A 27 -2.27 15.27 -1.29
C LEU A 27 -3.65 15.71 -0.82
N GLN A 28 -4.48 14.73 -0.51
CA GLN A 28 -5.84 15.01 -0.05
C GLN A 28 -5.83 15.29 1.45
N LEU A 29 -6.51 16.38 1.81
CA LEU A 29 -6.59 16.78 3.20
C LEU A 29 -8.06 16.87 3.62
N LYS A 30 -8.34 16.42 4.83
CA LYS A 30 -9.69 16.45 5.36
C LYS A 30 -9.73 17.29 6.63
N ALA A 31 -10.68 18.20 6.68
CA ALA A 31 -10.83 19.08 7.83
C ALA A 31 -10.52 18.28 9.11
N GLY A 32 -9.31 18.50 9.61
CA GLY A 32 -8.87 17.83 10.82
C GLY A 32 -8.04 16.58 10.48
N ASP A 33 -7.05 16.77 9.63
CA ASP A 33 -6.18 15.68 9.21
C ASP A 33 -4.77 15.93 9.73
N VAL A 34 -3.92 14.92 9.57
CA VAL A 34 -2.55 15.03 10.02
C VAL A 34 -1.61 14.86 8.83
N VAL A 35 -0.75 15.85 8.65
CA VAL A 35 0.19 15.83 7.55
C VAL A 35 1.57 16.27 8.06
N LEU A 36 2.60 15.68 7.47
CA LEU A 36 3.97 16.00 7.85
C LEU A 36 4.63 16.82 6.73
N VAL A 37 5.25 17.92 7.13
CA VAL A 37 5.93 18.78 6.17
C VAL A 37 7.30 18.19 5.85
N ILE A 38 7.48 17.88 4.57
CA ILE A 38 8.74 17.31 4.12
C ILE A 38 9.25 18.11 2.91
N PRO A 39 10.59 18.10 2.74
CA PRO A 39 11.21 18.81 1.63
C PRO A 39 11.01 18.06 0.31
N PHE A 40 10.29 18.70 -0.60
CA PHE A 40 10.02 18.11 -1.90
C PHE A 40 11.32 17.78 -2.64
N GLN A 41 11.16 17.32 -3.87
CA GLN A 41 12.31 16.98 -4.69
C GLN A 41 12.93 18.25 -5.30
N ASN A 42 12.07 19.24 -5.51
CA ASN A 42 12.51 20.50 -6.08
C ASN A 42 11.50 21.59 -5.76
N PRO A 43 12.03 22.82 -5.50
CA PRO A 43 11.18 23.95 -5.17
C PRO A 43 10.46 24.47 -6.43
N GLU A 44 11.02 24.13 -7.58
CA GLU A 44 10.45 24.55 -8.84
C GLU A 44 9.17 23.76 -9.14
N GLU A 45 8.99 22.68 -8.41
CA GLU A 45 7.82 21.84 -8.57
C GLU A 45 6.74 22.20 -7.55
N GLN A 46 7.09 23.14 -6.68
CA GLN A 46 6.18 23.59 -5.65
C GLN A 46 5.38 24.80 -6.13
N ASP A 47 4.18 24.95 -5.58
CA ASP A 47 3.32 26.04 -5.95
C ASP A 47 3.36 27.11 -4.85
N GLU A 48 2.80 28.27 -5.18
CA GLU A 48 2.77 29.37 -4.24
C GLU A 48 1.59 29.23 -3.28
N GLY A 49 1.90 28.78 -2.07
CA GLY A 49 0.87 28.59 -1.06
C GLY A 49 0.66 27.10 -0.77
N TRP A 50 1.30 26.27 -1.57
CA TRP A 50 1.20 24.84 -1.42
C TRP A 50 2.61 24.26 -1.33
N LEU A 51 2.78 23.30 -0.43
CA LEU A 51 4.07 22.67 -0.23
C LEU A 51 3.91 21.15 -0.30
N MET A 52 5.03 20.46 -0.30
CA MET A 52 5.02 19.01 -0.36
C MET A 52 4.98 18.40 1.05
N GLY A 53 3.89 17.70 1.33
CA GLY A 53 3.71 17.08 2.63
C GLY A 53 3.12 15.67 2.47
N VAL A 54 3.09 14.96 3.59
CA VAL A 54 2.56 13.61 3.60
C VAL A 54 1.60 13.45 4.78
N LYS A 55 0.57 12.65 4.56
CA LYS A 55 -0.43 12.40 5.59
C LYS A 55 0.11 11.34 6.55
N GLU A 56 -0.52 11.29 7.72
CA GLU A 56 -0.11 10.34 8.75
C GLU A 56 -0.23 8.91 8.21
N SER A 57 -1.24 8.71 7.38
CA SER A 57 -1.47 7.40 6.80
C SER A 57 -0.37 7.08 5.79
N ASP A 58 -0.09 8.04 4.93
CA ASP A 58 0.94 7.88 3.93
C ASP A 58 2.28 7.61 4.60
N TRP A 59 2.45 8.23 5.76
CA TRP A 59 3.68 8.08 6.52
C TRP A 59 3.93 6.58 6.72
N ASN A 60 2.88 5.88 7.12
CA ASN A 60 2.97 4.45 7.34
C ASN A 60 3.52 3.78 6.08
N GLN A 61 3.31 4.43 4.95
CA GLN A 61 3.78 3.91 3.68
C GLN A 61 5.12 4.54 3.31
N HIS A 62 5.76 5.11 4.32
CA HIS A 62 7.05 5.76 4.12
C HIS A 62 7.95 4.86 3.27
N LYS A 63 7.63 3.57 3.29
CA LYS A 63 8.40 2.60 2.53
C LYS A 63 8.38 2.99 1.05
N LYS A 64 7.27 3.61 0.65
CA LYS A 64 7.12 4.04 -0.72
C LYS A 64 6.64 5.49 -0.75
N LEU A 65 7.24 6.29 0.11
CA LEU A 65 6.89 7.70 0.20
C LEU A 65 7.06 8.34 -1.18
N GLU A 66 8.00 7.81 -1.94
CA GLU A 66 8.28 8.32 -3.27
C GLU A 66 7.01 8.27 -4.13
N LYS A 67 6.09 7.40 -3.73
CA LYS A 67 4.84 7.25 -4.44
C LYS A 67 3.68 7.67 -3.53
N CYS A 68 4.05 8.22 -2.38
CA CYS A 68 3.05 8.66 -1.41
C CYS A 68 3.12 10.18 -1.33
N ARG A 69 4.19 10.73 -1.89
CA ARG A 69 4.39 12.17 -1.87
C ARG A 69 3.18 12.88 -2.49
N GLY A 70 2.92 14.08 -1.99
CA GLY A 70 1.81 14.87 -2.48
C GLY A 70 2.00 16.35 -2.17
N VAL A 71 1.02 17.14 -2.58
CA VAL A 71 1.07 18.59 -2.35
C VAL A 71 -0.20 19.02 -1.61
N PHE A 72 -0.05 20.06 -0.81
CA PHE A 72 -1.16 20.59 -0.05
C PHE A 72 -0.93 22.05 0.33
N PRO A 73 -2.06 22.82 0.37
CA PRO A 73 -1.98 24.24 0.72
C PRO A 73 -1.75 24.41 2.22
N GLU A 74 -0.61 25.03 2.53
CA GLU A 74 -0.27 25.29 3.92
C GLU A 74 -1.22 26.30 4.54
N ASN A 75 -1.67 27.23 3.70
CA ASN A 75 -2.58 28.26 4.16
C ASN A 75 -3.94 27.64 4.48
N PHE A 76 -4.06 26.36 4.13
CA PHE A 76 -5.29 25.63 4.38
C PHE A 76 -5.11 24.63 5.52
N THR A 77 -3.91 24.64 6.09
CA THR A 77 -3.60 23.74 7.19
C THR A 77 -3.01 24.52 8.36
N GLU A 78 -2.69 23.78 9.41
CA GLU A 78 -2.11 24.39 10.61
C GLU A 78 -0.88 23.60 11.05
N ARG A 79 0.09 24.34 11.58
CA ARG A 79 1.32 23.73 12.05
C ARG A 79 1.10 23.11 13.44
N VAL A 80 1.69 21.94 13.64
CA VAL A 80 1.57 21.25 14.91
C VAL A 80 2.94 21.21 15.59
N PRO A 81 3.01 21.89 16.77
CA PRO A 81 4.26 21.94 17.53
C PRO A 81 4.51 20.61 18.24
N GLY A 1 3.46 2.28 11.73
CA GLY A 1 3.66 1.80 10.37
C GLY A 1 2.63 2.42 9.42
N ARG A 2 1.76 1.55 8.91
CA ARG A 2 0.73 2.00 7.99
C ARG A 2 -0.19 3.01 8.67
N LEU A 3 -1.02 3.66 7.85
CA LEU A 3 -1.95 4.65 8.36
C LEU A 3 -3.38 4.14 8.19
N ASP A 4 -3.52 3.13 7.35
CA ASP A 4 -4.82 2.55 7.09
C ASP A 4 -4.84 1.10 7.58
N LEU A 5 -6.01 0.67 8.03
CA LEU A 5 -6.16 -0.69 8.52
C LEU A 5 -6.73 -1.57 7.42
N PRO A 6 -6.53 -2.91 7.58
CA PRO A 6 -7.01 -3.86 6.60
C PRO A 6 -8.53 -4.05 6.72
N PRO A 7 -9.19 -4.06 5.53
CA PRO A 7 -10.64 -4.22 5.49
C PRO A 7 -11.03 -5.68 5.76
N GLY A 8 -11.98 -5.84 6.67
CA GLY A 8 -12.46 -7.17 7.03
C GLY A 8 -11.78 -7.66 8.31
N PHE A 9 -10.66 -7.04 8.63
CA PHE A 9 -9.91 -7.41 9.82
C PHE A 9 -10.85 -7.77 10.97
N MET A 10 -10.35 -8.60 11.86
CA MET A 10 -11.14 -9.03 13.00
C MET A 10 -10.53 -8.51 14.31
N PHE A 11 -9.40 -9.11 14.68
CA PHE A 11 -8.73 -8.71 15.90
C PHE A 11 -7.27 -9.18 15.89
N LYS A 12 -6.52 -8.73 16.90
CA LYS A 12 -5.12 -9.10 17.01
C LYS A 12 -5.00 -10.35 17.89
N VAL A 13 -4.04 -11.19 17.53
CA VAL A 13 -3.80 -12.42 18.27
C VAL A 13 -2.34 -12.46 18.73
N GLN A 14 -2.08 -13.37 19.65
CA GLN A 14 -0.73 -13.53 20.17
C GLN A 14 -0.31 -15.00 20.13
N ALA A 15 0.75 -15.26 19.37
CA ALA A 15 1.25 -16.61 19.24
C ALA A 15 1.77 -17.10 20.59
N GLN A 16 1.68 -18.40 20.80
CA GLN A 16 2.13 -19.00 22.04
C GLN A 16 3.20 -20.05 21.77
N HIS A 17 3.49 -20.24 20.49
CA HIS A 17 4.50 -21.21 20.08
C HIS A 17 5.22 -20.70 18.84
N ASP A 18 6.30 -21.39 18.49
CA ASP A 18 7.10 -21.01 17.33
C ASP A 18 6.87 -22.04 16.22
N TYR A 19 6.00 -21.67 15.28
CA TYR A 19 5.68 -22.54 14.17
C TYR A 19 6.31 -22.02 12.88
N THR A 20 7.39 -22.67 12.48
CA THR A 20 8.09 -22.29 11.26
C THR A 20 7.32 -22.76 10.03
N ALA A 21 6.81 -21.79 9.29
CA ALA A 21 6.05 -22.10 8.09
C ALA A 21 6.82 -21.60 6.86
N THR A 22 7.18 -22.54 6.00
CA THR A 22 7.91 -22.20 4.79
C THR A 22 7.10 -22.57 3.55
N ASP A 23 6.39 -21.57 3.04
CA ASP A 23 5.57 -21.78 1.86
C ASP A 23 5.67 -20.54 0.95
N THR A 24 4.88 -20.57 -0.12
CA THR A 24 4.87 -19.47 -1.06
C THR A 24 4.01 -18.32 -0.53
N ASP A 25 3.23 -18.63 0.50
CA ASP A 25 2.36 -17.63 1.11
C ASP A 25 1.96 -18.11 2.50
N GLU A 26 2.96 -18.58 3.24
CA GLU A 26 2.72 -19.06 4.60
C GLU A 26 2.93 -17.92 5.60
N LEU A 27 2.55 -18.20 6.84
CA LEU A 27 2.69 -17.22 7.91
C LEU A 27 3.52 -17.82 9.04
N GLN A 28 4.69 -17.26 9.25
CA GLN A 28 5.58 -17.73 10.30
C GLN A 28 5.20 -17.09 11.64
N LEU A 29 5.13 -17.93 12.66
CA LEU A 29 4.79 -17.46 13.99
C LEU A 29 5.87 -17.88 14.98
N LYS A 30 6.24 -16.96 15.85
CA LYS A 30 7.26 -17.23 16.85
C LYS A 30 6.64 -17.12 18.25
N ALA A 31 6.88 -18.15 19.04
CA ALA A 31 6.36 -18.16 20.41
C ALA A 31 6.41 -16.75 20.98
N GLY A 32 5.26 -16.09 20.94
CA GLY A 32 5.15 -14.73 21.45
C GLY A 32 5.18 -13.71 20.32
N ASP A 33 4.37 -13.97 19.30
CA ASP A 33 4.30 -13.08 18.16
C ASP A 33 2.92 -12.42 18.11
N VAL A 34 2.78 -11.44 17.23
CA VAL A 34 1.53 -10.72 17.09
C VAL A 34 1.01 -10.90 15.66
N VAL A 35 -0.22 -11.39 15.57
CA VAL A 35 -0.84 -11.62 14.27
C VAL A 35 -2.29 -11.12 14.32
N LEU A 36 -2.70 -10.50 13.22
CA LEU A 36 -4.05 -9.98 13.12
C LEU A 36 -4.91 -10.94 12.30
N VAL A 37 -6.08 -11.24 12.83
CA VAL A 37 -7.00 -12.14 12.15
C VAL A 37 -7.80 -11.36 11.10
N ILE A 38 -7.54 -11.70 9.85
CA ILE A 38 -8.23 -11.04 8.74
C ILE A 38 -8.96 -12.09 7.91
N PRO A 39 -10.05 -11.62 7.24
CA PRO A 39 -10.84 -12.51 6.40
C PRO A 39 -10.12 -12.82 5.08
N PHE A 40 -9.80 -14.09 4.90
CA PHE A 40 -9.12 -14.54 3.70
C PHE A 40 -9.91 -14.16 2.44
N GLN A 41 -9.43 -14.65 1.31
CA GLN A 41 -10.07 -14.37 0.05
C GLN A 41 -11.15 -15.42 -0.24
N ASN A 42 -11.17 -16.45 0.59
CA ASN A 42 -12.15 -17.52 0.44
C ASN A 42 -11.90 -18.58 1.51
N PRO A 43 -13.02 -19.22 1.95
CA PRO A 43 -12.94 -20.26 2.97
C PRO A 43 -12.37 -21.55 2.40
N GLU A 44 -12.41 -21.64 1.07
CA GLU A 44 -11.90 -22.81 0.39
C GLU A 44 -10.38 -22.89 0.50
N GLU A 45 -9.77 -21.72 0.66
CA GLU A 45 -8.33 -21.63 0.78
C GLU A 45 -7.91 -21.77 2.24
N GLN A 46 -8.91 -21.86 3.11
CA GLN A 46 -8.66 -22.01 4.53
C GLN A 46 -8.51 -23.48 4.90
N ASP A 47 -7.73 -23.72 5.94
CA ASP A 47 -7.49 -25.09 6.40
C ASP A 47 -8.25 -25.31 7.71
N GLU A 48 -8.29 -26.56 8.13
CA GLU A 48 -8.98 -26.92 9.35
C GLU A 48 -8.06 -26.70 10.56
N GLY A 49 -8.23 -25.55 11.19
CA GLY A 49 -7.43 -25.21 12.35
C GLY A 49 -6.45 -24.08 12.02
N TRP A 50 -6.52 -23.62 10.78
CA TRP A 50 -5.65 -22.55 10.33
C TRP A 50 -6.50 -21.52 9.60
N LEU A 51 -6.14 -20.26 9.76
CA LEU A 51 -6.86 -19.18 9.11
C LEU A 51 -5.85 -18.17 8.54
N MET A 52 -6.39 -17.21 7.80
CA MET A 52 -5.56 -16.19 7.18
C MET A 52 -5.35 -15.01 8.13
N GLY A 53 -4.10 -14.80 8.50
CA GLY A 53 -3.76 -13.71 9.41
C GLY A 53 -2.47 -13.03 8.98
N VAL A 54 -2.24 -11.85 9.53
CA VAL A 54 -1.04 -11.08 9.21
C VAL A 54 -0.33 -10.70 10.51
N LYS A 55 0.99 -10.66 10.44
CA LYS A 55 1.80 -10.31 11.59
C LYS A 55 1.71 -8.81 11.83
N GLU A 56 2.12 -8.41 13.03
CA GLU A 56 2.09 -7.00 13.40
C GLU A 56 3.00 -6.19 12.47
N SER A 57 4.17 -6.74 12.21
CA SER A 57 5.14 -6.09 11.35
C SER A 57 4.57 -5.96 9.93
N ASP A 58 3.99 -7.06 9.46
CA ASP A 58 3.40 -7.08 8.13
C ASP A 58 2.30 -6.01 8.04
N TRP A 59 1.63 -5.82 9.16
CA TRP A 59 0.55 -4.84 9.22
C TRP A 59 1.10 -3.50 8.71
N ASN A 60 2.37 -3.27 9.02
CA ASN A 60 3.03 -2.04 8.60
C ASN A 60 3.11 -2.01 7.07
N GLN A 61 3.10 -3.19 6.48
CA GLN A 61 3.18 -3.32 5.03
C GLN A 61 1.77 -3.28 4.42
N HIS A 62 0.84 -2.78 5.21
CA HIS A 62 -0.54 -2.69 4.76
C HIS A 62 -0.58 -2.14 3.33
N LYS A 63 0.48 -1.43 2.97
CA LYS A 63 0.59 -0.85 1.64
C LYS A 63 0.48 -1.96 0.61
N LYS A 64 0.95 -3.14 0.99
CA LYS A 64 0.90 -4.29 0.10
C LYS A 64 0.80 -5.57 0.93
N LEU A 65 -0.17 -5.58 1.82
CA LEU A 65 -0.38 -6.74 2.68
C LEU A 65 -0.90 -7.91 1.84
N GLU A 66 -1.62 -7.56 0.79
CA GLU A 66 -2.18 -8.58 -0.10
C GLU A 66 -1.07 -9.51 -0.59
N LYS A 67 0.14 -8.98 -0.65
CA LYS A 67 1.29 -9.76 -1.09
C LYS A 67 2.09 -10.21 0.13
N CYS A 68 1.51 -9.97 1.30
CA CYS A 68 2.16 -10.35 2.54
C CYS A 68 1.22 -11.28 3.31
N ARG A 69 0.12 -11.62 2.67
CA ARG A 69 -0.87 -12.49 3.28
C ARG A 69 -0.26 -13.87 3.54
N GLY A 70 -0.75 -14.51 4.60
CA GLY A 70 -0.27 -15.84 4.97
C GLY A 70 -1.31 -16.59 5.79
N VAL A 71 -0.95 -17.80 6.17
CA VAL A 71 -1.85 -18.64 6.95
C VAL A 71 -1.14 -19.07 8.23
N PHE A 72 -1.95 -19.32 9.26
CA PHE A 72 -1.42 -19.74 10.54
C PHE A 72 -2.48 -20.48 11.37
N PRO A 73 -2.00 -21.46 12.18
CA PRO A 73 -2.90 -22.24 13.01
C PRO A 73 -3.38 -21.43 14.22
N GLU A 74 -4.68 -21.19 14.26
CA GLU A 74 -5.27 -20.43 15.34
C GLU A 74 -5.17 -21.22 16.65
N ASN A 75 -5.24 -22.53 16.52
CA ASN A 75 -5.16 -23.40 17.69
C ASN A 75 -3.75 -23.34 18.27
N PHE A 76 -2.86 -22.69 17.53
CA PHE A 76 -1.49 -22.56 17.96
C PHE A 76 -1.20 -21.11 18.42
N THR A 77 -2.25 -20.30 18.38
CA THR A 77 -2.12 -18.91 18.79
C THR A 77 -3.18 -18.56 19.83
N GLU A 78 -3.14 -17.32 20.29
CA GLU A 78 -4.09 -16.85 21.28
C GLU A 78 -4.71 -15.54 20.84
N ARG A 79 -5.99 -15.38 21.16
CA ARG A 79 -6.72 -14.18 20.81
C ARG A 79 -6.40 -13.05 21.78
N VAL A 80 -6.14 -11.88 21.22
CA VAL A 80 -5.82 -10.71 22.02
C VAL A 80 -6.99 -9.72 21.97
N PRO A 81 -7.61 -9.50 23.16
CA PRO A 81 -8.73 -8.58 23.26
C PRO A 81 -8.26 -7.13 23.19
N GLY A 1 3.46 2.28 11.73
CA GLY A 1 3.66 1.80 10.37
C GLY A 1 4.26 0.40 10.36
N ARG A 2 4.21 -0.23 9.20
CA ARG A 2 4.74 -1.57 9.04
C ARG A 2 5.71 -1.62 7.87
N LEU A 3 6.77 -2.41 8.05
CA LEU A 3 7.77 -2.56 7.01
C LEU A 3 7.48 -3.82 6.20
N ASP A 4 7.02 -4.84 6.90
CA ASP A 4 6.69 -6.11 6.27
C ASP A 4 5.42 -5.95 5.45
N LEU A 5 5.28 -6.82 4.45
CA LEU A 5 4.11 -6.79 3.59
C LEU A 5 3.18 -7.94 3.96
N PRO A 6 1.88 -7.77 3.58
CA PRO A 6 0.88 -8.79 3.87
C PRO A 6 1.03 -9.99 2.93
N PRO A 7 0.96 -11.20 3.54
CA PRO A 7 1.08 -12.43 2.77
C PRO A 7 -0.19 -12.71 1.97
N GLY A 8 0.02 -13.15 0.73
CA GLY A 8 -1.10 -13.46 -0.15
C GLY A 8 -1.54 -12.22 -0.93
N PHE A 9 -1.19 -11.07 -0.39
CA PHE A 9 -1.54 -9.81 -1.03
C PHE A 9 -1.46 -9.91 -2.54
N MET A 10 -2.24 -9.09 -3.22
CA MET A 10 -2.26 -9.08 -4.66
C MET A 10 -1.79 -7.73 -5.22
N PHE A 11 -2.61 -6.72 -5.02
CA PHE A 11 -2.29 -5.39 -5.49
C PHE A 11 -3.06 -4.33 -4.70
N LYS A 12 -2.83 -3.07 -5.07
CA LYS A 12 -3.49 -1.97 -4.41
C LYS A 12 -4.65 -1.47 -5.28
N VAL A 13 -5.69 -1.00 -4.61
CA VAL A 13 -6.86 -0.49 -5.31
C VAL A 13 -7.19 0.90 -4.80
N GLN A 14 -8.01 1.61 -5.56
CA GLN A 14 -8.42 2.95 -5.20
C GLN A 14 -9.93 3.11 -5.35
N ALA A 15 -10.57 3.43 -4.23
CA ALA A 15 -12.02 3.61 -4.23
C ALA A 15 -12.37 4.87 -5.03
N GLN A 16 -13.60 4.89 -5.53
CA GLN A 16 -14.07 6.02 -6.30
C GLN A 16 -15.37 6.56 -5.73
N HIS A 17 -15.80 5.94 -4.64
CA HIS A 17 -17.03 6.35 -3.98
C HIS A 17 -16.89 6.13 -2.47
N ASP A 18 -17.86 6.66 -1.73
CA ASP A 18 -17.86 6.53 -0.29
C ASP A 18 -18.96 5.55 0.13
N TYR A 19 -18.54 4.34 0.45
CA TYR A 19 -19.47 3.31 0.87
C TYR A 19 -19.23 2.92 2.33
N THR A 20 -20.18 3.30 3.18
CA THR A 20 -20.08 2.99 4.59
C THR A 20 -20.49 1.53 4.85
N ALA A 21 -19.52 0.75 5.28
CA ALA A 21 -19.77 -0.66 5.57
C ALA A 21 -19.61 -0.90 7.07
N THR A 22 -20.71 -1.30 7.69
CA THR A 22 -20.72 -1.56 9.12
C THR A 22 -21.10 -3.02 9.38
N ASP A 23 -20.08 -3.86 9.50
CA ASP A 23 -20.30 -5.28 9.75
C ASP A 23 -19.23 -5.78 10.72
N THR A 24 -19.27 -7.08 10.96
CA THR A 24 -18.31 -7.70 11.87
C THR A 24 -16.97 -7.90 11.16
N ASP A 25 -17.00 -7.77 9.84
CA ASP A 25 -15.80 -7.93 9.04
C ASP A 25 -15.96 -7.19 7.72
N GLU A 26 -16.52 -5.98 7.82
CA GLU A 26 -16.73 -5.15 6.65
C GLU A 26 -15.53 -4.23 6.42
N LEU A 27 -15.52 -3.62 5.25
CA LEU A 27 -14.44 -2.71 4.89
C LEU A 27 -15.03 -1.39 4.40
N GLN A 28 -14.79 -0.34 5.19
CA GLN A 28 -15.28 0.98 4.85
C GLN A 28 -14.40 1.62 3.78
N LEU A 29 -15.07 2.22 2.80
CA LEU A 29 -14.37 2.87 1.70
C LEU A 29 -14.90 4.30 1.55
N LYS A 30 -13.97 5.22 1.29
CA LYS A 30 -14.32 6.61 1.12
C LYS A 30 -13.87 7.09 -0.26
N ALA A 31 -14.80 7.71 -0.98
CA ALA A 31 -14.51 8.21 -2.31
C ALA A 31 -13.06 8.72 -2.35
N GLY A 32 -12.18 7.87 -2.86
CA GLY A 32 -10.78 8.22 -2.97
C GLY A 32 -9.97 7.61 -1.81
N ASP A 33 -10.16 6.31 -1.63
CA ASP A 33 -9.46 5.60 -0.57
C ASP A 33 -8.47 4.61 -1.20
N VAL A 34 -7.57 4.11 -0.36
CA VAL A 34 -6.57 3.15 -0.81
C VAL A 34 -6.75 1.84 -0.06
N VAL A 35 -6.92 0.78 -0.83
CA VAL A 35 -7.09 -0.55 -0.24
C VAL A 35 -6.23 -1.55 -1.00
N LEU A 36 -5.78 -2.57 -0.27
CA LEU A 36 -4.95 -3.60 -0.85
C LEU A 36 -5.76 -4.89 -0.98
N VAL A 37 -5.69 -5.49 -2.16
CA VAL A 37 -6.41 -6.72 -2.42
C VAL A 37 -5.63 -7.90 -1.84
N ILE A 38 -6.23 -8.54 -0.85
CA ILE A 38 -5.60 -9.67 -0.20
C ILE A 38 -6.55 -10.87 -0.24
N PRO A 39 -5.95 -12.09 -0.23
CA PRO A 39 -6.73 -13.32 -0.26
C PRO A 39 -7.38 -13.59 1.10
N PHE A 40 -8.70 -13.58 1.09
CA PHE A 40 -9.45 -13.83 2.30
C PHE A 40 -9.09 -15.18 2.90
N GLN A 41 -9.85 -15.56 3.94
CA GLN A 41 -9.62 -16.83 4.60
C GLN A 41 -10.38 -17.95 3.89
N ASN A 42 -11.35 -17.54 3.09
CA ASN A 42 -12.16 -18.50 2.34
C ASN A 42 -13.07 -17.74 1.38
N PRO A 43 -13.36 -18.40 0.23
CA PRO A 43 -14.21 -17.81 -0.78
C PRO A 43 -15.69 -17.85 -0.35
N GLU A 44 -15.96 -18.69 0.63
CA GLU A 44 -17.31 -18.82 1.14
C GLU A 44 -17.69 -17.59 1.96
N GLU A 45 -16.67 -16.85 2.37
CA GLU A 45 -16.90 -15.66 3.16
C GLU A 45 -16.95 -14.43 2.26
N GLN A 46 -16.65 -14.65 0.98
CA GLN A 46 -16.67 -13.57 0.01
C GLN A 46 -18.02 -13.51 -0.69
N ASP A 47 -18.36 -12.31 -1.15
CA ASP A 47 -19.62 -12.10 -1.84
C ASP A 47 -19.36 -11.88 -3.32
N GLU A 48 -20.45 -11.86 -4.09
CA GLU A 48 -20.34 -11.67 -5.53
C GLU A 48 -20.20 -10.17 -5.86
N GLY A 49 -18.99 -9.79 -6.22
CA GLY A 49 -18.71 -8.41 -6.55
C GLY A 49 -17.89 -7.73 -5.46
N TRP A 50 -17.84 -8.38 -4.31
CA TRP A 50 -17.10 -7.85 -3.18
C TRP A 50 -16.01 -8.86 -2.82
N LEU A 51 -14.82 -8.33 -2.55
CA LEU A 51 -13.69 -9.17 -2.20
C LEU A 51 -13.11 -8.69 -0.87
N MET A 52 -12.19 -9.49 -0.34
CA MET A 52 -11.56 -9.15 0.93
C MET A 52 -10.30 -8.29 0.70
N GLY A 53 -10.38 -7.05 1.15
CA GLY A 53 -9.27 -6.13 1.00
C GLY A 53 -8.99 -5.39 2.31
N VAL A 54 -7.82 -4.76 2.36
CA VAL A 54 -7.42 -4.02 3.54
C VAL A 54 -7.04 -2.59 3.13
N LYS A 55 -7.39 -1.65 4.00
CA LYS A 55 -7.10 -0.25 3.74
C LYS A 55 -5.61 0.01 3.98
N GLU A 56 -5.13 1.11 3.42
CA GLU A 56 -3.73 1.48 3.57
C GLU A 56 -3.37 1.62 5.05
N SER A 57 -4.29 2.22 5.79
CA SER A 57 -4.09 2.42 7.22
C SER A 57 -3.97 1.07 7.94
N ASP A 58 -4.79 0.13 7.50
CA ASP A 58 -4.79 -1.20 8.09
C ASP A 58 -3.42 -1.84 7.87
N TRP A 59 -2.81 -1.50 6.75
CA TRP A 59 -1.50 -2.03 6.40
C TRP A 59 -0.57 -1.78 7.59
N ASN A 60 -0.60 -0.56 8.08
CA ASN A 60 0.24 -0.18 9.21
C ASN A 60 -0.25 -0.91 10.46
N GLN A 61 -1.53 -1.27 10.44
CA GLN A 61 -2.12 -1.97 11.56
C GLN A 61 -1.88 -3.48 11.44
N HIS A 62 -0.90 -3.82 10.61
CA HIS A 62 -0.56 -5.21 10.40
C HIS A 62 -0.48 -5.94 11.74
N LYS A 63 -0.26 -5.16 12.79
CA LYS A 63 -0.17 -5.70 14.13
C LYS A 63 -1.46 -6.46 14.46
N LYS A 64 -2.55 -5.99 13.86
CA LYS A 64 -3.85 -6.61 14.08
C LYS A 64 -4.63 -6.60 12.76
N LEU A 65 -3.98 -7.11 11.73
CA LEU A 65 -4.61 -7.17 10.41
C LEU A 65 -5.74 -8.21 10.44
N GLU A 66 -5.55 -9.22 11.28
CA GLU A 66 -6.54 -10.28 11.41
C GLU A 66 -7.90 -9.69 11.78
N LYS A 67 -7.85 -8.62 12.56
CA LYS A 67 -9.07 -7.95 13.00
C LYS A 67 -9.25 -6.66 12.19
N CYS A 68 -8.41 -6.50 11.18
CA CYS A 68 -8.47 -5.33 10.33
C CYS A 68 -8.97 -5.75 8.96
N ARG A 69 -9.16 -7.06 8.80
CA ARG A 69 -9.64 -7.60 7.54
C ARG A 69 -11.09 -7.17 7.30
N GLY A 70 -11.43 -7.07 6.02
CA GLY A 70 -12.77 -6.68 5.63
C GLY A 70 -13.03 -6.97 4.15
N VAL A 71 -14.23 -6.63 3.72
CA VAL A 71 -14.61 -6.84 2.33
C VAL A 71 -15.13 -5.53 1.74
N PHE A 72 -15.09 -5.45 0.42
CA PHE A 72 -15.54 -4.26 -0.28
C PHE A 72 -15.87 -4.58 -1.73
N PRO A 73 -16.81 -3.76 -2.30
CA PRO A 73 -17.22 -3.95 -3.68
C PRO A 73 -16.14 -3.43 -4.65
N GLU A 74 -15.60 -4.36 -5.43
CA GLU A 74 -14.57 -4.00 -6.39
C GLU A 74 -15.15 -3.11 -7.49
N ASN A 75 -16.41 -3.37 -7.82
CA ASN A 75 -17.08 -2.59 -8.84
C ASN A 75 -17.21 -1.14 -8.38
N PHE A 76 -17.12 -0.96 -7.07
CA PHE A 76 -17.23 0.37 -6.50
C PHE A 76 -15.84 0.99 -6.29
N THR A 77 -14.83 0.23 -6.67
CA THR A 77 -13.46 0.69 -6.55
C THR A 77 -12.70 0.50 -7.87
N GLU A 78 -11.44 0.90 -7.85
CA GLU A 78 -10.60 0.78 -9.02
C GLU A 78 -9.26 0.12 -8.66
N ARG A 79 -8.71 -0.58 -9.64
CA ARG A 79 -7.44 -1.26 -9.44
C ARG A 79 -6.28 -0.31 -9.72
N VAL A 80 -5.35 -0.27 -8.78
CA VAL A 80 -4.19 0.60 -8.91
C VAL A 80 -2.97 -0.25 -9.27
N PRO A 81 -2.43 0.00 -10.49
CA PRO A 81 -1.27 -0.73 -10.96
C PRO A 81 0.01 -0.25 -10.26
N GLY A 1 3.46 2.28 11.73
CA GLY A 1 3.66 1.80 10.37
C GLY A 1 2.52 0.88 9.94
N ARG A 2 2.67 0.32 8.75
CA ARG A 2 1.66 -0.58 8.21
C ARG A 2 1.94 -2.01 8.67
N LEU A 3 1.19 -2.94 8.09
CA LEU A 3 1.34 -4.35 8.43
C LEU A 3 1.46 -5.16 7.15
N ASP A 4 0.65 -4.78 6.17
CA ASP A 4 0.64 -5.46 4.88
C ASP A 4 1.13 -4.50 3.80
N LEU A 5 1.64 -5.09 2.72
CA LEU A 5 2.13 -4.31 1.61
C LEU A 5 0.96 -3.90 0.72
N PRO A 6 1.20 -2.85 -0.12
CA PRO A 6 0.18 -2.35 -1.03
C PRO A 6 0.00 -3.30 -2.22
N PRO A 7 -1.29 -3.56 -2.56
CA PRO A 7 -1.61 -4.44 -3.67
C PRO A 7 -1.36 -3.74 -5.00
N GLY A 8 -0.76 -4.49 -5.92
CA GLY A 8 -0.47 -3.96 -7.24
C GLY A 8 0.90 -3.28 -7.27
N PHE A 9 1.35 -2.88 -6.08
CA PHE A 9 2.63 -2.22 -5.96
C PHE A 9 3.65 -2.82 -6.93
N MET A 10 4.60 -1.99 -7.33
CA MET A 10 5.64 -2.42 -8.25
C MET A 10 7.00 -2.49 -7.55
N PHE A 11 7.54 -1.32 -7.25
CA PHE A 11 8.83 -1.24 -6.58
C PHE A 11 9.01 0.13 -5.92
N LYS A 12 10.15 0.27 -5.24
CA LYS A 12 10.46 1.51 -4.54
C LYS A 12 11.31 2.39 -5.45
N VAL A 13 11.12 3.70 -5.31
CA VAL A 13 11.87 4.66 -6.11
C VAL A 13 12.47 5.72 -5.19
N GLN A 14 13.39 6.49 -5.74
CA GLN A 14 14.03 7.55 -4.99
C GLN A 14 14.07 8.83 -5.81
N ALA A 15 13.48 9.88 -5.24
CA ALA A 15 13.44 11.18 -5.90
C ALA A 15 14.85 11.77 -5.95
N GLN A 16 15.09 12.55 -6.99
CA GLN A 16 16.39 13.18 -7.15
C GLN A 16 16.24 14.71 -7.21
N HIS A 17 14.99 15.14 -7.17
CA HIS A 17 14.69 16.56 -7.22
C HIS A 17 13.49 16.87 -6.32
N ASP A 18 13.27 18.16 -6.12
CA ASP A 18 12.15 18.60 -5.28
C ASP A 18 11.07 19.22 -6.17
N TYR A 19 10.04 18.43 -6.44
CA TYR A 19 8.95 18.88 -7.26
C TYR A 19 7.67 19.09 -6.43
N THR A 20 7.38 20.35 -6.18
CA THR A 20 6.21 20.70 -5.39
C THR A 20 4.93 20.54 -6.23
N ALA A 21 4.12 19.57 -5.84
CA ALA A 21 2.88 19.31 -6.55
C ALA A 21 1.70 19.64 -5.63
N THR A 22 0.90 20.61 -6.08
CA THR A 22 -0.26 21.02 -5.31
C THR A 22 -1.54 20.76 -6.11
N ASP A 23 -2.14 19.61 -5.83
CA ASP A 23 -3.36 19.23 -6.50
C ASP A 23 -4.29 18.54 -5.51
N THR A 24 -5.41 18.05 -6.02
CA THR A 24 -6.39 17.37 -5.20
C THR A 24 -5.99 15.90 -5.00
N ASP A 25 -5.00 15.48 -5.76
CA ASP A 25 -4.52 14.11 -5.68
C ASP A 25 -3.11 14.04 -6.30
N GLU A 26 -2.32 15.04 -5.98
CA GLU A 26 -0.95 15.10 -6.49
C GLU A 26 0.00 14.43 -5.51
N LEU A 27 1.24 14.25 -5.96
CA LEU A 27 2.26 13.63 -5.14
C LEU A 27 3.49 14.53 -5.09
N GLN A 28 3.80 14.99 -3.87
CA GLN A 28 4.94 15.86 -3.68
C GLN A 28 6.22 15.02 -3.50
N LEU A 29 7.29 15.49 -4.14
CA LEU A 29 8.56 14.79 -4.06
C LEU A 29 9.65 15.79 -3.69
N LYS A 30 10.55 15.34 -2.83
CA LYS A 30 11.65 16.19 -2.38
C LYS A 30 12.98 15.53 -2.75
N ALA A 31 13.85 16.33 -3.34
CA ALA A 31 15.15 15.84 -3.75
C ALA A 31 15.71 14.90 -2.69
N GLY A 32 15.52 13.61 -2.93
CA GLY A 32 15.99 12.59 -2.00
C GLY A 32 14.84 12.04 -1.16
N ASP A 33 13.77 11.69 -1.85
CA ASP A 33 12.60 11.15 -1.18
C ASP A 33 12.40 9.69 -1.60
N VAL A 34 11.54 9.00 -0.87
CA VAL A 34 11.26 7.60 -1.15
C VAL A 34 9.79 7.46 -1.56
N VAL A 35 9.60 6.91 -2.75
CA VAL A 35 8.26 6.71 -3.28
C VAL A 35 8.16 5.31 -3.90
N LEU A 36 7.01 4.69 -3.69
CA LEU A 36 6.79 3.35 -4.23
C LEU A 36 5.84 3.45 -5.42
N VAL A 37 6.24 2.77 -6.50
CA VAL A 37 5.43 2.78 -7.71
C VAL A 37 4.27 1.80 -7.54
N ILE A 38 3.06 2.33 -7.66
CA ILE A 38 1.87 1.53 -7.52
C ILE A 38 0.96 1.76 -8.73
N PRO A 39 0.15 0.72 -9.05
CA PRO A 39 -0.76 0.80 -10.18
C PRO A 39 -1.97 1.68 -9.85
N PHE A 40 -2.09 2.77 -10.58
CA PHE A 40 -3.19 3.70 -10.38
C PHE A 40 -4.53 3.02 -10.63
N GLN A 41 -5.58 3.82 -10.54
CA GLN A 41 -6.93 3.32 -10.75
C GLN A 41 -7.23 3.21 -12.25
N ASN A 42 -6.48 3.96 -13.02
CA ASN A 42 -6.65 3.95 -14.47
C ASN A 42 -5.48 4.70 -15.12
N PRO A 43 -5.11 4.24 -16.35
CA PRO A 43 -4.03 4.86 -17.08
C PRO A 43 -4.46 6.20 -17.68
N GLU A 44 -5.77 6.39 -17.75
CA GLU A 44 -6.31 7.62 -18.29
C GLU A 44 -6.07 8.79 -17.32
N GLU A 45 -5.84 8.43 -16.06
CA GLU A 45 -5.60 9.42 -15.03
C GLU A 45 -4.10 9.69 -14.90
N GLN A 46 -3.33 8.99 -15.71
CA GLN A 46 -1.88 9.15 -15.70
C GLN A 46 -1.45 10.11 -16.81
N ASP A 47 -0.32 10.76 -16.58
CA ASP A 47 0.21 11.70 -17.55
C ASP A 47 1.42 11.09 -18.25
N GLU A 48 1.88 11.76 -19.28
CA GLU A 48 3.03 11.29 -20.04
C GLU A 48 4.33 11.67 -19.33
N GLY A 49 4.89 10.69 -18.63
CA GLY A 49 6.13 10.91 -17.90
C GLY A 49 5.87 10.93 -16.39
N TRP A 50 4.61 10.77 -16.02
CA TRP A 50 4.23 10.77 -14.63
C TRP A 50 3.40 9.51 -14.36
N LEU A 51 3.57 8.96 -13.17
CA LEU A 51 2.84 7.76 -12.78
C LEU A 51 2.33 7.92 -11.35
N MET A 52 1.52 6.96 -10.94
CA MET A 52 0.95 6.98 -9.61
C MET A 52 1.86 6.25 -8.61
N GLY A 53 2.40 7.02 -7.69
CA GLY A 53 3.30 6.48 -6.67
C GLY A 53 2.89 6.94 -5.28
N VAL A 54 3.54 6.34 -4.28
CA VAL A 54 3.25 6.69 -2.89
C VAL A 54 4.57 6.81 -2.12
N LYS A 55 4.61 7.77 -1.22
CA LYS A 55 5.79 8.00 -0.41
C LYS A 55 5.89 6.91 0.67
N GLU A 56 7.09 6.75 1.21
CA GLU A 56 7.32 5.77 2.24
C GLU A 56 6.42 6.04 3.44
N SER A 57 6.31 7.31 3.77
CA SER A 57 5.49 7.72 4.91
C SER A 57 4.03 7.31 4.67
N ASP A 58 3.61 7.44 3.42
CA ASP A 58 2.25 7.10 3.05
C ASP A 58 2.06 5.58 3.18
N TRP A 59 3.15 4.87 2.92
CA TRP A 59 3.13 3.42 3.00
C TRP A 59 2.52 3.02 4.35
N ASN A 60 3.01 3.67 5.40
CA ASN A 60 2.53 3.40 6.75
C ASN A 60 1.01 3.57 6.78
N GLN A 61 0.52 4.40 5.86
CA GLN A 61 -0.91 4.65 5.77
C GLN A 61 -1.58 3.61 4.88
N HIS A 62 -0.87 2.51 4.66
CA HIS A 62 -1.39 1.44 3.83
C HIS A 62 -2.85 1.17 4.19
N LYS A 63 -3.20 1.54 5.42
CA LYS A 63 -4.56 1.34 5.90
C LYS A 63 -5.54 2.08 4.98
N LYS A 64 -5.14 3.28 4.60
CA LYS A 64 -5.96 4.10 3.72
C LYS A 64 -5.07 4.93 2.80
N LEU A 65 -4.04 4.27 2.28
CA LEU A 65 -3.10 4.93 1.40
C LEU A 65 -3.79 5.22 0.06
N GLU A 66 -4.74 4.36 -0.28
CA GLU A 66 -5.48 4.51 -1.52
C GLU A 66 -6.09 5.92 -1.60
N LYS A 67 -6.30 6.51 -0.44
CA LYS A 67 -6.87 7.85 -0.36
C LYS A 67 -5.75 8.87 -0.19
N CYS A 68 -4.52 8.38 -0.32
CA CYS A 68 -3.36 9.25 -0.19
C CYS A 68 -2.52 9.12 -1.46
N ARG A 69 -3.06 8.37 -2.41
CA ARG A 69 -2.37 8.16 -3.67
C ARG A 69 -2.14 9.50 -4.39
N GLY A 70 -1.13 9.51 -5.24
CA GLY A 70 -0.80 10.71 -5.98
C GLY A 70 -0.03 10.38 -7.25
N VAL A 71 0.33 11.42 -7.99
CA VAL A 71 1.06 11.24 -9.24
C VAL A 71 2.39 12.00 -9.14
N PHE A 72 3.36 11.51 -9.90
CA PHE A 72 4.68 12.12 -9.92
C PHE A 72 5.46 11.73 -11.17
N PRO A 73 6.35 12.65 -11.61
CA PRO A 73 7.16 12.41 -12.79
C PRO A 73 8.28 11.41 -12.50
N GLU A 74 8.20 10.27 -13.17
CA GLU A 74 9.20 9.23 -13.00
C GLU A 74 10.56 9.70 -13.54
N ASN A 75 10.50 10.49 -14.60
CA ASN A 75 11.71 11.00 -15.22
C ASN A 75 12.40 11.97 -14.24
N PHE A 76 11.68 12.30 -13.18
CA PHE A 76 12.22 13.20 -12.18
C PHE A 76 12.65 12.44 -10.92
N THR A 77 12.48 11.13 -10.98
CA THR A 77 12.85 10.28 -9.87
C THR A 77 13.79 9.16 -10.34
N GLU A 78 14.17 8.32 -9.39
CA GLU A 78 15.06 7.21 -9.68
C GLU A 78 14.47 5.91 -9.14
N ARG A 79 14.75 4.82 -9.86
CA ARG A 79 14.25 3.51 -9.47
C ARG A 79 15.18 2.89 -8.43
N VAL A 80 14.57 2.34 -7.39
CA VAL A 80 15.32 1.70 -6.33
C VAL A 80 14.98 0.21 -6.28
N PRO A 81 16.06 -0.62 -6.20
CA PRO A 81 15.89 -2.07 -6.15
C PRO A 81 15.38 -2.51 -4.77
N GLY A 1 3.46 2.28 11.73
CA GLY A 1 3.66 1.80 10.37
C GLY A 1 2.53 2.28 9.45
N ARG A 2 2.05 1.36 8.62
CA ARG A 2 0.98 1.67 7.70
C ARG A 2 -0.20 2.30 8.43
N LEU A 3 -1.25 2.57 7.69
CA LEU A 3 -2.45 3.17 8.26
C LEU A 3 -3.63 2.20 8.11
N ASP A 4 -3.66 1.54 6.97
CA ASP A 4 -4.73 0.59 6.69
C ASP A 4 -4.12 -0.82 6.59
N LEU A 5 -4.96 -1.80 6.87
CA LEU A 5 -4.54 -3.19 6.82
C LEU A 5 -4.63 -3.69 5.38
N PRO A 6 -3.90 -4.80 5.11
CA PRO A 6 -3.89 -5.39 3.78
C PRO A 6 -5.18 -6.15 3.52
N PRO A 7 -5.74 -5.93 2.29
CA PRO A 7 -6.98 -6.59 1.90
C PRO A 7 -6.74 -8.06 1.56
N GLY A 8 -7.67 -8.90 2.01
CA GLY A 8 -7.57 -10.32 1.76
C GLY A 8 -6.82 -11.02 2.90
N PHE A 9 -6.03 -10.24 3.60
CA PHE A 9 -5.25 -10.77 4.71
C PHE A 9 -6.04 -11.84 5.48
N MET A 10 -5.30 -12.75 6.09
CA MET A 10 -5.93 -13.82 6.85
C MET A 10 -5.62 -13.68 8.34
N PHE A 11 -4.35 -13.82 8.68
CA PHE A 11 -3.92 -13.71 10.05
C PHE A 11 -2.40 -13.51 10.15
N LYS A 12 -1.93 -13.33 11.36
CA LYS A 12 -0.51 -13.13 11.61
C LYS A 12 0.14 -14.47 11.97
N VAL A 13 1.34 -14.67 11.47
CA VAL A 13 2.08 -15.90 11.74
C VAL A 13 3.50 -15.54 12.21
N GLN A 14 4.15 -16.53 12.81
CA GLN A 14 5.50 -16.34 13.30
C GLN A 14 6.38 -17.52 12.90
N ALA A 15 7.51 -17.21 12.30
CA ALA A 15 8.45 -18.22 11.86
C ALA A 15 9.06 -18.90 13.09
N GLN A 16 9.38 -20.18 12.93
CA GLN A 16 9.97 -20.95 14.00
C GLN A 16 11.36 -21.43 13.60
N HIS A 17 11.74 -21.10 12.38
CA HIS A 17 13.04 -21.50 11.87
C HIS A 17 13.58 -20.41 10.95
N ASP A 18 14.85 -20.57 10.57
CA ASP A 18 15.50 -19.60 9.70
C ASP A 18 15.65 -20.20 8.31
N TYR A 19 14.81 -19.73 7.40
CA TYR A 19 14.83 -20.21 6.03
C TYR A 19 15.25 -19.08 5.06
N THR A 20 16.49 -19.16 4.63
CA THR A 20 17.02 -18.16 3.70
C THR A 20 16.49 -18.41 2.29
N ALA A 21 15.67 -17.47 1.83
CA ALA A 21 15.10 -17.59 0.50
C ALA A 21 15.65 -16.47 -0.39
N THR A 22 16.35 -16.89 -1.44
CA THR A 22 16.94 -15.93 -2.37
C THR A 22 16.34 -16.10 -3.76
N ASP A 23 15.32 -15.30 -4.04
CA ASP A 23 14.65 -15.35 -5.32
C ASP A 23 14.31 -13.92 -5.77
N THR A 24 13.61 -13.85 -6.90
CA THR A 24 13.21 -12.56 -7.44
C THR A 24 11.90 -12.10 -6.82
N ASP A 25 11.42 -12.89 -5.87
CA ASP A 25 10.17 -12.57 -5.18
C ASP A 25 9.94 -13.58 -4.07
N GLU A 26 11.03 -13.93 -3.39
CA GLU A 26 10.96 -14.88 -2.29
C GLU A 26 10.74 -14.15 -0.96
N LEU A 27 10.46 -14.94 0.07
CA LEU A 27 10.23 -14.38 1.38
C LEU A 27 11.22 -15.00 2.38
N GLN A 28 12.11 -14.16 2.88
CA GLN A 28 13.11 -14.61 3.83
C GLN A 28 12.52 -14.61 5.25
N LEU A 29 12.81 -15.68 5.98
CA LEU A 29 12.32 -15.80 7.34
C LEU A 29 13.48 -16.21 8.25
N LYS A 30 13.42 -15.74 9.49
CA LYS A 30 14.45 -16.04 10.46
C LYS A 30 13.80 -16.56 11.75
N ALA A 31 14.29 -17.72 12.19
CA ALA A 31 13.77 -18.33 13.40
C ALA A 31 13.31 -17.24 14.37
N GLY A 32 12.00 -17.08 14.45
CA GLY A 32 11.42 -16.07 15.33
C GLY A 32 11.10 -14.79 14.56
N ASP A 33 10.44 -14.96 13.43
CA ASP A 33 10.07 -13.83 12.59
C ASP A 33 8.56 -13.65 12.63
N VAL A 34 8.11 -12.51 12.12
CA VAL A 34 6.69 -12.21 12.09
C VAL A 34 6.26 -12.01 10.63
N VAL A 35 5.28 -12.81 10.23
CA VAL A 35 4.76 -12.73 8.87
C VAL A 35 3.24 -12.80 8.91
N LEU A 36 2.63 -12.15 7.93
CA LEU A 36 1.18 -12.12 7.84
C LEU A 36 0.74 -12.91 6.61
N VAL A 37 -0.22 -13.81 6.82
CA VAL A 37 -0.74 -14.63 5.73
C VAL A 37 -1.73 -13.81 4.91
N ILE A 38 -1.42 -13.67 3.63
CA ILE A 38 -2.28 -12.92 2.74
C ILE A 38 -2.56 -13.75 1.49
N PRO A 39 -3.73 -13.46 0.84
CA PRO A 39 -4.12 -14.17 -0.35
C PRO A 39 -3.30 -13.72 -1.56
N PHE A 40 -2.54 -14.66 -2.09
CA PHE A 40 -1.70 -14.37 -3.25
C PHE A 40 -2.54 -13.88 -4.43
N GLN A 41 -1.89 -13.73 -5.57
CA GLN A 41 -2.55 -13.28 -6.77
C GLN A 41 -3.26 -14.45 -7.47
N ASN A 42 -2.66 -15.62 -7.32
CA ASN A 42 -3.22 -16.82 -7.92
C ASN A 42 -2.64 -18.06 -7.22
N PRO A 43 -3.49 -19.12 -7.13
CA PRO A 43 -3.08 -20.35 -6.50
C PRO A 43 -2.13 -21.14 -7.40
N GLU A 44 -2.13 -20.79 -8.66
CA GLU A 44 -1.27 -21.45 -9.64
C GLU A 44 0.20 -21.10 -9.38
N GLU A 45 0.39 -19.96 -8.74
CA GLU A 45 1.72 -19.49 -8.43
C GLU A 45 2.17 -20.02 -7.07
N GLN A 46 1.19 -20.50 -6.30
CA GLN A 46 1.46 -21.02 -4.98
C GLN A 46 2.00 -22.45 -5.08
N ASP A 47 2.84 -22.80 -4.11
CA ASP A 47 3.43 -24.13 -4.08
C ASP A 47 2.95 -24.87 -2.83
N GLU A 48 2.57 -26.12 -3.02
CA GLU A 48 2.09 -26.94 -1.92
C GLU A 48 3.10 -26.91 -0.77
N GLY A 49 2.64 -26.40 0.37
CA GLY A 49 3.49 -26.31 1.54
C GLY A 49 4.01 -24.89 1.73
N TRP A 50 3.85 -24.08 0.70
CA TRP A 50 4.30 -22.70 0.74
C TRP A 50 3.13 -21.81 0.29
N LEU A 51 3.01 -20.68 0.97
CA LEU A 51 1.95 -19.74 0.66
C LEU A 51 2.53 -18.33 0.57
N MET A 52 1.69 -17.40 0.13
CA MET A 52 2.12 -16.02 -0.01
C MET A 52 1.88 -15.24 1.28
N GLY A 53 2.97 -14.83 1.90
CA GLY A 53 2.90 -14.07 3.14
C GLY A 53 3.86 -12.88 3.12
N VAL A 54 3.57 -11.92 3.98
CA VAL A 54 4.40 -10.73 4.07
C VAL A 54 4.93 -10.59 5.50
N LYS A 55 6.16 -10.09 5.61
CA LYS A 55 6.78 -9.90 6.91
C LYS A 55 6.19 -8.65 7.57
N GLU A 56 6.44 -8.56 8.87
CA GLU A 56 5.94 -7.42 9.64
C GLU A 56 6.48 -6.11 9.06
N SER A 57 7.76 -6.13 8.73
CA SER A 57 8.41 -4.96 8.17
C SER A 57 7.70 -4.54 6.88
N ASP A 58 7.33 -5.53 6.09
CA ASP A 58 6.65 -5.28 4.83
C ASP A 58 5.25 -4.73 5.12
N TRP A 59 4.68 -5.19 6.22
CA TRP A 59 3.36 -4.75 6.62
C TRP A 59 3.34 -3.22 6.60
N ASN A 60 4.37 -2.64 7.19
CA ASN A 60 4.48 -1.19 7.25
C ASN A 60 4.43 -0.63 5.83
N GLN A 61 4.85 -1.46 4.88
CA GLN A 61 4.86 -1.06 3.49
C GLN A 61 3.51 -1.38 2.83
N HIS A 62 2.51 -1.59 3.67
CA HIS A 62 1.18 -1.90 3.19
C HIS A 62 0.81 -0.95 2.05
N LYS A 63 1.48 0.20 2.06
CA LYS A 63 1.23 1.21 1.03
C LYS A 63 1.48 0.60 -0.35
N LYS A 64 2.40 -0.36 -0.38
CA LYS A 64 2.74 -1.02 -1.63
C LYS A 64 3.43 -2.36 -1.32
N LEU A 65 2.77 -3.12 -0.46
CA LEU A 65 3.30 -4.43 -0.07
C LEU A 65 3.22 -5.39 -1.27
N GLU A 66 2.20 -5.16 -2.09
CA GLU A 66 1.99 -5.99 -3.26
C GLU A 66 3.25 -6.01 -4.13
N LYS A 67 4.11 -5.02 -3.90
CA LYS A 67 5.35 -4.91 -4.65
C LYS A 67 6.49 -5.49 -3.82
N CYS A 68 6.13 -6.11 -2.71
CA CYS A 68 7.10 -6.71 -1.82
C CYS A 68 6.63 -8.11 -1.45
N ARG A 69 5.60 -8.55 -2.15
CA ARG A 69 5.03 -9.87 -1.90
C ARG A 69 6.13 -10.94 -2.02
N GLY A 70 5.90 -12.04 -1.33
CA GLY A 70 6.86 -13.15 -1.34
C GLY A 70 6.16 -14.46 -0.97
N VAL A 71 6.97 -15.52 -0.95
CA VAL A 71 6.46 -16.83 -0.60
C VAL A 71 7.27 -17.41 0.56
N PHE A 72 6.61 -18.25 1.35
CA PHE A 72 7.26 -18.86 2.49
C PHE A 72 6.54 -20.15 2.90
N PRO A 73 7.34 -21.10 3.44
CA PRO A 73 6.79 -22.38 3.88
C PRO A 73 6.01 -22.23 5.18
N GLU A 74 4.72 -22.53 5.10
CA GLU A 74 3.85 -22.43 6.27
C GLU A 74 4.23 -23.49 7.31
N ASN A 75 4.69 -24.62 6.81
CA ASN A 75 5.09 -25.71 7.69
C ASN A 75 6.38 -25.33 8.41
N PHE A 76 6.93 -24.19 8.01
CA PHE A 76 8.16 -23.70 8.62
C PHE A 76 7.87 -22.51 9.54
N THR A 77 6.60 -22.17 9.63
CA THR A 77 6.18 -21.06 10.47
C THR A 77 5.06 -21.49 11.43
N GLU A 78 4.61 -20.54 12.23
CA GLU A 78 3.56 -20.82 13.19
C GLU A 78 2.50 -19.71 13.14
N ARG A 79 1.29 -20.08 13.53
CA ARG A 79 0.19 -19.13 13.54
C ARG A 79 0.29 -18.20 14.75
N VAL A 80 0.02 -16.93 14.51
CA VAL A 80 0.08 -15.94 15.57
C VAL A 80 -1.32 -15.36 15.79
N PRO A 81 -1.86 -15.60 17.02
CA PRO A 81 -3.17 -15.10 17.37
C PRO A 81 -3.13 -13.60 17.66
N GLY A 1 3.46 2.28 11.73
CA GLY A 1 3.66 1.80 10.37
C GLY A 1 4.07 0.33 10.36
N ARG A 2 3.93 -0.29 9.20
CA ARG A 2 4.29 -1.69 9.04
C ARG A 2 5.42 -1.83 8.03
N LEU A 3 6.26 -2.83 8.26
CA LEU A 3 7.38 -3.09 7.38
C LEU A 3 7.03 -4.25 6.44
N ASP A 4 6.32 -5.22 7.00
CA ASP A 4 5.91 -6.39 6.23
C ASP A 4 4.82 -5.99 5.25
N LEU A 5 4.70 -6.78 4.20
CA LEU A 5 3.69 -6.52 3.18
C LEU A 5 2.55 -7.54 3.31
N PRO A 6 1.36 -7.16 2.79
CA PRO A 6 0.20 -8.04 2.84
C PRO A 6 0.33 -9.18 1.83
N PRO A 7 0.00 -10.41 2.31
CA PRO A 7 0.07 -11.58 1.47
C PRO A 7 -1.09 -11.62 0.48
N GLY A 8 -0.78 -12.01 -0.75
CA GLY A 8 -1.78 -12.09 -1.79
C GLY A 8 -1.93 -10.74 -2.51
N PHE A 9 -1.54 -9.69 -1.82
CA PHE A 9 -1.62 -8.35 -2.38
C PHE A 9 -1.32 -8.37 -3.88
N MET A 10 -1.90 -7.41 -4.59
CA MET A 10 -1.70 -7.29 -6.02
C MET A 10 -0.91 -6.04 -6.37
N PHE A 11 -1.57 -4.90 -6.22
CA PHE A 11 -0.94 -3.63 -6.52
C PHE A 11 -1.67 -2.47 -5.83
N LYS A 12 -1.06 -1.30 -5.88
CA LYS A 12 -1.64 -0.12 -5.27
C LYS A 12 -2.54 0.58 -6.30
N VAL A 13 -3.67 1.08 -5.80
CA VAL A 13 -4.62 1.78 -6.66
C VAL A 13 -4.84 3.20 -6.12
N GLN A 14 -5.45 4.02 -6.96
CA GLN A 14 -5.72 5.40 -6.59
C GLN A 14 -7.18 5.75 -6.90
N ALA A 15 -7.90 6.12 -5.85
CA ALA A 15 -9.30 6.48 -6.00
C ALA A 15 -9.40 7.78 -6.79
N GLN A 16 -10.46 7.87 -7.59
CA GLN A 16 -10.69 9.05 -8.41
C GLN A 16 -11.99 9.74 -7.99
N HIS A 17 -12.68 9.11 -7.07
CA HIS A 17 -13.95 9.65 -6.58
C HIS A 17 -14.09 9.35 -5.08
N ASP A 18 -15.08 9.98 -4.47
CA ASP A 18 -15.33 9.77 -3.06
C ASP A 18 -16.60 8.94 -2.88
N TYR A 19 -16.39 7.67 -2.54
CA TYR A 19 -17.50 6.75 -2.34
C TYR A 19 -17.60 6.33 -0.88
N THR A 20 -18.58 6.92 -0.20
CA THR A 20 -18.80 6.62 1.20
C THR A 20 -19.48 5.26 1.36
N ALA A 21 -18.76 4.32 1.95
CA ALA A 21 -19.29 2.98 2.17
C ALA A 21 -19.56 2.78 3.65
N THR A 22 -20.82 2.55 3.96
CA THR A 22 -21.23 2.34 5.34
C THR A 22 -21.79 0.93 5.52
N ASP A 23 -20.91 0.02 5.92
CA ASP A 23 -21.30 -1.36 6.13
C ASP A 23 -20.52 -1.93 7.32
N THR A 24 -20.71 -3.22 7.54
CA THR A 24 -20.03 -3.89 8.64
C THR A 24 -18.69 -4.46 8.18
N ASP A 25 -18.30 -4.08 6.97
CA ASP A 25 -17.04 -4.54 6.41
C ASP A 25 -16.88 -3.97 5.00
N GLU A 26 -16.84 -2.65 4.93
CA GLU A 26 -16.70 -1.96 3.65
C GLU A 26 -15.39 -1.16 3.64
N LEU A 27 -15.08 -0.65 2.46
CA LEU A 27 -13.87 0.14 2.28
C LEU A 27 -14.23 1.52 1.73
N GLN A 28 -14.01 2.53 2.56
CA GLN A 28 -14.31 3.89 2.17
C GLN A 28 -13.19 4.45 1.29
N LEU A 29 -13.61 5.16 0.24
CA LEU A 29 -12.67 5.75 -0.68
C LEU A 29 -13.00 7.23 -0.89
N LYS A 30 -11.95 8.04 -0.90
CA LYS A 30 -12.13 9.47 -1.08
C LYS A 30 -11.40 9.91 -2.35
N ALA A 31 -12.11 10.68 -3.16
CA ALA A 31 -11.54 11.18 -4.41
C ALA A 31 -10.07 11.53 -4.19
N GLY A 32 -9.21 10.63 -4.65
CA GLY A 32 -7.78 10.83 -4.51
C GLY A 32 -7.23 10.10 -3.28
N ASP A 33 -7.60 8.83 -3.17
CA ASP A 33 -7.16 8.01 -2.05
C ASP A 33 -6.25 6.90 -2.57
N VAL A 34 -5.63 6.20 -1.63
CA VAL A 34 -4.73 5.12 -1.97
C VAL A 34 -5.27 3.81 -1.38
N VAL A 35 -5.45 2.83 -2.25
CA VAL A 35 -5.96 1.53 -1.83
C VAL A 35 -5.16 0.43 -2.53
N LEU A 36 -4.88 -0.62 -1.77
CA LEU A 36 -4.13 -1.75 -2.30
C LEU A 36 -5.09 -2.88 -2.66
N VAL A 37 -4.91 -3.42 -3.85
CA VAL A 37 -5.76 -4.51 -4.31
C VAL A 37 -5.25 -5.83 -3.72
N ILE A 38 -6.04 -6.38 -2.81
CA ILE A 38 -5.68 -7.63 -2.17
C ILE A 38 -6.74 -8.68 -2.49
N PRO A 39 -6.30 -9.98 -2.47
CA PRO A 39 -7.20 -11.08 -2.76
C PRO A 39 -8.14 -11.34 -1.58
N PHE A 40 -9.43 -11.16 -1.83
CA PHE A 40 -10.43 -11.37 -0.81
C PHE A 40 -10.36 -12.80 -0.26
N GLN A 41 -11.35 -13.12 0.57
CA GLN A 41 -11.41 -14.45 1.16
C GLN A 41 -12.04 -15.44 0.17
N ASN A 42 -12.96 -14.92 -0.63
CA ASN A 42 -13.64 -15.74 -1.63
C ASN A 42 -14.28 -14.83 -2.68
N PRO A 43 -14.31 -15.35 -3.94
CA PRO A 43 -14.88 -14.60 -5.03
C PRO A 43 -16.41 -14.60 -4.96
N GLU A 44 -16.94 -15.53 -4.16
CA GLU A 44 -18.38 -15.65 -3.99
C GLU A 44 -18.92 -14.46 -3.19
N GLU A 45 -18.04 -13.91 -2.36
CA GLU A 45 -18.41 -12.77 -1.54
C GLU A 45 -18.14 -11.46 -2.27
N GLN A 46 -17.35 -11.57 -3.34
CA GLN A 46 -17.01 -10.41 -4.13
C GLN A 46 -18.18 -10.04 -5.05
N ASP A 47 -18.29 -8.74 -5.30
CA ASP A 47 -19.36 -8.24 -6.16
C ASP A 47 -18.76 -7.74 -7.47
N GLU A 48 -19.44 -8.06 -8.56
CA GLU A 48 -18.99 -7.64 -9.89
C GLU A 48 -18.86 -6.12 -9.94
N GLY A 49 -17.63 -5.66 -10.06
CA GLY A 49 -17.35 -4.24 -10.14
C GLY A 49 -16.71 -3.73 -8.84
N TRP A 50 -16.77 -4.58 -7.82
CA TRP A 50 -16.20 -4.24 -6.54
C TRP A 50 -15.31 -5.39 -6.09
N LEU A 51 -14.13 -5.03 -5.58
CA LEU A 51 -13.20 -6.03 -5.11
C LEU A 51 -12.74 -5.67 -3.70
N MET A 52 -11.99 -6.58 -3.10
CA MET A 52 -11.48 -6.38 -1.75
C MET A 52 -10.13 -5.67 -1.77
N GLY A 53 -10.12 -4.45 -1.26
CA GLY A 53 -8.90 -3.67 -1.21
C GLY A 53 -8.69 -3.06 0.17
N VAL A 54 -7.48 -2.57 0.40
CA VAL A 54 -7.14 -1.95 1.66
C VAL A 54 -6.52 -0.58 1.41
N LYS A 55 -6.81 0.35 2.32
CA LYS A 55 -6.28 1.69 2.21
C LYS A 55 -4.82 1.71 2.64
N GLU A 56 -4.11 2.74 2.22
CA GLU A 56 -2.71 2.88 2.56
C GLU A 56 -2.54 2.94 4.08
N SER A 57 -3.47 3.61 4.73
CA SER A 57 -3.43 3.75 6.18
C SER A 57 -3.62 2.38 6.83
N ASP A 58 -4.53 1.60 6.27
CA ASP A 58 -4.81 0.28 6.79
C ASP A 58 -3.53 -0.57 6.71
N TRP A 59 -2.74 -0.29 5.69
CA TRP A 59 -1.50 -1.02 5.49
C TRP A 59 -0.71 -0.99 6.80
N ASN A 60 -0.61 0.21 7.36
CA ASN A 60 0.10 0.39 8.61
C ASN A 60 -0.65 -0.32 9.74
N GLN A 61 -1.95 -0.47 9.53
CA GLN A 61 -2.80 -1.13 10.51
C GLN A 61 -2.78 -2.64 10.31
N HIS A 62 -1.76 -3.10 9.59
CA HIS A 62 -1.61 -4.51 9.31
C HIS A 62 -1.86 -5.31 10.60
N LYS A 63 -1.67 -4.64 11.72
CA LYS A 63 -1.86 -5.27 13.01
C LYS A 63 -3.29 -5.81 13.10
N LYS A 64 -4.19 -5.14 12.40
CA LYS A 64 -5.58 -5.54 12.40
C LYS A 64 -6.13 -5.44 10.97
N LEU A 65 -5.34 -5.96 10.03
CA LEU A 65 -5.73 -5.94 8.63
C LEU A 65 -7.01 -6.75 8.45
N GLU A 66 -7.14 -7.78 9.27
CA GLU A 66 -8.31 -8.64 9.21
C GLU A 66 -9.56 -7.86 9.61
N LYS A 67 -9.33 -6.74 10.27
CA LYS A 67 -10.43 -5.90 10.73
C LYS A 67 -10.39 -4.58 9.95
N CYS A 68 -9.51 -4.53 8.96
CA CYS A 68 -9.37 -3.33 8.16
C CYS A 68 -9.82 -3.66 6.73
N ARG A 69 -10.04 -4.95 6.50
CA ARG A 69 -10.47 -5.42 5.20
C ARG A 69 -11.80 -4.76 4.81
N GLY A 70 -12.00 -4.62 3.50
CA GLY A 70 -13.21 -4.02 3.00
C GLY A 70 -13.35 -4.22 1.49
N VAL A 71 -14.44 -3.71 0.93
CA VAL A 71 -14.69 -3.83 -0.49
C VAL A 71 -14.89 -2.44 -1.09
N PHE A 72 -14.56 -2.32 -2.37
CA PHE A 72 -14.70 -1.07 -3.06
C PHE A 72 -14.80 -1.28 -4.58
N PRO A 73 -15.50 -0.33 -5.25
CA PRO A 73 -15.68 -0.42 -6.69
C PRO A 73 -14.39 -0.02 -7.42
N GLU A 74 -13.84 -0.99 -8.14
CA GLU A 74 -12.61 -0.75 -8.89
C GLU A 74 -12.87 0.22 -10.03
N ASN A 75 -14.06 0.12 -10.61
CA ASN A 75 -14.44 0.98 -11.71
C ASN A 75 -14.51 2.43 -11.21
N PHE A 76 -14.48 2.57 -9.90
CA PHE A 76 -14.54 3.89 -9.29
C PHE A 76 -13.15 4.35 -8.84
N THR A 77 -12.17 3.51 -9.11
CA THR A 77 -10.80 3.82 -8.73
C THR A 77 -9.86 3.66 -9.94
N GLU A 78 -8.58 3.91 -9.69
CA GLU A 78 -7.59 3.79 -10.74
C GLU A 78 -6.42 2.93 -10.28
N ARG A 79 -5.82 2.23 -11.23
CA ARG A 79 -4.70 1.36 -10.92
C ARG A 79 -3.40 2.15 -10.93
N VAL A 80 -2.63 1.98 -9.86
CA VAL A 80 -1.36 2.67 -9.73
C VAL A 80 -0.22 1.66 -9.84
N PRO A 81 0.60 1.84 -10.91
CA PRO A 81 1.73 0.95 -11.13
C PRO A 81 2.88 1.26 -10.17
N GLY A 1 3.46 2.28 11.73
CA GLY A 1 3.66 1.80 10.37
C GLY A 1 4.54 2.77 9.58
N ARG A 2 3.90 3.52 8.70
CA ARG A 2 4.61 4.49 7.87
C ARG A 2 5.46 5.41 8.75
N LEU A 3 6.35 6.13 8.09
CA LEU A 3 7.23 7.05 8.79
C LEU A 3 6.84 8.49 8.44
N ASP A 4 6.23 8.64 7.28
CA ASP A 4 5.80 9.95 6.81
C ASP A 4 4.27 10.00 6.77
N LEU A 5 3.75 11.19 7.02
CA LEU A 5 2.31 11.39 7.02
C LEU A 5 1.85 11.79 5.62
N PRO A 6 0.53 11.60 5.36
CA PRO A 6 -0.04 11.94 4.06
C PRO A 6 -0.20 13.46 3.92
N PRO A 7 0.21 13.96 2.73
CA PRO A 7 0.11 15.39 2.45
C PRO A 7 -1.33 15.79 2.17
N GLY A 8 -1.70 16.95 2.69
CA GLY A 8 -3.04 17.47 2.51
C GLY A 8 -3.98 16.97 3.60
N PHE A 9 -3.58 15.86 4.21
CA PHE A 9 -4.38 15.26 5.27
C PHE A 9 -5.03 16.34 6.14
N MET A 10 -6.17 15.99 6.71
CA MET A 10 -6.90 16.92 7.55
C MET A 10 -6.85 16.48 9.01
N PHE A 11 -7.56 15.40 9.31
CA PHE A 11 -7.61 14.87 10.66
C PHE A 11 -8.03 13.39 10.66
N LYS A 12 -8.08 12.83 11.86
CA LYS A 12 -8.46 11.43 12.00
C LYS A 12 -9.93 11.36 12.41
N VAL A 13 -10.61 10.35 11.88
CA VAL A 13 -12.02 10.16 12.18
C VAL A 13 -12.27 8.70 12.55
N GLN A 14 -13.36 8.47 13.27
CA GLN A 14 -13.71 7.13 13.69
C GLN A 14 -15.12 6.78 13.22
N ALA A 15 -15.23 5.65 12.55
CA ALA A 15 -16.51 5.19 12.04
C ALA A 15 -17.40 4.76 13.21
N GLN A 16 -18.67 5.13 13.11
CA GLN A 16 -19.63 4.79 14.15
C GLN A 16 -20.60 3.73 13.65
N HIS A 17 -20.48 3.40 12.37
CA HIS A 17 -21.33 2.41 11.76
C HIS A 17 -20.52 1.57 10.77
N ASP A 18 -21.15 0.49 10.32
CA ASP A 18 -20.50 -0.40 9.37
C ASP A 18 -21.06 -0.16 7.97
N TYR A 19 -20.25 0.47 7.14
CA TYR A 19 -20.65 0.76 5.78
C TYR A 19 -19.80 -0.01 4.77
N THR A 20 -20.38 -1.07 4.24
CA THR A 20 -19.69 -1.91 3.27
C THR A 20 -19.71 -1.25 1.89
N ALA A 21 -18.53 -0.86 1.43
CA ALA A 21 -18.41 -0.22 0.13
C ALA A 21 -17.62 -1.14 -0.81
N THR A 22 -18.29 -1.54 -1.88
CA THR A 22 -17.68 -2.42 -2.85
C THR A 22 -17.62 -1.74 -4.23
N ASP A 23 -16.49 -1.09 -4.48
CA ASP A 23 -16.31 -0.39 -5.74
C ASP A 23 -14.85 -0.54 -6.19
N THR A 24 -14.53 0.14 -7.28
CA THR A 24 -13.17 0.09 -7.81
C THR A 24 -12.35 1.26 -7.28
N ASP A 25 -12.93 1.97 -6.33
CA ASP A 25 -12.26 3.11 -5.71
C ASP A 25 -13.10 3.64 -4.56
N GLU A 26 -13.45 2.73 -3.67
CA GLU A 26 -14.26 3.09 -2.52
C GLU A 26 -13.50 2.78 -1.22
N LEU A 27 -14.08 3.23 -0.12
CA LEU A 27 -13.46 3.01 1.19
C LEU A 27 -14.47 2.33 2.12
N GLN A 28 -14.09 1.15 2.59
CA GLN A 28 -14.94 0.39 3.48
C GLN A 28 -14.75 0.85 4.92
N LEU A 29 -15.86 0.91 5.64
CA LEU A 29 -15.83 1.34 7.04
C LEU A 29 -16.60 0.33 7.89
N LYS A 30 -16.13 0.17 9.12
CA LYS A 30 -16.77 -0.76 10.04
C LYS A 30 -17.04 -0.05 11.37
N ALA A 31 -18.28 -0.20 11.84
CA ALA A 31 -18.68 0.43 13.09
C ALA A 31 -17.51 0.38 14.09
N GLY A 32 -16.83 1.51 14.19
CA GLY A 32 -15.69 1.60 15.09
C GLY A 32 -14.37 1.39 14.34
N ASP A 33 -14.23 2.10 13.24
CA ASP A 33 -13.03 2.01 12.42
C ASP A 33 -12.25 3.32 12.50
N VAL A 34 -11.04 3.28 11.96
CA VAL A 34 -10.19 4.47 11.96
C VAL A 34 -9.96 4.93 10.52
N VAL A 35 -10.31 6.19 10.27
CA VAL A 35 -10.15 6.75 8.95
C VAL A 35 -9.59 8.17 9.08
N LEU A 36 -8.74 8.53 8.13
CA LEU A 36 -8.14 9.84 8.13
C LEU A 36 -8.68 10.65 6.95
N VAL A 37 -9.09 11.88 7.24
CA VAL A 37 -9.64 12.75 6.21
C VAL A 37 -8.48 13.36 5.41
N ILE A 38 -8.52 13.09 4.11
CA ILE A 38 -7.49 13.59 3.22
C ILE A 38 -8.16 14.27 2.01
N PRO A 39 -7.41 15.25 1.43
CA PRO A 39 -7.92 15.98 0.27
C PRO A 39 -7.85 15.11 -0.99
N PHE A 40 -9.03 14.84 -1.54
CA PHE A 40 -9.13 14.03 -2.75
C PHE A 40 -8.36 14.68 -3.91
N GLN A 41 -8.54 14.10 -5.08
CA GLN A 41 -7.89 14.61 -6.28
C GLN A 41 -8.67 15.80 -6.85
N ASN A 42 -9.97 15.79 -6.61
CA ASN A 42 -10.84 16.84 -7.09
C ASN A 42 -12.20 16.74 -6.40
N PRO A 43 -12.83 17.92 -6.20
CA PRO A 43 -14.13 17.97 -5.55
C PRO A 43 -15.25 17.50 -6.50
N GLU A 44 -14.91 17.49 -7.78
CA GLU A 44 -15.85 17.06 -8.80
C GLU A 44 -16.06 15.55 -8.74
N GLU A 45 -15.15 14.89 -8.04
CA GLU A 45 -15.22 13.44 -7.88
C GLU A 45 -15.87 13.07 -6.55
N GLN A 46 -15.95 14.07 -5.67
CA GLN A 46 -16.54 13.87 -4.36
C GLN A 46 -18.05 14.13 -4.41
N ASP A 47 -18.77 13.44 -3.53
CA ASP A 47 -20.21 13.58 -3.47
C ASP A 47 -20.58 14.37 -2.21
N GLU A 48 -21.86 14.68 -2.10
CA GLU A 48 -22.36 15.42 -0.95
C GLU A 48 -22.63 14.47 0.22
N GLY A 49 -21.86 14.66 1.28
CA GLY A 49 -22.01 13.84 2.47
C GLY A 49 -20.93 12.75 2.52
N TRP A 50 -20.15 12.70 1.46
CA TRP A 50 -19.08 11.72 1.36
C TRP A 50 -17.80 12.44 0.91
N LEU A 51 -16.70 12.08 1.54
CA LEU A 51 -15.42 12.68 1.22
C LEU A 51 -14.37 11.58 1.05
N MET A 52 -13.20 11.99 0.60
CA MET A 52 -12.10 11.05 0.39
C MET A 52 -11.27 10.87 1.66
N GLY A 53 -11.34 9.67 2.22
CA GLY A 53 -10.62 9.36 3.43
C GLY A 53 -9.87 8.03 3.30
N VAL A 54 -8.97 7.80 4.23
CA VAL A 54 -8.18 6.57 4.24
C VAL A 54 -8.24 5.94 5.63
N LYS A 55 -8.23 4.62 5.65
CA LYS A 55 -8.28 3.89 6.91
C LYS A 55 -6.88 3.86 7.53
N GLU A 56 -6.85 3.54 8.81
CA GLU A 56 -5.59 3.48 9.54
C GLU A 56 -4.64 2.47 8.87
N SER A 57 -5.20 1.32 8.52
CA SER A 57 -4.43 0.29 7.87
C SER A 57 -3.79 0.82 6.58
N ASP A 58 -4.56 1.63 5.88
CA ASP A 58 -4.09 2.21 4.64
C ASP A 58 -2.99 3.23 4.95
N TRP A 59 -3.15 3.91 6.09
CA TRP A 59 -2.18 4.92 6.50
C TRP A 59 -0.80 4.26 6.52
N ASN A 60 -0.77 3.02 6.97
CA ASN A 60 0.47 2.28 7.05
C ASN A 60 1.03 2.09 5.64
N GLN A 61 0.14 2.12 4.67
CA GLN A 61 0.53 1.97 3.27
C GLN A 61 0.81 3.33 2.64
N HIS A 62 1.03 4.31 3.52
CA HIS A 62 1.32 5.66 3.06
C HIS A 62 2.32 5.62 1.90
N LYS A 63 3.08 4.53 1.86
CA LYS A 63 4.07 4.35 0.81
C LYS A 63 3.40 4.43 -0.56
N LYS A 64 2.13 4.03 -0.57
CA LYS A 64 1.36 4.06 -1.81
C LYS A 64 -0.13 4.04 -1.47
N LEU A 65 -0.53 4.97 -0.61
CA LEU A 65 -1.91 5.06 -0.19
C LEU A 65 -2.75 5.56 -1.37
N GLU A 66 -2.12 6.37 -2.20
CA GLU A 66 -2.80 6.93 -3.37
C GLU A 66 -3.38 5.81 -4.22
N LYS A 67 -2.88 4.60 -3.98
CA LYS A 67 -3.35 3.44 -4.73
C LYS A 67 -4.39 2.68 -3.89
N CYS A 68 -4.77 3.30 -2.78
CA CYS A 68 -5.75 2.71 -1.89
C CYS A 68 -6.80 3.76 -1.55
N ARG A 69 -6.72 4.88 -2.26
CA ARG A 69 -7.66 5.96 -2.05
C ARG A 69 -9.10 5.47 -2.21
N GLY A 70 -9.99 6.08 -1.45
CA GLY A 70 -11.39 5.72 -1.49
C GLY A 70 -12.27 6.85 -0.95
N VAL A 71 -13.57 6.58 -0.94
CA VAL A 71 -14.53 7.56 -0.45
C VAL A 71 -15.35 6.95 0.68
N PHE A 72 -15.88 7.82 1.52
CA PHE A 72 -16.70 7.38 2.64
C PHE A 72 -17.57 8.53 3.17
N PRO A 73 -18.77 8.13 3.70
CA PRO A 73 -19.70 9.11 4.23
C PRO A 73 -19.24 9.63 5.59
N GLU A 74 -18.93 10.92 5.61
CA GLU A 74 -18.47 11.55 6.85
C GLU A 74 -19.60 11.59 7.87
N ASN A 75 -20.82 11.73 7.37
CA ASN A 75 -21.99 11.78 8.24
C ASN A 75 -22.19 10.42 8.90
N PHE A 76 -21.43 9.44 8.42
CA PHE A 76 -21.51 8.09 8.95
C PHE A 76 -20.31 7.79 9.85
N THR A 77 -19.45 8.78 10.00
CA THR A 77 -18.27 8.62 10.82
C THR A 77 -18.19 9.74 11.88
N GLU A 78 -17.19 9.64 12.73
CA GLU A 78 -17.00 10.63 13.77
C GLU A 78 -15.61 11.26 13.66
N ARG A 79 -15.58 12.57 13.87
CA ARG A 79 -14.33 13.31 13.78
C ARG A 79 -13.53 13.13 15.08
N VAL A 80 -12.26 12.78 14.91
CA VAL A 80 -11.38 12.57 16.04
C VAL A 80 -10.27 13.63 16.02
N PRO A 81 -9.92 14.12 17.24
CA PRO A 81 -8.89 15.14 17.36
C PRO A 81 -7.50 14.51 17.19
N GLY A 1 3.46 2.28 11.73
CA GLY A 1 3.66 1.80 10.37
C GLY A 1 4.60 0.60 10.34
N ARG A 2 4.62 -0.07 9.20
CA ARG A 2 5.47 -1.24 9.04
C ARG A 2 6.70 -0.89 8.18
N LEU A 3 7.42 -1.93 7.80
CA LEU A 3 8.62 -1.74 6.99
C LEU A 3 8.52 -2.63 5.75
N ASP A 4 8.08 -3.86 5.97
CA ASP A 4 7.93 -4.81 4.87
C ASP A 4 6.45 -5.17 4.71
N LEU A 5 6.11 -5.60 3.50
CA LEU A 5 4.74 -5.98 3.20
C LEU A 5 4.51 -7.42 3.65
N PRO A 6 3.20 -7.77 3.81
CA PRO A 6 2.83 -9.10 4.24
C PRO A 6 2.98 -10.10 3.09
N PRO A 7 3.56 -11.29 3.43
CA PRO A 7 3.77 -12.34 2.44
C PRO A 7 2.45 -13.03 2.09
N GLY A 8 2.30 -13.32 0.80
CA GLY A 8 1.09 -13.98 0.33
C GLY A 8 0.02 -12.96 -0.05
N PHE A 9 0.14 -11.77 0.53
CA PHE A 9 -0.80 -10.71 0.27
C PHE A 9 -1.26 -10.73 -1.19
N MET A 10 -2.49 -10.30 -1.40
CA MET A 10 -3.05 -10.26 -2.75
C MET A 10 -3.27 -8.82 -3.20
N PHE A 11 -4.15 -8.13 -2.49
CA PHE A 11 -4.46 -6.75 -2.81
C PHE A 11 -5.22 -6.08 -1.66
N LYS A 12 -5.47 -4.79 -1.84
CA LYS A 12 -6.19 -4.02 -0.84
C LYS A 12 -7.66 -3.93 -1.23
N VAL A 13 -8.52 -3.92 -0.21
CA VAL A 13 -9.95 -3.83 -0.43
C VAL A 13 -10.52 -2.72 0.44
N GLN A 14 -11.73 -2.29 0.08
CA GLN A 14 -12.41 -1.24 0.81
C GLN A 14 -13.81 -1.68 1.21
N ALA A 15 -14.06 -1.66 2.51
CA ALA A 15 -15.36 -2.05 3.04
C ALA A 15 -16.41 -1.04 2.61
N GLN A 16 -17.62 -1.53 2.41
CA GLN A 16 -18.72 -0.68 2.00
C GLN A 16 -19.84 -0.72 3.04
N HIS A 17 -19.62 -1.52 4.06
CA HIS A 17 -20.61 -1.68 5.13
C HIS A 17 -19.89 -1.86 6.46
N ASP A 18 -20.67 -1.80 7.53
CA ASP A 18 -20.12 -1.97 8.87
C ASP A 18 -20.62 -3.29 9.45
N TYR A 19 -19.75 -4.28 9.42
CA TYR A 19 -20.08 -5.59 9.95
C TYR A 19 -19.23 -5.94 11.17
N THR A 20 -19.87 -5.95 12.32
CA THR A 20 -19.19 -6.25 13.57
C THR A 20 -18.95 -7.76 13.70
N ALA A 21 -17.68 -8.13 13.66
CA ALA A 21 -17.30 -9.53 13.77
C ALA A 21 -16.57 -9.76 15.09
N THR A 22 -17.18 -10.57 15.93
CA THR A 22 -16.60 -10.89 17.22
C THR A 22 -16.34 -12.39 17.35
N ASP A 23 -15.12 -12.78 17.01
CA ASP A 23 -14.73 -14.17 17.08
C ASP A 23 -13.30 -14.28 17.58
N THR A 24 -12.80 -15.51 17.62
CA THR A 24 -11.44 -15.75 18.08
C THR A 24 -10.44 -15.35 17.00
N ASP A 25 -10.94 -15.16 15.79
CA ASP A 25 -10.11 -14.77 14.67
C ASP A 25 -10.96 -14.10 13.61
N GLU A 26 -11.84 -13.22 14.06
CA GLU A 26 -12.73 -12.51 13.16
C GLU A 26 -12.08 -11.18 12.73
N LEU A 27 -12.68 -10.58 11.71
CA LEU A 27 -12.18 -9.31 11.20
C LEU A 27 -13.32 -8.30 11.16
N GLN A 28 -13.20 -7.28 11.99
CA GLN A 28 -14.21 -6.24 12.06
C GLN A 28 -14.03 -5.24 10.92
N LEU A 29 -15.13 -4.94 10.25
CA LEU A 29 -15.10 -4.02 9.14
C LEU A 29 -16.13 -2.90 9.39
N LYS A 30 -15.75 -1.69 8.99
CA LYS A 30 -16.61 -0.54 9.16
C LYS A 30 -16.83 0.14 7.81
N ALA A 31 -18.10 0.34 7.48
CA ALA A 31 -18.44 0.99 6.23
C ALA A 31 -17.39 2.04 5.88
N GLY A 32 -16.52 1.67 4.94
CA GLY A 32 -15.46 2.57 4.52
C GLY A 32 -14.16 2.26 5.24
N ASP A 33 -13.79 0.98 5.24
CA ASP A 33 -12.58 0.54 5.89
C ASP A 33 -11.59 0.06 4.83
N VAL A 34 -10.35 -0.16 5.27
CA VAL A 34 -9.31 -0.63 4.38
C VAL A 34 -8.77 -1.97 4.89
N VAL A 35 -8.89 -2.98 4.02
CA VAL A 35 -8.43 -4.31 4.38
C VAL A 35 -7.64 -4.88 3.20
N LEU A 36 -6.66 -5.72 3.54
CA LEU A 36 -5.83 -6.34 2.52
C LEU A 36 -6.10 -7.85 2.50
N VAL A 37 -6.28 -8.37 1.30
CA VAL A 37 -6.55 -9.78 1.12
C VAL A 37 -5.24 -10.57 1.22
N ILE A 38 -5.19 -11.45 2.21
CA ILE A 38 -4.01 -12.27 2.43
C ILE A 38 -4.42 -13.73 2.50
N PRO A 39 -3.44 -14.62 2.14
CA PRO A 39 -3.70 -16.05 2.17
C PRO A 39 -3.71 -16.59 3.60
N PHE A 40 -4.85 -17.11 4.00
CA PHE A 40 -5.00 -17.65 5.33
C PHE A 40 -4.02 -18.80 5.57
N GLN A 41 -4.18 -19.44 6.73
CA GLN A 41 -3.31 -20.55 7.09
C GLN A 41 -3.81 -21.85 6.44
N ASN A 42 -5.10 -21.86 6.15
CA ASN A 42 -5.72 -23.02 5.52
C ASN A 42 -7.11 -22.65 5.02
N PRO A 43 -7.52 -23.30 3.90
CA PRO A 43 -8.82 -23.05 3.31
C PRO A 43 -9.93 -23.72 4.13
N GLU A 44 -9.52 -24.67 4.95
CA GLU A 44 -10.47 -25.38 5.80
C GLU A 44 -10.98 -24.47 6.92
N GLU A 45 -10.24 -23.40 7.15
CA GLU A 45 -10.62 -22.45 8.18
C GLU A 45 -11.42 -21.30 7.57
N GLN A 46 -11.39 -21.22 6.25
CA GLN A 46 -12.12 -20.18 5.54
C GLN A 46 -13.52 -20.67 5.17
N ASP A 47 -14.42 -19.71 5.05
CA ASP A 47 -15.80 -20.03 4.70
C ASP A 47 -16.09 -19.54 3.28
N GLU A 48 -17.21 -20.00 2.75
CA GLU A 48 -17.62 -19.63 1.41
C GLU A 48 -18.25 -18.23 1.42
N GLY A 49 -17.50 -17.27 0.91
CA GLY A 49 -17.97 -15.90 0.85
C GLY A 49 -17.11 -14.98 1.73
N TRP A 50 -16.46 -15.60 2.70
CA TRP A 50 -15.61 -14.86 3.62
C TRP A 50 -14.18 -15.38 3.46
N LEU A 51 -13.25 -14.45 3.36
CA LEU A 51 -11.84 -14.80 3.21
C LEU A 51 -11.04 -14.16 4.33
N MET A 52 -9.78 -14.57 4.43
CA MET A 52 -8.90 -14.05 5.46
C MET A 52 -8.21 -12.77 4.99
N GLY A 53 -8.55 -11.67 5.64
CA GLY A 53 -7.98 -10.38 5.31
C GLY A 53 -7.55 -9.63 6.57
N VAL A 54 -6.73 -8.62 6.36
CA VAL A 54 -6.24 -7.81 7.47
C VAL A 54 -6.50 -6.33 7.17
N LYS A 55 -6.82 -5.59 8.22
CA LYS A 55 -7.10 -4.17 8.08
C LYS A 55 -5.78 -3.42 7.88
N GLU A 56 -5.90 -2.18 7.43
CA GLU A 56 -4.74 -1.35 7.20
C GLU A 56 -3.94 -1.18 8.49
N SER A 57 -4.68 -0.99 9.57
CA SER A 57 -4.05 -0.80 10.87
C SER A 57 -3.24 -2.05 11.24
N ASP A 58 -3.85 -3.20 11.02
CA ASP A 58 -3.20 -4.47 11.32
C ASP A 58 -2.03 -4.68 10.35
N TRP A 59 -2.22 -4.21 9.13
CA TRP A 59 -1.20 -4.34 8.12
C TRP A 59 0.11 -3.75 8.67
N ASN A 60 -0.03 -2.55 9.22
CA ASN A 60 1.12 -1.86 9.79
C ASN A 60 1.79 -2.77 10.83
N GLN A 61 0.99 -3.68 11.37
CA GLN A 61 1.49 -4.61 12.37
C GLN A 61 2.06 -5.86 11.70
N HIS A 62 2.37 -5.71 10.42
CA HIS A 62 2.92 -6.82 9.65
C HIS A 62 4.00 -7.53 10.49
N LYS A 63 4.54 -6.80 11.44
CA LYS A 63 5.58 -7.34 12.30
C LYS A 63 5.03 -8.58 13.02
N LYS A 64 3.73 -8.56 13.26
CA LYS A 64 3.07 -9.67 13.94
C LYS A 64 1.57 -9.63 13.63
N LEU A 65 1.26 -9.35 12.38
CA LEU A 65 -0.13 -9.28 11.95
C LEU A 65 -0.73 -10.69 11.96
N GLU A 66 0.13 -11.67 11.73
CA GLU A 66 -0.30 -13.06 11.71
C GLU A 66 -1.03 -13.40 13.01
N LYS A 67 -0.82 -12.56 14.02
CA LYS A 67 -1.45 -12.76 15.31
C LYS A 67 -2.69 -11.87 15.42
N CYS A 68 -3.02 -11.23 14.30
CA CYS A 68 -4.17 -10.35 14.26
C CYS A 68 -5.02 -10.72 13.03
N ARG A 69 -4.65 -11.83 12.41
CA ARG A 69 -5.36 -12.30 11.24
C ARG A 69 -6.85 -12.45 11.55
N GLY A 70 -7.65 -12.29 10.50
CA GLY A 70 -9.10 -12.40 10.65
C GLY A 70 -9.75 -12.71 9.30
N VAL A 71 -11.07 -12.84 9.35
CA VAL A 71 -11.83 -13.15 8.14
C VAL A 71 -12.94 -12.11 7.97
N PHE A 72 -13.44 -12.02 6.75
CA PHE A 72 -14.50 -11.08 6.44
C PHE A 72 -15.17 -11.41 5.10
N PRO A 73 -16.45 -10.99 4.98
CA PRO A 73 -17.21 -11.25 3.77
C PRO A 73 -16.76 -10.33 2.63
N GLU A 74 -16.22 -10.95 1.59
CA GLU A 74 -15.74 -10.20 0.44
C GLU A 74 -16.91 -9.57 -0.30
N ASN A 75 -18.06 -10.23 -0.23
CA ASN A 75 -19.26 -9.73 -0.88
C ASN A 75 -19.78 -8.51 -0.12
N PHE A 76 -19.15 -8.25 1.01
CA PHE A 76 -19.53 -7.11 1.83
C PHE A 76 -18.51 -5.99 1.74
N THR A 77 -17.49 -6.22 0.91
CA THR A 77 -16.44 -5.24 0.73
C THR A 77 -16.21 -4.99 -0.77
N GLU A 78 -15.25 -4.12 -1.04
CA GLU A 78 -14.92 -3.78 -2.42
C GLU A 78 -13.42 -3.95 -2.66
N ARG A 79 -13.09 -4.43 -3.85
CA ARG A 79 -11.70 -4.65 -4.21
C ARG A 79 -11.07 -3.35 -4.68
N VAL A 80 -9.92 -3.04 -4.11
CA VAL A 80 -9.19 -1.83 -4.45
C VAL A 80 -7.98 -2.19 -5.30
N PRO A 81 -7.98 -1.68 -6.56
CA PRO A 81 -6.87 -1.95 -7.47
C PRO A 81 -5.65 -1.11 -7.10
N GLY A 1 3.46 2.28 11.73
CA GLY A 1 3.66 1.80 10.37
C GLY A 1 3.22 0.35 10.23
N ARG A 2 3.12 -0.09 8.98
CA ARG A 2 2.71 -1.46 8.70
C ARG A 2 3.78 -2.45 9.17
N LEU A 3 3.60 -3.70 8.80
CA LEU A 3 4.54 -4.74 9.17
C LEU A 3 4.99 -5.49 7.91
N ASP A 4 4.03 -5.75 7.04
CA ASP A 4 4.31 -6.45 5.80
C ASP A 4 4.04 -5.53 4.61
N LEU A 5 4.71 -5.82 3.51
CA LEU A 5 4.55 -5.03 2.31
C LEU A 5 3.31 -5.48 1.55
N PRO A 6 2.81 -4.58 0.65
CA PRO A 6 1.63 -4.89 -0.13
C PRO A 6 1.96 -5.87 -1.25
N PRO A 7 1.07 -6.90 -1.39
CA PRO A 7 1.25 -7.91 -2.42
C PRO A 7 0.90 -7.36 -3.80
N GLY A 8 1.64 -7.83 -4.79
CA GLY A 8 1.42 -7.40 -6.16
C GLY A 8 2.22 -6.13 -6.48
N PHE A 9 2.52 -5.39 -5.42
CA PHE A 9 3.28 -4.15 -5.58
C PHE A 9 4.33 -4.29 -6.67
N MET A 10 4.59 -3.18 -7.35
CA MET A 10 5.56 -3.16 -8.42
C MET A 10 6.83 -2.42 -7.99
N PHE A 11 6.69 -1.12 -7.82
CA PHE A 11 7.82 -0.28 -7.41
C PHE A 11 7.34 1.00 -6.74
N LYS A 12 8.30 1.79 -6.28
CA LYS A 12 7.98 3.05 -5.62
C LYS A 12 8.08 4.18 -6.64
N VAL A 13 7.25 5.20 -6.42
CA VAL A 13 7.23 6.35 -7.32
C VAL A 13 7.15 7.63 -6.48
N GLN A 14 7.59 8.72 -7.09
CA GLN A 14 7.57 10.01 -6.41
C GLN A 14 6.83 11.04 -7.26
N ALA A 15 5.88 11.72 -6.63
CA ALA A 15 5.10 12.74 -7.31
C ALA A 15 5.98 13.96 -7.58
N GLN A 16 5.78 14.55 -8.74
CA GLN A 16 6.53 15.73 -9.13
C GLN A 16 5.63 16.96 -9.17
N HIS A 17 4.35 16.73 -8.91
CA HIS A 17 3.37 17.80 -8.92
C HIS A 17 2.31 17.54 -7.85
N ASP A 18 1.49 18.54 -7.61
CA ASP A 18 0.43 18.44 -6.62
C ASP A 18 -0.91 18.32 -7.33
N TYR A 19 -1.42 17.09 -7.37
CA TYR A 19 -2.69 16.83 -8.01
C TYR A 19 -3.75 16.43 -6.98
N THR A 20 -4.63 17.38 -6.68
CA THR A 20 -5.69 17.14 -5.72
C THR A 20 -6.80 16.30 -6.35
N ALA A 21 -6.94 15.08 -5.84
CA ALA A 21 -7.95 14.17 -6.34
C ALA A 21 -8.99 13.93 -5.26
N THR A 22 -10.22 14.32 -5.57
CA THR A 22 -11.32 14.15 -4.62
C THR A 22 -12.38 13.22 -5.21
N ASP A 23 -12.27 11.95 -4.85
CA ASP A 23 -13.22 10.96 -5.32
C ASP A 23 -13.54 9.98 -4.19
N THR A 24 -14.33 8.97 -4.53
CA THR A 24 -14.71 7.96 -3.56
C THR A 24 -13.64 6.88 -3.45
N ASP A 25 -12.60 7.03 -4.25
CA ASP A 25 -11.50 6.08 -4.27
C ASP A 25 -10.35 6.65 -5.09
N GLU A 26 -10.10 7.94 -4.90
CA GLU A 26 -9.03 8.61 -5.61
C GLU A 26 -7.74 8.61 -4.78
N LEU A 27 -6.66 9.01 -5.42
CA LEU A 27 -5.37 9.07 -4.75
C LEU A 27 -4.77 10.46 -4.90
N GLN A 28 -4.66 11.15 -3.78
CA GLN A 28 -4.11 12.50 -3.77
C GLN A 28 -2.58 12.44 -3.77
N LEU A 29 -1.99 13.35 -4.53
CA LEU A 29 -0.55 13.42 -4.64
C LEU A 29 -0.09 14.86 -4.41
N LYS A 30 1.15 14.99 -3.96
CA LYS A 30 1.72 16.30 -3.69
C LYS A 30 3.10 16.40 -4.34
N ALA A 31 3.31 17.49 -5.05
CA ALA A 31 4.58 17.71 -5.73
C ALA A 31 5.72 17.30 -4.80
N GLY A 32 6.18 16.07 -4.98
CA GLY A 32 7.26 15.54 -4.17
C GLY A 32 6.72 14.62 -3.07
N ASP A 33 5.81 13.74 -3.48
CA ASP A 33 5.22 12.79 -2.55
C ASP A 33 5.74 11.38 -2.86
N VAL A 34 5.37 10.45 -2.00
CA VAL A 34 5.79 9.07 -2.16
C VAL A 34 4.57 8.20 -2.49
N VAL A 35 4.70 7.44 -3.57
CA VAL A 35 3.62 6.57 -4.00
C VAL A 35 4.20 5.22 -4.42
N LEU A 36 3.42 4.18 -4.21
CA LEU A 36 3.83 2.83 -4.56
C LEU A 36 2.88 2.27 -5.62
N VAL A 37 3.47 1.84 -6.73
CA VAL A 37 2.70 1.27 -7.82
C VAL A 37 2.27 -0.15 -7.46
N ILE A 38 0.96 -0.35 -7.39
CA ILE A 38 0.42 -1.66 -7.06
C ILE A 38 -0.59 -2.07 -8.14
N PRO A 39 -0.75 -3.41 -8.29
CA PRO A 39 -1.68 -3.95 -9.27
C PRO A 39 -3.14 -3.80 -8.79
N PHE A 40 -3.89 -3.02 -9.54
CA PHE A 40 -5.29 -2.79 -9.20
C PHE A 40 -6.07 -4.10 -9.18
N GLN A 41 -7.38 -3.97 -9.04
CA GLN A 41 -8.25 -5.13 -9.01
C GLN A 41 -8.61 -5.57 -10.42
N ASN A 42 -8.64 -4.60 -11.32
CA ASN A 42 -8.97 -4.88 -12.71
C ASN A 42 -8.47 -3.73 -13.59
N PRO A 43 -8.07 -4.09 -14.83
CA PRO A 43 -7.58 -3.10 -15.78
C PRO A 43 -8.72 -2.27 -16.35
N GLU A 44 -9.93 -2.79 -16.20
CA GLU A 44 -11.11 -2.11 -16.70
C GLU A 44 -11.40 -0.86 -15.85
N GLU A 45 -10.96 -0.91 -14.60
CA GLU A 45 -11.16 0.20 -13.70
C GLU A 45 -10.03 1.22 -13.86
N GLN A 46 -8.97 0.79 -14.53
CA GLN A 46 -7.83 1.65 -14.75
C GLN A 46 -8.08 2.58 -15.94
N ASP A 47 -7.46 3.75 -15.89
CA ASP A 47 -7.62 4.73 -16.94
C ASP A 47 -6.28 4.94 -17.64
N GLU A 48 -6.36 5.38 -18.90
CA GLU A 48 -5.17 5.62 -19.69
C GLU A 48 -4.44 6.87 -19.18
N GLY A 49 -3.28 6.63 -18.58
CA GLY A 49 -2.48 7.72 -18.05
C GLY A 49 -2.55 7.76 -16.52
N TRP A 50 -3.37 6.88 -15.98
CA TRP A 50 -3.55 6.81 -14.53
C TRP A 50 -3.60 5.33 -14.14
N LEU A 51 -2.94 5.02 -13.04
CA LEU A 51 -2.90 3.65 -12.54
C LEU A 51 -3.22 3.65 -11.05
N MET A 52 -3.38 2.44 -10.52
CA MET A 52 -3.69 2.29 -9.11
C MET A 52 -2.41 2.24 -8.27
N GLY A 53 -2.25 3.25 -7.44
CA GLY A 53 -1.07 3.34 -6.58
C GLY A 53 -1.47 3.69 -5.14
N VAL A 54 -0.47 3.69 -4.27
CA VAL A 54 -0.70 4.01 -2.88
C VAL A 54 0.41 4.92 -2.37
N LYS A 55 0.03 5.84 -1.50
CA LYS A 55 0.99 6.79 -0.94
C LYS A 55 1.74 6.12 0.21
N GLU A 56 2.87 6.72 0.57
CA GLU A 56 3.69 6.20 1.65
C GLU A 56 2.87 6.12 2.94
N SER A 57 2.05 7.14 3.14
CA SER A 57 1.21 7.20 4.34
C SER A 57 0.23 6.02 4.35
N ASP A 58 -0.40 5.80 3.20
CA ASP A 58 -1.36 4.72 3.07
C ASP A 58 -0.66 3.39 3.35
N TRP A 59 0.62 3.34 2.99
CA TRP A 59 1.40 2.14 3.19
C TRP A 59 1.26 1.72 4.66
N ASN A 60 1.44 2.71 5.54
CA ASN A 60 1.34 2.45 6.96
C ASN A 60 -0.06 1.89 7.27
N GLN A 61 -1.00 2.22 6.42
CA GLN A 61 -2.37 1.76 6.59
C GLN A 61 -2.56 0.41 5.87
N HIS A 62 -1.44 -0.22 5.57
CA HIS A 62 -1.48 -1.51 4.90
C HIS A 62 -2.52 -2.42 5.56
N LYS A 63 -2.81 -2.11 6.82
CA LYS A 63 -3.78 -2.88 7.57
C LYS A 63 -5.12 -2.85 6.85
N LYS A 64 -5.35 -1.76 6.14
CA LYS A 64 -6.59 -1.59 5.40
C LYS A 64 -6.31 -0.79 4.12
N LEU A 65 -5.36 -1.29 3.35
CA LEU A 65 -4.99 -0.64 2.10
C LEU A 65 -6.15 -0.73 1.12
N GLU A 66 -6.91 -1.82 1.23
CA GLU A 66 -8.05 -2.03 0.37
C GLU A 66 -9.02 -0.85 0.45
N LYS A 67 -8.86 -0.08 1.52
CA LYS A 67 -9.71 1.08 1.72
C LYS A 67 -8.87 2.35 1.62
N CYS A 68 -7.62 2.17 1.20
CA CYS A 68 -6.71 3.29 1.05
C CYS A 68 -6.26 3.35 -0.41
N ARG A 69 -6.77 2.41 -1.20
CA ARG A 69 -6.42 2.34 -2.61
C ARG A 69 -6.98 3.56 -3.35
N GLY A 70 -6.29 3.92 -4.42
CA GLY A 70 -6.70 5.06 -5.22
C GLY A 70 -6.02 5.04 -6.59
N VAL A 71 -6.33 6.06 -7.38
CA VAL A 71 -5.76 6.18 -8.72
C VAL A 71 -4.95 7.47 -8.81
N PHE A 72 -3.92 7.43 -9.65
CA PHE A 72 -3.07 8.59 -9.84
C PHE A 72 -2.41 8.57 -11.23
N PRO A 73 -2.21 9.78 -11.79
CA PRO A 73 -1.59 9.90 -13.10
C PRO A 73 -0.08 9.66 -13.01
N GLU A 74 0.35 8.60 -13.70
CA GLU A 74 1.76 8.25 -13.71
C GLU A 74 2.57 9.32 -14.45
N ASN A 75 1.93 9.92 -15.43
CA ASN A 75 2.58 10.96 -16.22
C ASN A 75 2.77 12.21 -15.37
N PHE A 76 2.18 12.15 -14.17
CA PHE A 76 2.28 13.28 -13.25
C PHE A 76 3.19 12.94 -12.07
N THR A 77 3.73 11.72 -12.12
CA THR A 77 4.63 11.27 -11.06
C THR A 77 5.95 10.79 -11.66
N GLU A 78 6.84 10.36 -10.78
CA GLU A 78 8.14 9.86 -11.20
C GLU A 78 8.40 8.47 -10.61
N ARG A 79 9.03 7.64 -11.40
CA ARG A 79 9.34 6.28 -10.98
C ARG A 79 10.61 6.28 -10.11
N VAL A 80 10.55 5.51 -9.04
CA VAL A 80 11.67 5.41 -8.12
C VAL A 80 12.06 3.94 -7.96
N PRO A 81 13.31 3.61 -8.42
CA PRO A 81 13.80 2.25 -8.33
C PRO A 81 14.21 1.91 -6.89
N GLY A 1 3.46 2.28 11.73
CA GLY A 1 3.66 1.80 10.37
C GLY A 1 5.10 1.35 10.15
N ARG A 2 5.50 1.34 8.89
CA ARG A 2 6.85 0.93 8.54
C ARG A 2 7.85 2.02 8.91
N LEU A 3 9.12 1.75 8.60
CA LEU A 3 10.17 2.70 8.91
C LEU A 3 10.84 3.14 7.60
N ASP A 4 10.99 2.19 6.70
CA ASP A 4 11.61 2.46 5.41
C ASP A 4 10.53 2.53 4.33
N LEU A 5 10.85 3.24 3.26
CA LEU A 5 9.92 3.39 2.16
C LEU A 5 10.16 2.29 1.13
N PRO A 6 9.13 2.06 0.28
CA PRO A 6 9.23 1.04 -0.75
C PRO A 6 10.13 1.49 -1.90
N PRO A 7 11.03 0.55 -2.32
CA PRO A 7 11.95 0.85 -3.40
C PRO A 7 11.23 0.82 -4.76
N GLY A 8 11.63 1.75 -5.62
CA GLY A 8 11.04 1.85 -6.94
C GLY A 8 9.80 2.75 -6.92
N PHE A 9 9.21 2.86 -5.75
CA PHE A 9 8.02 3.68 -5.58
C PHE A 9 8.10 4.93 -6.44
N MET A 10 6.94 5.37 -6.92
CA MET A 10 6.87 6.55 -7.75
C MET A 10 6.26 7.73 -6.98
N PHE A 11 4.99 7.59 -6.66
CA PHE A 11 4.28 8.63 -5.93
C PHE A 11 3.04 8.06 -5.24
N LYS A 12 2.33 8.94 -4.54
CA LYS A 12 1.13 8.54 -3.84
C LYS A 12 -0.10 8.92 -4.66
N VAL A 13 -1.13 8.11 -4.55
CA VAL A 13 -2.36 8.35 -5.27
C VAL A 13 -3.56 8.09 -4.35
N GLN A 14 -4.71 8.58 -4.79
CA GLN A 14 -5.93 8.40 -4.01
C GLN A 14 -7.08 7.95 -4.92
N ALA A 15 -7.83 6.96 -4.43
CA ALA A 15 -8.95 6.44 -5.19
C ALA A 15 -10.15 7.39 -5.05
N GLN A 16 -10.99 7.36 -6.07
CA GLN A 16 -12.17 8.22 -6.07
C GLN A 16 -13.44 7.37 -6.14
N HIS A 17 -13.23 6.05 -6.18
CA HIS A 17 -14.34 5.12 -6.24
C HIS A 17 -13.98 3.85 -5.48
N ASP A 18 -14.99 3.01 -5.27
CA ASP A 18 -14.79 1.76 -4.56
C ASP A 18 -14.84 0.60 -5.57
N TYR A 19 -13.66 0.14 -5.94
CA TYR A 19 -13.55 -0.96 -6.89
C TYR A 19 -13.09 -2.24 -6.20
N THR A 20 -14.02 -3.16 -6.03
CA THR A 20 -13.72 -4.43 -5.39
C THR A 20 -12.95 -5.35 -6.34
N ALA A 21 -11.69 -5.61 -5.98
CA ALA A 21 -10.85 -6.46 -6.80
C ALA A 21 -10.55 -7.76 -6.04
N THR A 22 -11.02 -8.86 -6.61
CA THR A 22 -10.82 -10.16 -6.00
C THR A 22 -10.00 -11.06 -6.92
N ASP A 23 -8.69 -11.06 -6.70
CA ASP A 23 -7.79 -11.87 -7.49
C ASP A 23 -6.68 -12.42 -6.60
N THR A 24 -5.74 -13.10 -7.24
CA THR A 24 -4.62 -13.68 -6.52
C THR A 24 -3.49 -12.67 -6.38
N ASP A 25 -3.75 -11.47 -6.86
CA ASP A 25 -2.76 -10.41 -6.80
C ASP A 25 -3.41 -9.08 -7.20
N GLU A 26 -4.65 -8.92 -6.77
CA GLU A 26 -5.40 -7.71 -7.07
C GLU A 26 -5.23 -6.70 -5.94
N LEU A 27 -5.70 -5.48 -6.20
CA LEU A 27 -5.62 -4.41 -5.22
C LEU A 27 -6.98 -3.75 -5.06
N GLN A 28 -7.56 -3.92 -3.88
CA GLN A 28 -8.86 -3.35 -3.59
C GLN A 28 -8.73 -1.86 -3.28
N LEU A 29 -9.68 -1.10 -3.79
CA LEU A 29 -9.69 0.34 -3.58
C LEU A 29 -11.07 0.79 -3.11
N LYS A 30 -11.09 1.81 -2.27
CA LYS A 30 -12.34 2.33 -1.74
C LYS A 30 -12.39 3.84 -1.99
N ALA A 31 -13.53 4.29 -2.49
CA ALA A 31 -13.72 5.70 -2.76
C ALA A 31 -13.07 6.53 -1.66
N GLY A 32 -11.89 7.06 -1.98
CA GLY A 32 -11.16 7.87 -1.03
C GLY A 32 -10.12 7.03 -0.27
N ASP A 33 -9.40 6.23 -1.03
CA ASP A 33 -8.37 5.36 -0.46
C ASP A 33 -6.99 5.91 -0.82
N VAL A 34 -5.99 5.38 -0.14
CA VAL A 34 -4.62 5.80 -0.38
C VAL A 34 -3.85 4.66 -1.03
N VAL A 35 -3.25 4.97 -2.17
CA VAL A 35 -2.47 3.97 -2.90
C VAL A 35 -1.18 4.62 -3.40
N LEU A 36 -0.10 3.85 -3.33
CA LEU A 36 1.20 4.33 -3.77
C LEU A 36 1.60 3.59 -5.05
N VAL A 37 1.92 4.38 -6.06
CA VAL A 37 2.32 3.81 -7.34
C VAL A 37 3.75 3.27 -7.23
N ILE A 38 3.86 1.95 -7.45
CA ILE A 38 5.15 1.31 -7.38
C ILE A 38 5.40 0.52 -8.67
N PRO A 39 6.71 0.35 -9.00
CA PRO A 39 7.09 -0.38 -10.20
C PRO A 39 6.90 -1.88 -10.01
N PHE A 40 6.01 -2.45 -10.81
CA PHE A 40 5.73 -3.87 -10.74
C PHE A 40 6.99 -4.69 -11.01
N GLN A 41 6.80 -6.00 -11.07
CA GLN A 41 7.91 -6.91 -11.32
C GLN A 41 8.21 -6.97 -12.82
N ASN A 42 7.16 -6.80 -13.62
CA ASN A 42 7.30 -6.84 -15.05
C ASN A 42 6.08 -6.15 -15.70
N PRO A 43 6.34 -5.51 -16.87
CA PRO A 43 5.30 -4.80 -17.58
C PRO A 43 4.37 -5.79 -18.29
N GLU A 44 4.85 -7.02 -18.43
CA GLU A 44 4.08 -8.06 -19.09
C GLU A 44 2.90 -8.49 -18.20
N GLU A 45 3.06 -8.24 -16.91
CA GLU A 45 2.01 -8.58 -15.95
C GLU A 45 1.04 -7.42 -15.78
N GLN A 46 1.48 -6.25 -16.24
CA GLN A 46 0.65 -5.06 -16.14
C GLN A 46 -0.35 -5.01 -17.30
N ASP A 47 -1.49 -4.38 -17.03
CA ASP A 47 -2.52 -4.25 -18.04
C ASP A 47 -2.59 -2.80 -18.52
N GLU A 48 -3.44 -2.59 -19.52
CA GLU A 48 -3.60 -1.26 -20.08
C GLU A 48 -4.68 -0.49 -19.33
N GLY A 49 -4.25 0.35 -18.39
CA GLY A 49 -5.16 1.15 -17.60
C GLY A 49 -5.02 0.83 -16.12
N TRP A 50 -4.49 -0.36 -15.84
CA TRP A 50 -4.29 -0.79 -14.47
C TRP A 50 -2.79 -0.99 -14.26
N LEU A 51 -2.30 -0.49 -13.13
CA LEU A 51 -0.90 -0.62 -12.79
C LEU A 51 -0.76 -1.24 -11.40
N MET A 52 0.48 -1.56 -11.05
CA MET A 52 0.76 -2.15 -9.75
C MET A 52 0.97 -1.08 -8.69
N GLY A 53 0.05 -1.03 -7.74
CA GLY A 53 0.13 -0.07 -6.67
C GLY A 53 -0.10 -0.72 -5.31
N VAL A 54 0.21 0.02 -4.25
CA VAL A 54 0.05 -0.49 -2.91
C VAL A 54 -0.75 0.52 -2.08
N LYS A 55 -1.61 -0.01 -1.22
CA LYS A 55 -2.43 0.84 -0.37
C LYS A 55 -1.59 1.34 0.80
N GLU A 56 -2.09 2.38 1.45
CA GLU A 56 -1.40 2.97 2.59
C GLU A 56 -1.22 1.92 3.69
N SER A 57 -2.24 1.10 3.86
CA SER A 57 -2.20 0.06 4.87
C SER A 57 -1.07 -0.93 4.55
N ASP A 58 -0.98 -1.28 3.28
CA ASP A 58 0.04 -2.23 2.84
C ASP A 58 1.42 -1.61 3.08
N TRP A 59 1.47 -0.29 2.95
CA TRP A 59 2.73 0.43 3.13
C TRP A 59 3.31 0.00 4.48
N ASN A 60 2.45 0.01 5.50
CA ASN A 60 2.86 -0.36 6.84
C ASN A 60 3.47 -1.77 6.81
N GLN A 61 3.05 -2.54 5.81
CA GLN A 61 3.53 -3.89 5.64
C GLN A 61 4.81 -3.90 4.80
N HIS A 62 5.42 -2.73 4.69
CA HIS A 62 6.64 -2.60 3.91
C HIS A 62 7.59 -3.75 4.24
N LYS A 63 7.39 -4.32 5.42
CA LYS A 63 8.22 -5.43 5.87
C LYS A 63 8.10 -6.58 4.87
N LYS A 64 6.91 -6.72 4.31
CA LYS A 64 6.65 -7.76 3.34
C LYS A 64 5.48 -7.35 2.44
N LEU A 65 5.57 -6.12 1.94
CA LEU A 65 4.54 -5.59 1.07
C LEU A 65 4.57 -6.32 -0.27
N GLU A 66 5.78 -6.75 -0.64
CA GLU A 66 5.96 -7.47 -1.88
C GLU A 66 5.05 -8.69 -1.94
N LYS A 67 4.56 -9.08 -0.77
CA LYS A 67 3.68 -10.23 -0.66
C LYS A 67 2.23 -9.75 -0.56
N CYS A 68 2.06 -8.45 -0.73
CA CYS A 68 0.74 -7.84 -0.66
C CYS A 68 0.53 -6.99 -1.91
N ARG A 69 1.48 -7.10 -2.83
CA ARG A 69 1.42 -6.34 -4.07
C ARG A 69 0.09 -6.62 -4.79
N GLY A 70 -0.33 -5.64 -5.58
CA GLY A 70 -1.57 -5.76 -6.32
C GLY A 70 -1.63 -4.74 -7.47
N VAL A 71 -2.71 -4.80 -8.21
CA VAL A 71 -2.91 -3.88 -9.33
C VAL A 71 -4.26 -3.18 -9.17
N PHE A 72 -4.39 -2.06 -9.88
CA PHE A 72 -5.61 -1.29 -9.83
C PHE A 72 -5.69 -0.29 -10.99
N PRO A 73 -6.94 0.10 -11.34
CA PRO A 73 -7.16 1.04 -12.43
C PRO A 73 -6.79 2.47 -12.00
N GLU A 74 -5.79 3.00 -12.67
CA GLU A 74 -5.33 4.35 -12.38
C GLU A 74 -6.41 5.37 -12.75
N ASN A 75 -7.14 5.05 -13.81
CA ASN A 75 -8.20 5.93 -14.27
C ASN A 75 -9.28 6.04 -13.18
N PHE A 76 -9.41 4.97 -12.42
CA PHE A 76 -10.39 4.94 -11.35
C PHE A 76 -9.84 5.58 -10.08
N THR A 77 -8.63 6.10 -10.19
CA THR A 77 -7.98 6.74 -9.06
C THR A 77 -7.33 8.06 -9.50
N GLU A 78 -6.71 8.72 -8.54
CA GLU A 78 -6.06 9.99 -8.80
C GLU A 78 -4.76 10.09 -8.01
N ARG A 79 -3.69 10.40 -8.73
CA ARG A 79 -2.37 10.54 -8.11
C ARG A 79 -2.29 11.86 -7.34
N VAL A 80 -1.64 11.79 -6.18
CA VAL A 80 -1.48 12.96 -5.34
C VAL A 80 -0.07 13.53 -5.53
N PRO A 81 -0.02 14.81 -5.97
CA PRO A 81 1.26 15.47 -6.19
C PRO A 81 1.91 15.86 -4.86
N GLY A 1 3.46 2.28 11.73
CA GLY A 1 3.66 1.80 10.37
C GLY A 1 4.92 0.94 10.27
N ARG A 2 5.60 1.08 9.15
CA ARG A 2 6.83 0.32 8.91
C ARG A 2 7.87 0.66 9.98
N LEU A 3 9.09 0.18 9.75
CA LEU A 3 10.18 0.43 10.67
C LEU A 3 11.33 1.09 9.92
N ASP A 4 11.58 0.59 8.72
CA ASP A 4 12.65 1.13 7.89
C ASP A 4 12.05 1.74 6.63
N LEU A 5 12.80 2.69 6.07
CA LEU A 5 12.35 3.36 4.85
C LEU A 5 12.77 2.54 3.63
N PRO A 6 12.09 2.81 2.49
CA PRO A 6 12.38 2.11 1.26
C PRO A 6 13.69 2.61 0.63
N PRO A 7 14.53 1.64 0.20
CA PRO A 7 15.81 1.97 -0.41
C PRO A 7 15.62 2.49 -1.83
N GLY A 8 16.38 3.52 -2.17
CA GLY A 8 16.30 4.12 -3.50
C GLY A 8 15.22 5.19 -3.54
N PHE A 9 14.29 5.11 -2.61
CA PHE A 9 13.20 6.06 -2.53
C PHE A 9 13.67 7.46 -2.93
N MET A 10 12.73 8.26 -3.39
CA MET A 10 13.03 9.62 -3.80
C MET A 10 12.36 10.64 -2.87
N PHE A 11 11.06 10.78 -3.04
CA PHE A 11 10.30 11.73 -2.23
C PHE A 11 8.81 11.39 -2.26
N LYS A 12 8.05 12.13 -1.48
CA LYS A 12 6.61 11.93 -1.40
C LYS A 12 5.92 12.81 -2.44
N VAL A 13 4.81 12.31 -2.95
CA VAL A 13 4.05 13.04 -3.96
C VAL A 13 2.57 13.06 -3.56
N GLN A 14 1.84 13.99 -4.16
CA GLN A 14 0.42 14.12 -3.87
C GLN A 14 -0.38 14.11 -5.17
N ALA A 15 -1.26 13.13 -5.28
CA ALA A 15 -2.10 13.00 -6.46
C ALA A 15 -3.07 14.17 -6.53
N GLN A 16 -3.21 14.72 -7.73
CA GLN A 16 -4.10 15.85 -7.94
C GLN A 16 -5.33 15.41 -8.74
N HIS A 17 -5.30 14.16 -9.17
CA HIS A 17 -6.40 13.61 -9.94
C HIS A 17 -6.59 12.13 -9.59
N ASP A 18 -7.68 11.57 -10.07
CA ASP A 18 -8.00 10.17 -9.81
C ASP A 18 -7.76 9.36 -11.08
N TYR A 19 -6.66 8.63 -11.09
CA TYR A 19 -6.30 7.81 -12.24
C TYR A 19 -6.47 6.33 -11.91
N THR A 20 -7.54 5.75 -12.42
CA THR A 20 -7.83 4.35 -12.20
C THR A 20 -6.92 3.47 -13.07
N ALA A 21 -6.03 2.75 -12.41
CA ALA A 21 -5.10 1.88 -13.10
C ALA A 21 -5.43 0.41 -12.77
N THR A 22 -5.78 -0.34 -13.79
CA THR A 22 -6.12 -1.74 -13.63
C THR A 22 -5.14 -2.62 -14.39
N ASP A 23 -4.12 -3.08 -13.67
CA ASP A 23 -3.11 -3.93 -14.27
C ASP A 23 -2.70 -5.02 -13.27
N THR A 24 -1.71 -5.80 -13.67
CA THR A 24 -1.22 -6.87 -12.82
C THR A 24 -0.16 -6.35 -11.86
N ASP A 25 0.07 -5.05 -11.93
CA ASP A 25 1.07 -4.42 -11.08
C ASP A 25 1.01 -2.90 -11.27
N GLU A 26 -0.21 -2.40 -11.40
CA GLU A 26 -0.43 -0.98 -11.58
C GLU A 26 -0.60 -0.28 -10.23
N LEU A 27 -0.59 1.05 -10.28
CA LEU A 27 -0.75 1.83 -9.06
C LEU A 27 -1.93 2.78 -9.23
N GLN A 28 -2.96 2.54 -8.44
CA GLN A 28 -4.17 3.36 -8.49
C GLN A 28 -3.99 4.61 -7.61
N LEU A 29 -4.41 5.73 -8.16
CA LEU A 29 -4.30 6.99 -7.44
C LEU A 29 -5.66 7.71 -7.48
N LYS A 30 -5.95 8.41 -6.38
CA LYS A 30 -7.20 9.14 -6.28
C LYS A 30 -6.91 10.60 -5.98
N ALA A 31 -7.57 11.48 -6.72
CA ALA A 31 -7.38 12.90 -6.54
C ALA A 31 -7.17 13.20 -5.06
N GLY A 32 -5.93 13.51 -4.72
CA GLY A 32 -5.58 13.81 -3.34
C GLY A 32 -5.02 12.58 -2.63
N ASP A 33 -4.18 11.84 -3.35
CA ASP A 33 -3.58 10.65 -2.81
C ASP A 33 -2.11 10.93 -2.46
N VAL A 34 -1.55 10.05 -1.65
CA VAL A 34 -0.17 10.19 -1.24
C VAL A 34 0.66 9.01 -1.75
N VAL A 35 1.62 9.33 -2.60
CA VAL A 35 2.48 8.30 -3.17
C VAL A 35 3.94 8.75 -3.08
N LEU A 36 4.81 7.78 -2.85
CA LEU A 36 6.23 8.07 -2.76
C LEU A 36 6.94 7.56 -4.01
N VAL A 37 7.78 8.42 -4.56
CA VAL A 37 8.52 8.08 -5.76
C VAL A 37 9.71 7.18 -5.39
N ILE A 38 9.72 5.99 -5.97
CA ILE A 38 10.78 5.04 -5.71
C ILE A 38 11.35 4.54 -7.04
N PRO A 39 12.64 4.11 -6.98
CA PRO A 39 13.31 3.60 -8.18
C PRO A 39 12.82 2.19 -8.53
N PHE A 40 12.20 2.09 -9.70
CA PHE A 40 11.68 0.82 -10.15
C PHE A 40 12.80 -0.22 -10.28
N GLN A 41 12.45 -1.36 -10.86
CA GLN A 41 13.41 -2.43 -11.04
C GLN A 41 14.22 -2.20 -12.32
N ASN A 42 13.67 -1.39 -13.20
CA ASN A 42 14.34 -1.08 -14.46
C ASN A 42 13.55 0.02 -15.18
N PRO A 43 14.31 0.87 -15.91
CA PRO A 43 13.70 1.95 -16.66
C PRO A 43 13.00 1.44 -17.93
N GLU A 44 13.38 0.22 -18.31
CA GLU A 44 12.81 -0.40 -19.49
C GLU A 44 11.35 -0.81 -19.21
N GLU A 45 11.03 -0.90 -17.94
CA GLU A 45 9.67 -1.28 -17.54
C GLU A 45 8.83 -0.02 -17.29
N GLN A 46 9.51 1.11 -17.21
CA GLN A 46 8.84 2.38 -16.98
C GLN A 46 8.42 3.01 -18.31
N ASP A 47 7.35 3.78 -18.25
CA ASP A 47 6.84 4.45 -19.44
C ASP A 47 7.10 5.96 -19.32
N GLU A 48 7.07 6.63 -20.46
CA GLU A 48 7.29 8.06 -20.50
C GLU A 48 6.08 8.80 -19.93
N GLY A 49 6.32 9.48 -18.81
CA GLY A 49 5.26 10.23 -18.15
C GLY A 49 4.70 9.45 -16.96
N TRP A 50 5.26 8.26 -16.75
CA TRP A 50 4.81 7.42 -15.66
C TRP A 50 6.07 6.80 -15.02
N LEU A 51 6.04 6.75 -13.69
CA LEU A 51 7.15 6.19 -12.94
C LEU A 51 6.62 5.23 -11.88
N MET A 52 7.55 4.54 -11.23
CA MET A 52 7.19 3.59 -10.19
C MET A 52 7.11 4.27 -8.83
N GLY A 53 5.91 4.29 -8.28
CA GLY A 53 5.70 4.91 -6.97
C GLY A 53 4.89 3.98 -6.05
N VAL A 54 4.84 4.37 -4.79
CA VAL A 54 4.10 3.58 -3.81
C VAL A 54 3.25 4.52 -2.94
N LYS A 55 2.08 4.03 -2.56
CA LYS A 55 1.18 4.81 -1.74
C LYS A 55 1.69 4.83 -0.30
N GLU A 56 1.22 5.82 0.45
CA GLU A 56 1.62 5.97 1.83
C GLU A 56 1.26 4.72 2.63
N SER A 57 0.07 4.20 2.34
CA SER A 57 -0.41 3.01 3.02
C SER A 57 0.52 1.83 2.74
N ASP A 58 1.01 1.79 1.51
CA ASP A 58 1.91 0.72 1.09
C ASP A 58 3.24 0.86 1.84
N TRP A 59 3.58 2.11 2.14
CA TRP A 59 4.83 2.38 2.86
C TRP A 59 4.85 1.50 4.10
N ASN A 60 3.74 1.50 4.81
CA ASN A 60 3.62 0.70 6.03
C ASN A 60 3.92 -0.76 5.71
N GLN A 61 3.70 -1.11 4.45
CA GLN A 61 3.94 -2.47 4.00
C GLN A 61 5.39 -2.63 3.53
N HIS A 62 6.21 -1.68 3.94
CA HIS A 62 7.62 -1.69 3.57
C HIS A 62 8.19 -3.10 3.76
N LYS A 63 7.52 -3.86 4.61
CA LYS A 63 7.93 -5.22 4.89
C LYS A 63 7.94 -6.03 3.59
N LYS A 64 6.99 -5.69 2.72
CA LYS A 64 6.87 -6.37 1.45
C LYS A 64 6.23 -5.42 0.43
N LEU A 65 6.79 -4.22 0.34
CA LEU A 65 6.27 -3.23 -0.58
C LEU A 65 6.57 -3.66 -2.01
N GLU A 66 7.67 -4.39 -2.15
CA GLU A 66 8.08 -4.87 -3.46
C GLU A 66 6.94 -5.66 -4.12
N LYS A 67 6.00 -6.06 -3.30
CA LYS A 67 4.85 -6.82 -3.78
C LYS A 67 3.63 -5.91 -3.85
N CYS A 68 3.88 -4.62 -3.63
CA CYS A 68 2.81 -3.64 -3.66
C CYS A 68 3.22 -2.51 -4.63
N ARG A 69 4.35 -2.74 -5.29
CA ARG A 69 4.86 -1.77 -6.24
C ARG A 69 3.87 -1.57 -7.38
N GLY A 70 3.96 -0.39 -8.00
CA GLY A 70 3.07 -0.06 -9.10
C GLY A 70 3.61 1.12 -9.90
N VAL A 71 2.88 1.48 -10.95
CA VAL A 71 3.27 2.58 -11.80
C VAL A 71 2.16 3.63 -11.82
N PHE A 72 2.55 4.87 -12.06
CA PHE A 72 1.60 5.96 -12.12
C PHE A 72 2.18 7.17 -12.85
N PRO A 73 1.28 7.96 -13.48
CA PRO A 73 1.69 9.14 -14.21
C PRO A 73 2.06 10.28 -13.26
N GLU A 74 3.32 10.67 -13.31
CA GLU A 74 3.81 11.74 -12.46
C GLU A 74 3.17 13.07 -12.86
N ASN A 75 2.95 13.21 -14.16
CA ASN A 75 2.35 14.42 -14.69
C ASN A 75 0.91 14.54 -14.19
N PHE A 76 0.44 13.46 -13.60
CA PHE A 76 -0.91 13.42 -13.07
C PHE A 76 -0.92 13.58 -11.55
N THR A 77 0.28 13.78 -11.00
CA THR A 77 0.43 13.95 -9.56
C THR A 77 1.23 15.20 -9.26
N GLU A 78 1.43 15.44 -7.97
CA GLU A 78 2.18 16.60 -7.52
C GLU A 78 3.32 16.18 -6.59
N ARG A 79 4.40 16.94 -6.65
CA ARG A 79 5.56 16.65 -5.83
C ARG A 79 5.44 17.36 -4.48
N VAL A 80 5.62 16.59 -3.42
CA VAL A 80 5.53 17.12 -2.07
C VAL A 80 6.91 17.05 -1.41
N PRO A 81 7.45 18.27 -1.10
CA PRO A 81 8.75 18.35 -0.46
C PRO A 81 8.67 17.97 1.02
N GLY A 1 3.46 2.28 11.73
CA GLY A 1 3.66 1.80 10.37
C GLY A 1 5.01 2.27 9.82
N ARG A 2 4.99 2.65 8.54
CA ARG A 2 6.19 3.12 7.88
C ARG A 2 6.62 4.47 8.46
N LEU A 3 7.60 5.07 7.80
CA LEU A 3 8.11 6.35 8.24
C LEU A 3 8.01 7.35 7.08
N ASP A 4 8.33 6.87 5.89
CA ASP A 4 8.28 7.70 4.70
C ASP A 4 7.09 7.28 3.84
N LEU A 5 6.61 8.23 3.04
CA LEU A 5 5.49 7.96 2.16
C LEU A 5 5.99 7.34 0.87
N PRO A 6 5.05 6.70 0.13
CA PRO A 6 5.38 6.05 -1.14
C PRO A 6 5.59 7.09 -2.24
N PRO A 7 6.69 6.89 -3.01
CA PRO A 7 7.01 7.80 -4.10
C PRO A 7 6.10 7.56 -5.29
N GLY A 8 5.78 8.65 -5.97
CA GLY A 8 4.91 8.58 -7.14
C GLY A 8 3.43 8.68 -6.74
N PHE A 9 3.18 8.34 -5.49
CA PHE A 9 1.82 8.39 -4.96
C PHE A 9 1.05 9.58 -5.53
N MET A 10 -0.26 9.39 -5.68
CA MET A 10 -1.11 10.43 -6.20
C MET A 10 -2.01 11.02 -5.12
N PHE A 11 -2.94 10.19 -4.65
CA PHE A 11 -3.87 10.61 -3.62
C PHE A 11 -4.48 9.40 -2.90
N LYS A 12 -5.34 9.70 -1.93
CA LYS A 12 -5.99 8.65 -1.17
C LYS A 12 -7.42 8.47 -1.69
N VAL A 13 -7.88 7.23 -1.61
CA VAL A 13 -9.23 6.92 -2.06
C VAL A 13 -9.92 6.03 -1.02
N GLN A 14 -11.25 6.07 -1.05
CA GLN A 14 -12.03 5.27 -0.11
C GLN A 14 -12.96 4.33 -0.87
N ALA A 15 -12.93 3.07 -0.45
CA ALA A 15 -13.77 2.07 -1.09
C ALA A 15 -15.22 2.28 -0.66
N GLN A 16 -16.12 2.14 -1.63
CA GLN A 16 -17.54 2.32 -1.39
C GLN A 16 -18.26 0.97 -1.45
N HIS A 17 -17.50 -0.06 -1.81
CA HIS A 17 -18.05 -1.39 -1.92
C HIS A 17 -17.02 -2.41 -1.42
N ASP A 18 -17.48 -3.65 -1.28
CA ASP A 18 -16.61 -4.72 -0.82
C ASP A 18 -16.39 -5.72 -1.96
N TYR A 19 -15.19 -5.63 -2.55
CA TYR A 19 -14.84 -6.51 -3.65
C TYR A 19 -13.70 -7.44 -3.26
N THR A 20 -14.05 -8.70 -3.03
CA THR A 20 -13.06 -9.69 -2.64
C THR A 20 -12.25 -10.14 -3.86
N ALA A 21 -10.97 -9.82 -3.82
CA ALA A 21 -10.07 -10.17 -4.91
C ALA A 21 -9.12 -11.27 -4.44
N THR A 22 -9.21 -12.41 -5.10
CA THR A 22 -8.37 -13.55 -4.77
C THR A 22 -7.45 -13.90 -5.94
N ASP A 23 -6.26 -13.32 -5.91
CA ASP A 23 -5.29 -13.57 -6.97
C ASP A 23 -3.88 -13.63 -6.36
N THR A 24 -2.90 -13.72 -7.24
CA THR A 24 -1.51 -13.79 -6.80
C THR A 24 -0.91 -12.38 -6.72
N ASP A 25 -1.77 -11.39 -6.91
CA ASP A 25 -1.34 -10.01 -6.87
C ASP A 25 -2.56 -9.09 -7.08
N GLU A 26 -3.51 -9.20 -6.17
CA GLU A 26 -4.71 -8.40 -6.25
C GLU A 26 -4.83 -7.50 -5.02
N LEU A 27 -5.81 -6.60 -5.07
CA LEU A 27 -6.04 -5.68 -3.97
C LEU A 27 -7.47 -5.83 -3.47
N GLN A 28 -7.57 -6.33 -2.24
CA GLN A 28 -8.88 -6.54 -1.63
C GLN A 28 -9.41 -5.22 -1.06
N LEU A 29 -10.65 -4.92 -1.41
CA LEU A 29 -11.30 -3.70 -0.94
C LEU A 29 -12.58 -4.06 -0.20
N LYS A 30 -12.84 -3.32 0.86
CA LYS A 30 -14.03 -3.55 1.67
C LYS A 30 -14.83 -2.25 1.76
N ALA A 31 -16.11 -2.36 1.44
CA ALA A 31 -17.00 -1.21 1.48
C ALA A 31 -16.59 -0.30 2.63
N GLY A 32 -15.89 0.77 2.28
CA GLY A 32 -15.44 1.73 3.27
C GLY A 32 -14.00 1.42 3.72
N ASP A 33 -13.12 1.30 2.72
CA ASP A 33 -11.73 1.01 3.00
C ASP A 33 -10.87 2.21 2.59
N VAL A 34 -9.57 2.08 2.83
CA VAL A 34 -8.64 3.14 2.49
C VAL A 34 -7.63 2.61 1.47
N VAL A 35 -7.53 3.30 0.35
CA VAL A 35 -6.62 2.92 -0.70
C VAL A 35 -5.94 4.16 -1.28
N LEU A 36 -4.63 4.08 -1.42
CA LEU A 36 -3.85 5.19 -1.95
C LEU A 36 -3.46 4.88 -3.39
N VAL A 37 -3.77 5.83 -4.27
CA VAL A 37 -3.44 5.68 -5.68
C VAL A 37 -1.95 5.92 -5.89
N ILE A 38 -1.27 4.91 -6.41
CA ILE A 38 0.15 5.01 -6.66
C ILE A 38 0.43 4.58 -8.11
N PRO A 39 1.56 5.12 -8.66
CA PRO A 39 1.96 4.81 -10.02
C PRO A 39 2.55 3.40 -10.10
N PHE A 40 1.88 2.55 -10.85
CA PHE A 40 2.32 1.17 -11.03
C PHE A 40 3.71 1.13 -11.66
N GLN A 41 4.13 -0.08 -12.00
CA GLN A 41 5.43 -0.28 -12.62
C GLN A 41 5.34 -0.05 -14.14
N ASN A 42 4.15 -0.30 -14.67
CA ASN A 42 3.92 -0.13 -16.09
C ASN A 42 2.41 -0.09 -16.36
N PRO A 43 2.03 0.70 -17.39
CA PRO A 43 0.63 0.84 -17.76
C PRO A 43 0.13 -0.41 -18.49
N GLU A 44 1.09 -1.20 -18.95
CA GLU A 44 0.77 -2.42 -19.67
C GLU A 44 0.19 -3.47 -18.71
N GLU A 45 0.53 -3.31 -17.44
CA GLU A 45 0.05 -4.23 -16.42
C GLU A 45 -1.29 -3.74 -15.85
N GLN A 46 -1.58 -2.47 -16.11
CA GLN A 46 -2.81 -1.87 -15.63
C GLN A 46 -3.96 -2.23 -16.56
N ASP A 47 -5.15 -2.28 -15.98
CA ASP A 47 -6.35 -2.62 -16.74
C ASP A 47 -7.29 -1.42 -16.75
N GLU A 48 -8.25 -1.46 -17.67
CA GLU A 48 -9.22 -0.38 -17.79
C GLU A 48 -10.28 -0.50 -16.70
N GLY A 49 -10.30 0.50 -15.83
CA GLY A 49 -11.27 0.52 -14.74
C GLY A 49 -10.61 0.13 -13.42
N TRP A 50 -9.43 -0.46 -13.54
CA TRP A 50 -8.69 -0.90 -12.37
C TRP A 50 -7.27 -0.33 -12.47
N LEU A 51 -6.78 0.17 -11.35
CA LEU A 51 -5.45 0.76 -11.29
C LEU A 51 -4.69 0.16 -10.10
N MET A 52 -3.41 0.50 -10.03
CA MET A 52 -2.57 0.02 -8.95
C MET A 52 -2.62 0.95 -7.75
N GLY A 53 -3.18 0.45 -6.66
CA GLY A 53 -3.29 1.24 -5.44
C GLY A 53 -2.80 0.43 -4.23
N VAL A 54 -2.72 1.13 -3.10
CA VAL A 54 -2.27 0.50 -1.87
C VAL A 54 -3.25 0.83 -0.75
N LYS A 55 -3.51 -0.17 0.07
CA LYS A 55 -4.44 0.00 1.19
C LYS A 55 -3.72 0.72 2.33
N GLU A 56 -4.51 1.27 3.24
CA GLU A 56 -3.97 1.99 4.38
C GLU A 56 -3.03 1.08 5.18
N SER A 57 -3.47 -0.16 5.35
CA SER A 57 -2.69 -1.13 6.10
C SER A 57 -1.37 -1.41 5.39
N ASP A 58 -1.47 -1.60 4.07
CA ASP A 58 -0.31 -1.88 3.26
C ASP A 58 0.66 -0.69 3.35
N TRP A 59 0.09 0.49 3.50
CA TRP A 59 0.88 1.70 3.59
C TRP A 59 1.92 1.50 4.71
N ASN A 60 1.44 0.98 5.83
CA ASN A 60 2.31 0.72 6.96
C ASN A 60 3.50 -0.13 6.51
N GLN A 61 3.28 -0.89 5.44
CA GLN A 61 4.32 -1.74 4.90
C GLN A 61 5.06 -1.03 3.77
N HIS A 62 4.88 0.29 3.73
CA HIS A 62 5.52 1.10 2.71
C HIS A 62 7.00 0.70 2.59
N LYS A 63 7.50 0.10 3.66
CA LYS A 63 8.89 -0.33 3.70
C LYS A 63 9.14 -1.30 2.54
N LYS A 64 8.10 -2.05 2.19
CA LYS A 64 8.20 -3.01 1.11
C LYS A 64 6.83 -3.20 0.47
N LEU A 65 6.25 -2.08 0.04
CA LEU A 65 4.94 -2.10 -0.58
C LEU A 65 5.06 -2.75 -1.96
N GLU A 66 6.22 -2.57 -2.57
CA GLU A 66 6.47 -3.12 -3.89
C GLU A 66 6.19 -4.63 -3.90
N LYS A 67 6.16 -5.19 -2.71
CA LYS A 67 5.90 -6.62 -2.56
C LYS A 67 4.51 -6.82 -1.96
N CYS A 68 3.77 -5.73 -1.87
CA CYS A 68 2.42 -5.77 -1.32
C CYS A 68 1.49 -5.01 -2.27
N ARG A 69 2.01 -4.71 -3.44
CA ARG A 69 1.24 -3.99 -4.44
C ARG A 69 0.04 -4.83 -4.90
N GLY A 70 -1.00 -4.14 -5.34
CA GLY A 70 -2.20 -4.81 -5.81
C GLY A 70 -2.96 -3.92 -6.79
N VAL A 71 -4.08 -4.45 -7.27
CA VAL A 71 -4.91 -3.73 -8.21
C VAL A 71 -6.35 -3.67 -7.69
N PHE A 72 -7.04 -2.61 -8.07
CA PHE A 72 -8.41 -2.42 -7.65
C PHE A 72 -9.17 -1.49 -8.61
N PRO A 73 -10.50 -1.74 -8.73
CA PRO A 73 -11.34 -0.94 -9.60
C PRO A 73 -11.61 0.43 -9.00
N GLU A 74 -11.11 1.45 -9.66
CA GLU A 74 -11.30 2.81 -9.20
C GLU A 74 -12.77 3.22 -9.31
N ASN A 75 -13.44 2.65 -10.31
CA ASN A 75 -14.85 2.93 -10.53
C ASN A 75 -15.67 2.31 -9.40
N PHE A 76 -14.99 1.54 -8.57
CA PHE A 76 -15.65 0.89 -7.45
C PHE A 76 -15.25 1.53 -6.12
N THR A 77 -14.42 2.55 -6.22
CA THR A 77 -13.95 3.27 -5.04
C THR A 77 -14.24 4.76 -5.18
N GLU A 78 -13.86 5.50 -4.14
CA GLU A 78 -14.07 6.94 -4.13
C GLU A 78 -12.74 7.67 -3.91
N ARG A 79 -12.53 8.70 -4.70
CA ARG A 79 -11.31 9.49 -4.60
C ARG A 79 -11.39 10.45 -3.41
N VAL A 80 -10.37 10.39 -2.57
CA VAL A 80 -10.32 11.24 -1.40
C VAL A 80 -9.19 12.26 -1.57
N PRO A 81 -9.59 13.56 -1.63
CA PRO A 81 -8.63 14.63 -1.79
C PRO A 81 -7.87 14.89 -0.48
N GLY A 1 3.46 2.28 11.73
CA GLY A 1 3.66 1.80 10.37
C GLY A 1 3.82 0.28 10.34
N ARG A 2 4.17 -0.22 9.17
CA ARG A 2 4.36 -1.65 8.99
C ARG A 2 5.85 -1.98 8.94
N LEU A 3 6.20 -3.11 9.55
CA LEU A 3 7.58 -3.56 9.57
C LEU A 3 7.85 -4.45 8.36
N ASP A 4 6.84 -5.25 8.02
CA ASP A 4 6.95 -6.16 6.89
C ASP A 4 6.92 -5.36 5.59
N LEU A 5 7.49 -5.95 4.55
CA LEU A 5 7.53 -5.30 3.26
C LEU A 5 6.61 -6.04 2.28
N PRO A 6 6.20 -5.32 1.21
CA PRO A 6 5.32 -5.89 0.21
C PRO A 6 6.08 -6.87 -0.69
N PRO A 7 5.44 -8.04 -0.95
CA PRO A 7 6.04 -9.06 -1.78
C PRO A 7 5.98 -8.66 -3.26
N GLY A 8 7.10 -8.83 -3.94
CA GLY A 8 7.19 -8.50 -5.34
C GLY A 8 7.70 -7.06 -5.54
N PHE A 9 7.53 -6.26 -4.50
CA PHE A 9 7.97 -4.88 -4.54
C PHE A 9 9.27 -4.74 -5.33
N MET A 10 9.43 -3.57 -5.94
CA MET A 10 10.62 -3.30 -6.73
C MET A 10 11.51 -2.27 -6.03
N PHE A 11 11.04 -1.03 -6.03
CA PHE A 11 11.79 0.05 -5.41
C PHE A 11 10.87 1.22 -5.06
N LYS A 12 11.46 2.26 -4.48
CA LYS A 12 10.71 3.44 -4.11
C LYS A 12 10.86 4.51 -5.19
N VAL A 13 9.85 5.34 -5.31
CA VAL A 13 9.85 6.41 -6.29
C VAL A 13 9.40 7.71 -5.63
N GLN A 14 9.68 8.81 -6.33
CA GLN A 14 9.31 10.12 -5.82
C GLN A 14 8.61 10.93 -6.91
N ALA A 15 7.36 11.29 -6.63
CA ALA A 15 6.57 12.06 -7.56
C ALA A 15 7.21 13.44 -7.75
N GLN A 16 7.02 14.00 -8.94
CA GLN A 16 7.57 15.31 -9.25
C GLN A 16 6.45 16.27 -9.66
N HIS A 17 5.24 15.73 -9.71
CA HIS A 17 4.08 16.52 -10.09
C HIS A 17 2.86 16.05 -9.30
N ASP A 18 1.79 16.83 -9.40
CA ASP A 18 0.56 16.50 -8.70
C ASP A 18 -0.48 16.03 -9.72
N TYR A 19 -0.61 14.71 -9.81
CA TYR A 19 -1.56 14.11 -10.74
C TYR A 19 -2.77 13.54 -10.00
N THR A 20 -3.88 14.27 -10.07
CA THR A 20 -5.10 13.84 -9.41
C THR A 20 -5.75 12.69 -10.19
N ALA A 21 -5.76 11.52 -9.56
CA ALA A 21 -6.35 10.35 -10.19
C ALA A 21 -7.58 9.92 -9.38
N THR A 22 -8.72 9.95 -10.06
CA THR A 22 -9.98 9.57 -9.42
C THR A 22 -10.58 8.34 -10.11
N ASP A 23 -10.28 7.18 -9.56
CA ASP A 23 -10.79 5.94 -10.11
C ASP A 23 -11.18 5.00 -8.97
N THR A 24 -11.56 3.79 -9.35
CA THR A 24 -11.97 2.79 -8.37
C THR A 24 -10.74 2.13 -7.74
N ASP A 25 -9.60 2.37 -8.38
CA ASP A 25 -8.35 1.80 -7.89
C ASP A 25 -7.17 2.58 -8.50
N GLU A 26 -7.31 3.91 -8.46
CA GLU A 26 -6.27 4.77 -9.00
C GLU A 26 -5.29 5.17 -7.89
N LEU A 27 -4.19 5.79 -8.32
CA LEU A 27 -3.17 6.21 -7.38
C LEU A 27 -2.94 7.72 -7.54
N GLN A 28 -3.27 8.45 -6.49
CA GLN A 28 -3.11 9.89 -6.50
C GLN A 28 -1.69 10.27 -6.08
N LEU A 29 -1.05 11.06 -6.92
CA LEU A 29 0.32 11.51 -6.65
C LEU A 29 0.33 13.03 -6.49
N LYS A 30 1.15 13.48 -5.56
CA LYS A 30 1.27 14.91 -5.29
C LYS A 30 2.73 15.33 -5.48
N ALA A 31 2.92 16.37 -6.27
CA ALA A 31 4.26 16.89 -6.53
C ALA A 31 5.10 16.76 -5.26
N GLY A 32 5.94 15.73 -5.24
CA GLY A 32 6.80 15.49 -4.09
C GLY A 32 6.20 14.44 -3.16
N ASP A 33 5.79 13.32 -3.76
CA ASP A 33 5.20 12.24 -3.00
C ASP A 33 6.13 11.03 -3.03
N VAL A 34 5.84 10.07 -2.17
CA VAL A 34 6.63 8.85 -2.09
C VAL A 34 5.76 7.65 -2.42
N VAL A 35 6.19 6.89 -3.43
CA VAL A 35 5.46 5.71 -3.84
C VAL A 35 6.45 4.56 -4.08
N LEU A 36 5.95 3.36 -3.87
CA LEU A 36 6.78 2.17 -4.05
C LEU A 36 6.25 1.37 -5.25
N VAL A 37 7.17 1.02 -6.13
CA VAL A 37 6.83 0.26 -7.32
C VAL A 37 6.64 -1.21 -6.95
N ILE A 38 5.45 -1.71 -7.24
CA ILE A 38 5.13 -3.10 -6.94
C ILE A 38 4.58 -3.79 -8.19
N PRO A 39 4.77 -5.13 -8.25
CA PRO A 39 4.31 -5.90 -9.38
C PRO A 39 2.79 -6.08 -9.33
N PHE A 40 2.12 -5.53 -10.35
CA PHE A 40 0.68 -5.62 -10.43
C PHE A 40 0.22 -7.07 -10.52
N GLN A 41 -1.07 -7.25 -10.75
CA GLN A 41 -1.63 -8.58 -10.86
C GLN A 41 -1.42 -9.15 -12.26
N ASN A 42 -1.35 -8.24 -13.23
CA ASN A 42 -1.15 -8.64 -14.61
C ASN A 42 -0.69 -7.43 -15.42
N PRO A 43 0.17 -7.70 -16.43
CA PRO A 43 0.69 -6.64 -17.28
C PRO A 43 -0.38 -6.18 -18.28
N GLU A 44 -1.40 -7.00 -18.44
CA GLU A 44 -2.48 -6.69 -19.35
C GLU A 44 -3.32 -5.53 -18.80
N GLU A 45 -3.31 -5.41 -17.49
CA GLU A 45 -4.07 -4.36 -16.82
C GLU A 45 -3.22 -3.08 -16.73
N GLN A 46 -1.94 -3.24 -17.00
CA GLN A 46 -1.01 -2.12 -16.96
C GLN A 46 -1.10 -1.32 -18.27
N ASP A 47 -0.88 -0.01 -18.13
CA ASP A 47 -0.92 0.88 -19.28
C ASP A 47 0.49 1.39 -19.58
N GLU A 48 0.74 1.62 -20.86
CA GLU A 48 2.04 2.11 -21.29
C GLU A 48 2.26 3.53 -20.77
N GLY A 49 3.18 3.63 -19.81
CA GLY A 49 3.50 4.91 -19.21
C GLY A 49 2.99 5.00 -17.78
N TRP A 50 2.28 3.96 -17.38
CA TRP A 50 1.73 3.90 -16.03
C TRP A 50 1.92 2.48 -15.51
N LEU A 51 2.21 2.39 -14.21
CA LEU A 51 2.42 1.11 -13.58
C LEU A 51 1.70 1.09 -12.23
N MET A 52 1.68 -0.09 -11.61
CA MET A 52 1.03 -0.25 -10.33
C MET A 52 2.01 0.02 -9.18
N GLY A 53 1.72 1.07 -8.43
CA GLY A 53 2.56 1.45 -7.31
C GLY A 53 1.72 1.72 -6.06
N VAL A 54 2.42 1.97 -4.95
CA VAL A 54 1.76 2.24 -3.70
C VAL A 54 2.46 3.40 -3.00
N LYS A 55 1.67 4.22 -2.33
CA LYS A 55 2.20 5.37 -1.61
C LYS A 55 2.80 4.90 -0.29
N GLU A 56 3.65 5.76 0.27
CA GLU A 56 4.31 5.44 1.53
C GLU A 56 3.26 5.19 2.63
N SER A 57 2.20 5.99 2.58
CA SER A 57 1.13 5.87 3.55
C SER A 57 0.44 4.51 3.40
N ASP A 58 0.16 4.16 2.15
CA ASP A 58 -0.49 2.89 1.86
C ASP A 58 0.37 1.75 2.39
N TRP A 59 1.68 1.96 2.34
CA TRP A 59 2.61 0.95 2.82
C TRP A 59 2.21 0.55 4.23
N ASN A 60 1.97 1.57 5.05
CA ASN A 60 1.58 1.34 6.44
C ASN A 60 0.19 0.70 6.46
N GLN A 61 -0.56 0.93 5.40
CA GLN A 61 -1.91 0.39 5.28
C GLN A 61 -1.86 -1.03 4.73
N HIS A 62 -0.69 -1.63 4.83
CA HIS A 62 -0.50 -2.98 4.33
C HIS A 62 -1.67 -3.86 4.77
N LYS A 63 -2.32 -3.43 5.84
CA LYS A 63 -3.46 -4.15 6.37
C LYS A 63 -4.51 -4.31 5.27
N LYS A 64 -4.53 -3.35 4.37
CA LYS A 64 -5.48 -3.36 3.27
C LYS A 64 -4.77 -2.97 1.98
N LEU A 65 -3.58 -3.51 1.80
CA LEU A 65 -2.78 -3.22 0.63
C LEU A 65 -3.56 -3.65 -0.62
N GLU A 66 -4.36 -4.69 -0.45
CA GLU A 66 -5.16 -5.20 -1.56
C GLU A 66 -6.14 -4.14 -2.05
N LYS A 67 -6.37 -3.15 -1.20
CA LYS A 67 -7.28 -2.06 -1.52
C LYS A 67 -6.49 -0.75 -1.59
N CYS A 68 -5.18 -0.88 -1.52
CA CYS A 68 -4.30 0.29 -1.57
C CYS A 68 -3.67 0.34 -2.96
N ARG A 69 -3.72 -0.79 -3.64
CA ARG A 69 -3.16 -0.89 -4.98
C ARG A 69 -3.72 0.23 -5.87
N GLY A 70 -2.83 0.79 -6.68
CA GLY A 70 -3.22 1.87 -7.58
C GLY A 70 -2.27 1.94 -8.78
N VAL A 71 -2.55 2.89 -9.66
CA VAL A 71 -1.75 3.08 -10.86
C VAL A 71 -1.26 4.53 -10.92
N PHE A 72 -0.08 4.70 -11.48
CA PHE A 72 0.51 6.01 -11.61
C PHE A 72 1.50 6.07 -12.78
N PRO A 73 1.55 7.26 -13.42
CA PRO A 73 2.44 7.45 -14.56
C PRO A 73 3.89 7.60 -14.10
N GLU A 74 4.72 6.66 -14.53
CA GLU A 74 6.12 6.67 -14.17
C GLU A 74 6.83 7.86 -14.82
N ASN A 75 6.33 8.25 -15.99
CA ASN A 75 6.90 9.35 -16.72
C ASN A 75 6.58 10.67 -15.99
N PHE A 76 5.75 10.53 -14.96
CA PHE A 76 5.35 11.69 -14.17
C PHE A 76 5.95 11.63 -12.77
N THR A 77 6.75 10.59 -12.54
CA THR A 77 7.38 10.41 -11.25
C THR A 77 8.89 10.19 -11.44
N GLU A 78 9.56 10.01 -10.31
CA GLU A 78 11.01 9.78 -10.34
C GLU A 78 11.37 8.53 -9.53
N ARG A 79 12.37 7.82 -10.02
CA ARG A 79 12.81 6.61 -9.36
C ARG A 79 13.78 6.96 -8.22
N VAL A 80 13.50 6.39 -7.06
CA VAL A 80 14.33 6.62 -5.89
C VAL A 80 15.07 5.34 -5.53
N PRO A 81 16.43 5.41 -5.64
CA PRO A 81 17.27 4.26 -5.33
C PRO A 81 17.36 4.04 -3.82
N GLY A 1 3.46 2.28 11.73
CA GLY A 1 3.66 1.80 10.37
C GLY A 1 2.69 0.67 10.04
N ARG A 2 2.49 0.46 8.75
CA ARG A 2 1.60 -0.59 8.29
C ARG A 2 2.22 -1.36 7.13
N LEU A 3 1.97 -2.66 7.12
CA LEU A 3 2.52 -3.52 6.08
C LEU A 3 1.44 -3.74 5.01
N ASP A 4 0.21 -3.83 5.46
CA ASP A 4 -0.91 -4.04 4.55
C ASP A 4 -1.18 -2.75 3.78
N LEU A 5 -1.79 -2.91 2.61
CA LEU A 5 -2.10 -1.76 1.77
C LEU A 5 -3.60 -1.47 1.87
N PRO A 6 -3.96 -0.20 1.53
CA PRO A 6 -5.35 0.22 1.58
C PRO A 6 -6.15 -0.36 0.40
N PRO A 7 -7.35 -0.88 0.73
CA PRO A 7 -8.22 -1.46 -0.29
C PRO A 7 -8.87 -0.37 -1.15
N GLY A 8 -8.92 -0.64 -2.45
CA GLY A 8 -9.50 0.31 -3.38
C GLY A 8 -8.46 1.30 -3.89
N PHE A 9 -7.40 1.45 -3.11
CA PHE A 9 -6.33 2.37 -3.47
C PHE A 9 -6.10 2.36 -4.99
N MET A 10 -5.59 3.49 -5.47
CA MET A 10 -5.31 3.64 -6.89
C MET A 10 -3.81 3.76 -7.15
N PHE A 11 -3.27 4.90 -6.76
CA PHE A 11 -1.85 5.15 -6.94
C PHE A 11 -1.36 6.25 -5.99
N LYS A 12 -0.06 6.49 -6.04
CA LYS A 12 0.54 7.51 -5.19
C LYS A 12 0.63 8.83 -5.96
N VAL A 13 0.55 9.92 -5.22
CA VAL A 13 0.63 11.24 -5.82
C VAL A 13 1.62 12.10 -5.04
N GLN A 14 1.99 13.22 -5.64
CA GLN A 14 2.93 14.13 -5.01
C GLN A 14 2.42 15.57 -5.09
N ALA A 15 2.31 16.21 -3.94
CA ALA A 15 1.84 17.57 -3.87
C ALA A 15 2.91 18.51 -4.45
N GLN A 16 2.44 19.56 -5.11
CA GLN A 16 3.33 20.52 -5.71
C GLN A 16 3.16 21.89 -5.04
N HIS A 17 2.22 21.94 -4.11
CA HIS A 17 1.95 23.18 -3.40
C HIS A 17 1.48 22.85 -1.98
N ASP A 18 1.41 23.90 -1.16
CA ASP A 18 0.99 23.73 0.22
C ASP A 18 -0.45 24.25 0.37
N TYR A 19 -1.38 23.31 0.44
CA TYR A 19 -2.78 23.65 0.59
C TYR A 19 -3.29 23.32 1.99
N THR A 20 -3.43 24.35 2.81
CA THR A 20 -3.91 24.17 4.16
C THR A 20 -5.42 23.94 4.18
N ALA A 21 -5.80 22.73 4.57
CA ALA A 21 -7.20 22.36 4.63
C ALA A 21 -7.60 22.14 6.09
N THR A 22 -8.53 22.96 6.54
CA THR A 22 -9.02 22.87 7.91
C THR A 22 -10.51 22.51 7.94
N ASP A 23 -10.78 21.22 8.06
CA ASP A 23 -12.14 20.74 8.10
C ASP A 23 -12.27 19.62 9.13
N THR A 24 -13.45 19.03 9.19
CA THR A 24 -13.70 17.96 10.13
C THR A 24 -13.22 16.62 9.54
N ASP A 25 -12.67 16.70 8.35
CA ASP A 25 -12.17 15.52 7.67
C ASP A 25 -11.47 15.93 6.37
N GLU A 26 -10.68 16.99 6.47
CA GLU A 26 -9.96 17.49 5.32
C GLU A 26 -8.57 16.84 5.23
N LEU A 27 -7.91 17.08 4.11
CA LEU A 27 -6.58 16.54 3.90
C LEU A 27 -5.61 17.69 3.64
N GLN A 28 -4.66 17.84 4.57
CA GLN A 28 -3.67 18.89 4.46
C GLN A 28 -2.47 18.39 3.65
N LEU A 29 -2.05 19.22 2.71
CA LEU A 29 -0.92 18.88 1.85
C LEU A 29 0.11 20.01 1.92
N LYS A 30 1.37 19.63 1.71
CA LYS A 30 2.45 20.59 1.74
C LYS A 30 3.30 20.45 0.47
N ALA A 31 3.61 21.58 -0.13
CA ALA A 31 4.41 21.60 -1.34
C ALA A 31 5.50 20.52 -1.25
N GLY A 32 5.22 19.39 -1.87
CA GLY A 32 6.16 18.28 -1.85
C GLY A 32 5.74 17.22 -0.84
N ASP A 33 4.48 16.84 -0.91
CA ASP A 33 3.95 15.83 0.01
C ASP A 33 3.61 14.57 -0.79
N VAL A 34 3.34 13.50 -0.04
CA VAL A 34 2.99 12.23 -0.66
C VAL A 34 1.59 11.82 -0.22
N VAL A 35 0.74 11.62 -1.23
CA VAL A 35 -0.63 11.22 -0.97
C VAL A 35 -1.02 10.06 -1.89
N LEU A 36 -1.87 9.19 -1.38
CA LEU A 36 -2.31 8.04 -2.15
C LEU A 36 -3.78 8.21 -2.50
N VAL A 37 -4.08 8.03 -3.78
CA VAL A 37 -5.45 8.16 -4.26
C VAL A 37 -6.24 6.91 -3.90
N ILE A 38 -7.31 7.11 -3.15
CA ILE A 38 -8.15 6.00 -2.73
C ILE A 38 -9.61 6.33 -3.05
N PRO A 39 -10.41 5.24 -3.26
CA PRO A 39 -11.82 5.40 -3.58
C PRO A 39 -12.62 5.80 -2.35
N PHE A 40 -13.19 6.99 -2.42
CA PHE A 40 -14.00 7.50 -1.31
C PHE A 40 -15.18 6.59 -1.02
N GLN A 41 -16.04 7.05 -0.13
CA GLN A 41 -17.23 6.28 0.24
C GLN A 41 -18.32 6.45 -0.81
N ASN A 42 -18.21 7.54 -1.56
CA ASN A 42 -19.18 7.83 -2.61
C ASN A 42 -18.72 9.05 -3.40
N PRO A 43 -19.08 9.05 -4.71
CA PRO A 43 -18.71 10.15 -5.58
C PRO A 43 -19.58 11.38 -5.32
N GLU A 44 -20.68 11.15 -4.63
CA GLU A 44 -21.61 12.22 -4.31
C GLU A 44 -21.01 13.11 -3.21
N GLU A 45 -20.02 12.57 -2.53
CA GLU A 45 -19.36 13.29 -1.46
C GLU A 45 -18.10 13.99 -1.97
N GLN A 46 -17.73 13.63 -3.19
CA GLN A 46 -16.56 14.21 -3.82
C GLN A 46 -16.94 15.44 -4.64
N ASP A 47 -15.98 16.35 -4.78
CA ASP A 47 -16.20 17.57 -5.54
C ASP A 47 -15.38 17.52 -6.82
N GLU A 48 -15.66 18.48 -7.70
CA GLU A 48 -14.95 18.56 -8.96
C GLU A 48 -13.61 19.27 -8.79
N GLY A 49 -12.54 18.52 -9.00
CA GLY A 49 -11.20 19.06 -8.86
C GLY A 49 -10.52 18.53 -7.60
N TRP A 50 -11.33 18.02 -6.70
CA TRP A 50 -10.83 17.47 -5.45
C TRP A 50 -11.32 16.02 -5.34
N LEU A 51 -10.45 15.18 -4.79
CA LEU A 51 -10.78 13.78 -4.61
C LEU A 51 -10.36 13.33 -3.21
N MET A 52 -10.74 12.11 -2.86
CA MET A 52 -10.40 11.55 -1.56
C MET A 52 -9.08 10.79 -1.63
N GLY A 53 -8.09 11.33 -0.92
CA GLY A 53 -6.78 10.72 -0.88
C GLY A 53 -6.27 10.60 0.56
N VAL A 54 -5.13 9.93 0.70
CA VAL A 54 -4.53 9.74 2.01
C VAL A 54 -3.03 10.04 1.92
N LYS A 55 -2.52 10.65 2.99
CA LYS A 55 -1.11 10.99 3.04
C LYS A 55 -0.29 9.74 3.40
N GLU A 56 0.99 9.80 3.10
CA GLU A 56 1.88 8.69 3.37
C GLU A 56 1.87 8.35 4.86
N SER A 57 1.77 9.40 5.67
CA SER A 57 1.75 9.23 7.11
C SER A 57 0.48 8.49 7.53
N ASP A 58 -0.63 8.88 6.92
CA ASP A 58 -1.91 8.26 7.23
C ASP A 58 -1.84 6.77 6.89
N TRP A 59 -1.07 6.46 5.88
CA TRP A 59 -0.90 5.08 5.46
C TRP A 59 -0.49 4.26 6.67
N ASN A 60 0.50 4.77 7.40
CA ASN A 60 0.98 4.10 8.59
C ASN A 60 -0.11 4.11 9.66
N GLN A 61 -0.98 5.10 9.55
CA GLN A 61 -2.07 5.24 10.51
C GLN A 61 -3.28 4.40 10.07
N HIS A 62 -2.99 3.43 9.21
CA HIS A 62 -4.03 2.55 8.70
C HIS A 62 -4.93 2.10 9.87
N LYS A 63 -4.37 2.15 11.06
CA LYS A 63 -5.10 1.75 12.25
C LYS A 63 -6.36 2.60 12.36
N LYS A 64 -6.27 3.83 11.86
CA LYS A 64 -7.40 4.73 11.90
C LYS A 64 -7.49 5.49 10.57
N LEU A 65 -7.46 4.71 9.49
CA LEU A 65 -7.54 5.28 8.16
C LEU A 65 -8.92 5.91 7.94
N GLU A 66 -9.91 5.28 8.57
CA GLU A 66 -11.28 5.75 8.47
C GLU A 66 -11.41 7.14 9.10
N LYS A 67 -10.48 7.45 9.98
CA LYS A 67 -10.48 8.74 10.65
C LYS A 67 -9.29 9.57 10.15
N CYS A 68 -8.61 9.03 9.14
CA CYS A 68 -7.45 9.71 8.58
C CYS A 68 -7.82 10.18 7.17
N ARG A 69 -8.97 9.70 6.69
CA ARG A 69 -9.43 10.06 5.37
C ARG A 69 -9.59 11.58 5.25
N GLY A 70 -9.36 12.07 4.04
CA GLY A 70 -9.46 13.49 3.78
C GLY A 70 -9.65 13.77 2.29
N VAL A 71 -9.76 15.05 1.96
CA VAL A 71 -9.94 15.46 0.58
C VAL A 71 -8.82 16.43 0.19
N PHE A 72 -8.48 16.40 -1.09
CA PHE A 72 -7.43 17.27 -1.61
C PHE A 72 -7.63 17.54 -3.10
N PRO A 73 -7.22 18.77 -3.52
CA PRO A 73 -7.35 19.17 -4.90
C PRO A 73 -6.28 18.50 -5.76
N GLU A 74 -6.75 17.66 -6.69
CA GLU A 74 -5.86 16.95 -7.58
C GLU A 74 -5.16 17.93 -8.52
N ASN A 75 -5.86 19.01 -8.82
CA ASN A 75 -5.32 20.03 -9.70
C ASN A 75 -4.20 20.79 -8.99
N PHE A 76 -4.04 20.47 -7.71
CA PHE A 76 -3.03 21.12 -6.90
C PHE A 76 -1.91 20.13 -6.54
N THR A 77 -2.06 18.92 -7.06
CA THR A 77 -1.07 17.88 -6.80
C THR A 77 -0.61 17.24 -8.11
N GLU A 78 0.28 16.27 -7.98
CA GLU A 78 0.80 15.57 -9.15
C GLU A 78 0.80 14.06 -8.90
N ARG A 79 0.71 13.32 -10.00
CA ARG A 79 0.70 11.87 -9.91
C ARG A 79 2.12 11.32 -9.98
N VAL A 80 2.38 10.31 -9.15
CA VAL A 80 3.70 9.70 -9.10
C VAL A 80 3.63 8.32 -9.78
N PRO A 81 4.59 8.10 -10.71
CA PRO A 81 4.65 6.84 -11.44
C PRO A 81 5.21 5.72 -10.55
#